data_8S7O
#
_entry.id   8S7O
#
_cell.length_a   1.00
_cell.length_b   1.00
_cell.length_c   1.00
_cell.angle_alpha   90.00
_cell.angle_beta   90.00
_cell.angle_gamma   90.00
#
_symmetry.space_group_name_H-M   'P 1'
#
loop_
_entity.id
_entity.type
_entity.pdbx_description
1 polymer 'DNA gyrase subunit A'
2 polymer 'DNA gyrase subunit B'
3 polymer "DNA (5'-D(*CP*CP*GP*GP*AP*AP*GP*GP*GP*GP*TP*AP*AP*TP*AP*CP*T)-3')"
4 polymer "DNA (5'-D(*CP*CP*GP*GP*AP*AP*GP*GP*GP*GP*TP*AP*AP*TP*AP*CP*T)-3')"
5 non-polymer 6-[[2-[1-(6-methoxy-1,5-naphthyridin-4-yl)-1,2,3-triazol-4-yl]ethylamino]methyl]-4H-1,4-benzothiazin-3-one
#
loop_
_entity_poly.entity_id
_entity_poly.type
_entity_poly.pdbx_seq_one_letter_code
_entity_poly.pdbx_strand_id
1 'polypeptide(L)'
;TDTTLPPDDSLDRIEPVDIEQEMQRSYIDYAMSVIVGRALPEVRDGLKPVHRRVLYAMFDSGFRPDRSHAKSARSVAETM
GNYHPHGDASIYDSLVRMAQPWSLRYPLVDGQGNFGSPGNDPPAAMRYTEARLTPLAMEMLREIDEETVDFIPNYDGRVQ
EPTVLPSRFPNLLANGSGGIAVGMATNIPPHNLRELADAVFWALENHDADEEETLAAVMGRVKGPDFPTAGLIVGSQGTA
DAYKTGRGSIRMRGVVEVEEDSRGRTSLVITELPYQVNHDNFITSIAEQVRDGKLAGISNIEDQSSDRVGLRIVIEIKRD
AVAKVVINNLYKHTQLQTSFGANMLAIVDGVPRTLRLDQLIRYYVDHQLDVIVRRTTYRLRKANERAHILRGLVKALDAL
DEVIALIRASETVDIARAGLIELLDIDEIQAQAILDMQLRRLAALERQRIIDDLAKIEAEIADLEDILAKPERQRGIVRD
ELAEIVDRHGDDRRTRIIAIDGDVSDEDLIAREDVVVTITETGYAKRTKTDLYRSQKRGGKGVQGAGLKQDDIVAHFFVC
STHDLILFFTTQGRVYRAKAYDLPEASRTARGQHVANLLAFQPEERIAQVIQIRGYTDAPYLVLATRNGLVKKSKLTDFD
SNRSGGIVAVNLRDNDELVGAVLCSAGDDLLLVSANGQSIRFSATDEALRPMGRATSGVQGMRFNIDDRLLSLNVVREGT
YLLVATSGGYAKRTAIEEYPVQGRGGKGVLTVMYDRRRGRLVGALIVDDDSELYAVTSGGGVIRTAARQVRKAGRQTKGV
RLMNLGEGDTLLAIARNAEESGDDNAVDANGADQTGN
;
A,C
2 'polypeptide(L)'
;GAMVAAQKKKAQDEYGAASITILEGLEAVRKRPGMYIGSTGERGLHHLIWEVVDNAVDEAMAGYATTVNVVLLEDGGVEV
ADDGRGIPVATHASGIPTVDVVMTQLHAGGKFDSDAYAISGGLHGVGVSVVNALSTRLEVEIKRDGYEWSQVYEKSEPLG
LKQGAPTKKTGSTVRFWADPAVFETTEYDFETVARRLQEMAFLNKGLTINLTDERVTQDEVVDEVVSDVAEAPKSASERA
AESTAPHKVKSRTFHYPGGLVDFVKHINRTKNAIHSSIVDFSGKGTGHEVEIAMQWNAGYSESVHTFANTINTHEGGTHE
EGFRSALTSVVNKYAKDRKLLKDKDPNLTGDDIREGLAAVISVKVSEPQFEGQTKTKLGNTEVKSFVQKVCNEQLTHWFE
ANPTDAKVVVNKAVSSAQARIAARKARELVRRKSATDIGGLPGKLADCRSTDPRKSELYVVEGDSAGGSAKSGRDSMFQA
ILPLRGKIINVEKARIDRVLKNTEVQAIITALGTGIHDEFDIGKLRYHKIVLMADADVDGQHISTLLLTLLFRFMRPLIE
NGHVFLAQPPLYKLKWQRSDPEFAYSDRERDGLLEAGLKAGKKINKEDGIQRYKGLGEMDAKELWETTMDPSVRVLRQVT
LDDAAAADELFSILMGEDVDARRSFITRNAKDVRFLDV
;
B,D
3 'polydeoxyribonucleotide'
;(DG)(DT)(DA)(DC)(DC)(DG)(DG)(DA)(DC)(DG)(DT)(DT)(DG)(DC)(DG)(DC)(DC)(DC)(DG)(DT)
(DA)(DG)(DG)(DG)(DC)(DT)(DA)(DC)(DG)(DG)(DC)(DG)(DG)(DC)(DC)(DT)(DT)(DC)(DG)(DC)
(DT)(DC)(DT)(DT)(DC)(DT)(DT)(DA)(DG)(DT)(DA)(DT)(DT)(DA)(DC)(DC)(DC)(DC)(DT)(DT)
(DC)(DC)(DG)(DG)(DT)(DA)(DG)(DG)(DT)(DC)(DG)(DG)(DA)(DG)(DC)(DG)(DC)(DA)(DG)(DC)
(DG)(DC)(DT)(DT)(DG)(DC)(DG)(DG)(DT)(DC)(DG)(DT)(DT)(DC)(DT)(DG)(DC)(DA)(DT)(DC)
(DG)(DG)(DG)(DT)(DC)(DG)(DC)(DG)(DC)(DA)(DG)(DC)(DC)(DG)(DG)(DC)(DG)(DG)(DT)(DA)
(DC)(DG)(DG)(DC)(DC)(DG)(DC)(DT)(DA)(DT)(DT)(DA)(DC)(DC)(DG)(DG)(DA)(DC)(DG)(DA)
(DA)(DG)(DA)(DG)(DC)(DG)(DG)(DC)(DT)(DT)
;
E
4 'polydeoxyribonucleotide'
;(DA)(DA)(DG)(DC)(DC)(DG)(DC)(DT)(DC)(DT)(DT)(DC)(DG)(DT)(DC)(DC)(DG)(DG)(DT)(DA)
(DA)(DT)(DA)(DG)(DC)(DG)(DG)(DC)(DC)(DG)(DT)(DA)(DC)(DC)(DG)(DC)(DC)(DG)(DG)(DC)
(DT)(DG)(DC)(DG)(DC)(DG)(DA)(DC)(DC)(DC)(DG)(DA)(DT)(DG)(DC)(DA)(DG)(DA)(DA)(DC)
(DG)(DA)(DC)(DC)(DG)(DC)(DA)(DA)(DG)(DC)(DG)(DC)(DT)(DG)(DC)(DG)(DC)(DT)(DC)(DC)
(DG)(DA)(DC)(DC)(DT)(DA)(DC)(DC)(DG)(DG)(DA)(DA)(DG)(DG)(DG)(DG)(DT)(DA)(DA)(DT)
(DA)(DC)(DT)(DA)(DA)(DG)(DA)(DA)(DG)(DA)(DG)(DC)(DG)(DA)(DA)(DG)(DG)(DC)(DC)(DG)
(DC)(DC)(DG)(DT)(DA)(DG)(DC)(DC)(DC)(DT)(DA)(DC)(DG)(DG)(DG)(DC)(DG)(DC)(DA)(DA)
(DC)(DG)(DT)(DC)(DC)(DG)(DG)(DT)(DA)(DC)
;
F
#
# COMPACT_ATOMS: atom_id res chain seq x y z
N ILE A 14 17.62 36.10 16.07
CA ILE A 14 17.87 34.74 15.61
C ILE A 14 18.68 34.06 16.71
N GLU A 15 18.65 32.73 16.78
CA GLU A 15 19.42 32.04 17.80
C GLU A 15 20.44 31.10 17.16
N PRO A 16 21.73 31.23 17.49
CA PRO A 16 22.72 30.33 16.92
C PRO A 16 22.71 28.96 17.59
N VAL A 17 23.26 27.97 16.89
CA VAL A 17 23.51 26.65 17.45
C VAL A 17 24.94 26.25 17.09
N ASP A 18 25.65 25.69 18.06
CA ASP A 18 27.02 25.25 17.80
C ASP A 18 27.02 24.05 16.86
N ILE A 19 28.02 24.01 15.98
CA ILE A 19 28.10 22.93 15.00
C ILE A 19 28.31 21.60 15.69
N GLU A 20 29.23 21.55 16.66
CA GLU A 20 29.54 20.29 17.32
C GLU A 20 28.36 19.80 18.17
N GLN A 21 27.68 20.73 18.85
CA GLN A 21 26.58 20.34 19.74
C GLN A 21 25.43 19.74 18.93
N GLU A 22 24.99 20.43 17.88
CA GLU A 22 23.93 19.89 17.03
C GLU A 22 24.37 18.61 16.34
N MET A 23 25.62 18.57 15.87
CA MET A 23 26.13 17.37 15.22
C MET A 23 26.03 16.16 16.14
N GLN A 24 26.68 16.25 17.30
CA GLN A 24 26.67 15.11 18.24
C GLN A 24 25.22 14.75 18.54
N ARG A 25 24.44 15.73 19.02
CA ARG A 25 23.03 15.47 19.39
C ARG A 25 22.33 14.67 18.28
N SER A 26 22.18 15.27 17.09
CA SER A 26 21.44 14.60 16.02
C SER A 26 22.00 13.20 15.76
N TYR A 27 23.32 13.06 15.73
CA TYR A 27 23.88 11.75 15.43
C TYR A 27 23.65 10.75 16.56
N ILE A 28 23.72 11.21 17.82
CA ILE A 28 23.44 10.34 18.95
C ILE A 28 21.97 9.92 18.97
N ASP A 29 21.07 10.84 18.65
CA ASP A 29 19.66 10.47 18.58
C ASP A 29 19.41 9.43 17.49
N TYR A 30 19.98 9.66 16.30
CA TYR A 30 19.82 8.68 15.22
C TYR A 30 20.43 7.34 15.60
N ALA A 31 21.62 7.37 16.22
CA ALA A 31 22.31 6.13 16.59
C ALA A 31 21.52 5.35 17.63
N MET A 32 21.02 6.03 18.66
CA MET A 32 20.24 5.35 19.69
C MET A 32 18.96 4.77 19.11
N SER A 33 18.29 5.52 18.22
CA SER A 33 17.09 4.99 17.59
C SER A 33 17.40 3.76 16.75
N VAL A 34 18.48 3.80 15.97
CA VAL A 34 18.82 2.67 15.11
C VAL A 34 19.25 1.47 15.94
N ILE A 35 19.92 1.71 17.06
CA ILE A 35 20.35 0.60 17.92
C ILE A 35 19.12 -0.05 18.57
N VAL A 36 18.34 0.75 19.31
CA VAL A 36 17.27 0.18 20.12
C VAL A 36 16.14 -0.36 19.25
N GLY A 37 15.71 0.42 18.25
CA GLY A 37 14.49 0.06 17.55
C GLY A 37 14.55 -0.12 16.05
N ARG A 38 15.73 -0.42 15.51
CA ARG A 38 15.86 -0.64 14.07
C ARG A 38 16.35 -2.04 13.73
N ALA A 39 17.48 -2.47 14.28
CA ALA A 39 18.13 -3.67 13.78
C ALA A 39 18.44 -4.72 14.84
N LEU A 40 18.78 -4.31 16.05
CA LEU A 40 19.12 -5.28 17.08
C LEU A 40 17.86 -6.00 17.57
N PRO A 41 17.92 -7.31 17.77
CA PRO A 41 16.74 -8.05 18.20
C PRO A 41 16.48 -7.90 19.70
N GLU A 42 15.30 -8.35 20.10
CA GLU A 42 14.88 -8.34 21.50
C GLU A 42 15.15 -9.71 22.10
N VAL A 43 15.77 -9.73 23.29
CA VAL A 43 16.15 -11.01 23.90
C VAL A 43 14.91 -11.83 24.25
N ARG A 44 13.83 -11.15 24.65
CA ARG A 44 12.63 -11.87 25.07
C ARG A 44 11.89 -12.43 23.87
N ASP A 45 11.80 -11.67 22.78
CA ASP A 45 11.02 -12.07 21.61
C ASP A 45 11.85 -12.49 20.42
N GLY A 46 13.09 -12.01 20.30
CA GLY A 46 13.91 -12.37 19.16
C GLY A 46 13.53 -11.68 17.88
N LEU A 47 12.78 -10.58 17.97
CA LEU A 47 12.26 -9.89 16.79
C LEU A 47 12.66 -8.43 16.81
N LYS A 48 12.97 -7.90 15.64
CA LYS A 48 13.16 -6.47 15.48
C LYS A 48 11.81 -5.78 15.44
N PRO A 49 11.77 -4.49 15.78
CA PRO A 49 10.47 -3.78 15.85
C PRO A 49 9.65 -3.87 14.57
N VAL A 50 10.30 -3.88 13.41
CA VAL A 50 9.57 -4.01 12.15
C VAL A 50 8.88 -5.37 12.08
N HIS A 51 9.59 -6.42 12.44
CA HIS A 51 9.00 -7.76 12.43
C HIS A 51 7.86 -7.87 13.43
N ARG A 52 8.06 -7.31 14.63
CA ARG A 52 7.01 -7.32 15.64
C ARG A 52 5.75 -6.62 15.14
N ARG A 53 5.93 -5.43 14.55
CA ARG A 53 4.78 -4.68 14.06
C ARG A 53 4.07 -5.38 12.92
N VAL A 54 4.83 -5.96 11.98
CA VAL A 54 4.21 -6.67 10.86
C VAL A 54 3.43 -7.87 11.38
N LEU A 55 4.03 -8.63 12.30
CA LEU A 55 3.35 -9.82 12.83
C LEU A 55 2.08 -9.43 13.57
N TYR A 56 2.15 -8.38 14.40
CA TYR A 56 0.96 -7.97 15.14
C TYR A 56 -0.14 -7.46 14.20
N ALA A 57 0.24 -6.72 13.16
CA ALA A 57 -0.76 -6.25 12.22
C ALA A 57 -1.43 -7.41 11.50
N MET A 58 -0.65 -8.38 11.05
CA MET A 58 -1.22 -9.54 10.37
C MET A 58 -2.12 -10.34 11.30
N PHE A 59 -1.75 -10.44 12.58
CA PHE A 59 -2.58 -11.16 13.55
C PHE A 59 -3.87 -10.40 13.83
N ASP A 60 -3.74 -9.11 14.13
CA ASP A 60 -4.93 -8.29 14.44
C ASP A 60 -5.84 -8.25 13.21
N SER A 61 -5.25 -8.32 12.02
CA SER A 61 -6.05 -8.23 10.77
C SER A 61 -6.64 -9.60 10.42
N GLY A 62 -6.43 -10.60 11.29
CA GLY A 62 -7.05 -11.93 11.07
C GLY A 62 -6.34 -12.77 10.03
N PHE A 63 -5.32 -12.23 9.35
CA PHE A 63 -4.57 -13.08 8.42
C PHE A 63 -3.89 -14.17 9.24
N ARG A 64 -4.63 -15.25 9.47
CA ARG A 64 -4.23 -16.35 10.32
C ARG A 64 -4.43 -17.66 9.58
N PRO A 65 -3.76 -18.73 10.00
CA PRO A 65 -3.79 -19.97 9.19
C PRO A 65 -5.19 -20.52 8.96
N ASP A 66 -6.14 -20.27 9.85
CA ASP A 66 -7.52 -20.69 9.60
C ASP A 66 -8.10 -19.96 8.39
N ARG A 67 -7.85 -18.66 8.29
CA ARG A 67 -8.32 -17.85 7.18
C ARG A 67 -7.38 -17.97 5.98
N SER A 68 -7.89 -17.57 4.82
CA SER A 68 -7.09 -17.60 3.60
C SER A 68 -6.06 -16.47 3.62
N HIS A 69 -5.12 -16.53 2.67
CA HIS A 69 -4.07 -15.52 2.59
C HIS A 69 -4.66 -14.17 2.20
N ALA A 70 -3.93 -13.11 2.53
CA ALA A 70 -4.31 -11.75 2.17
C ALA A 70 -3.15 -11.07 1.47
N LYS A 71 -3.48 -10.14 0.57
CA LYS A 71 -2.46 -9.46 -0.22
C LYS A 71 -1.47 -8.76 0.68
N SER A 72 -0.17 -8.94 0.37
CA SER A 72 0.88 -8.34 1.18
C SER A 72 0.80 -6.82 1.17
N ALA A 73 0.26 -6.24 0.10
CA ALA A 73 0.12 -4.79 0.04
C ALA A 73 -0.78 -4.27 1.16
N ARG A 74 -1.87 -4.99 1.42
CA ARG A 74 -2.79 -4.59 2.49
C ARG A 74 -2.08 -4.59 3.84
N SER A 75 -1.37 -5.68 4.16
CA SER A 75 -0.70 -5.78 5.45
C SER A 75 0.42 -4.74 5.58
N VAL A 76 1.16 -4.49 4.51
CA VAL A 76 2.18 -3.44 4.53
C VAL A 76 1.52 -2.09 4.78
N ALA A 77 0.36 -1.85 4.18
CA ALA A 77 -0.33 -0.58 4.39
C ALA A 77 -0.81 -0.42 5.82
N GLU A 78 -1.31 -1.49 6.43
CA GLU A 78 -1.67 -1.42 7.85
C GLU A 78 -0.45 -1.14 8.71
N THR A 79 0.65 -1.85 8.46
CA THR A 79 1.85 -1.62 9.25
C THR A 79 2.32 -0.17 9.11
N MET A 80 2.20 0.39 7.91
CA MET A 80 2.64 1.76 7.70
C MET A 80 1.68 2.76 8.34
N GLY A 81 0.38 2.56 8.17
CA GLY A 81 -0.59 3.53 8.66
C GLY A 81 -0.71 3.55 10.17
N ASN A 82 -0.81 2.38 10.80
CA ASN A 82 -1.01 2.32 12.25
C ASN A 82 0.29 2.22 13.04
N TYR A 83 1.24 1.37 12.62
CA TYR A 83 2.35 1.00 13.48
C TYR A 83 3.70 1.56 13.01
N HIS A 84 4.10 1.30 11.77
CA HIS A 84 5.47 1.58 11.33
C HIS A 84 5.51 2.78 10.42
N PRO A 85 6.01 3.94 10.85
CA PRO A 85 6.00 5.14 10.01
C PRO A 85 7.22 5.23 9.10
N HIS A 86 7.40 4.24 8.25
CA HIS A 86 8.58 4.15 7.39
C HIS A 86 8.16 3.70 6.00
N GLY A 87 9.14 3.57 5.12
CA GLY A 87 8.86 3.29 3.73
C GLY A 87 8.25 1.91 3.54
N ASP A 88 7.49 1.77 2.46
CA ASP A 88 6.83 0.50 2.16
C ASP A 88 7.83 -0.57 1.75
N ALA A 89 8.94 -0.17 1.11
CA ALA A 89 9.91 -1.15 0.65
C ALA A 89 10.57 -1.88 1.82
N SER A 90 10.90 -1.15 2.88
CA SER A 90 11.51 -1.78 4.07
C SER A 90 10.56 -2.78 4.70
N ILE A 91 9.29 -2.38 4.89
CA ILE A 91 8.32 -3.27 5.51
C ILE A 91 8.11 -4.50 4.64
N TYR A 92 7.99 -4.31 3.33
CA TYR A 92 7.76 -5.44 2.45
C TYR A 92 8.95 -6.39 2.42
N ASP A 93 10.17 -5.86 2.39
CA ASP A 93 11.33 -6.74 2.33
C ASP A 93 11.51 -7.49 3.64
N SER A 94 11.18 -6.85 4.77
CA SER A 94 11.19 -7.56 6.04
C SER A 94 10.17 -8.69 6.05
N LEU A 95 8.96 -8.44 5.53
CA LEU A 95 7.94 -9.49 5.47
C LEU A 95 8.42 -10.64 4.59
N VAL A 96 9.00 -10.32 3.44
CA VAL A 96 9.46 -11.36 2.53
C VAL A 96 10.58 -12.18 3.16
N ARG A 97 11.48 -11.51 3.89
CA ARG A 97 12.53 -12.24 4.59
C ARG A 97 11.96 -13.15 5.65
N MET A 98 10.95 -12.68 6.39
CA MET A 98 10.28 -13.53 7.37
C MET A 98 9.54 -14.69 6.70
N ALA A 99 9.24 -14.59 5.42
CA ALA A 99 8.56 -15.66 4.69
C ALA A 99 9.53 -16.52 3.87
N GLN A 100 10.83 -16.45 4.15
CA GLN A 100 11.84 -17.12 3.32
C GLN A 100 12.36 -18.36 4.01
N PRO A 101 12.15 -19.55 3.45
CA PRO A 101 12.66 -20.78 4.10
C PRO A 101 14.17 -20.84 4.22
N TRP A 102 14.90 -20.31 3.25
CA TRP A 102 16.37 -20.37 3.28
C TRP A 102 16.98 -19.31 4.18
N SER A 103 16.22 -18.31 4.58
CA SER A 103 16.72 -17.27 5.48
C SER A 103 16.27 -17.46 6.91
N LEU A 104 15.22 -18.26 7.14
CA LEU A 104 14.68 -18.50 8.46
C LEU A 104 14.61 -19.99 8.72
N ARG A 105 15.12 -20.42 9.88
CA ARG A 105 15.02 -21.83 10.25
C ARG A 105 13.57 -22.23 10.46
N TYR A 106 12.79 -21.38 11.13
CA TYR A 106 11.35 -21.55 11.27
C TYR A 106 10.66 -20.29 10.77
N PRO A 107 10.15 -20.29 9.54
CA PRO A 107 9.53 -19.07 9.00
C PRO A 107 8.33 -18.64 9.83
N LEU A 108 8.15 -17.31 9.95
CA LEU A 108 7.06 -16.75 10.72
C LEU A 108 5.84 -16.39 9.87
N VAL A 109 6.02 -16.28 8.55
CA VAL A 109 4.95 -15.88 7.65
C VAL A 109 4.80 -16.94 6.57
N ASP A 110 3.55 -17.32 6.30
CA ASP A 110 3.23 -18.24 5.21
C ASP A 110 2.88 -17.39 3.99
N GLY A 111 3.78 -17.36 3.01
CA GLY A 111 3.61 -16.55 1.84
C GLY A 111 3.17 -17.33 0.62
N GLN A 112 2.67 -16.60 -0.37
CA GLN A 112 2.24 -17.18 -1.64
C GLN A 112 2.55 -16.20 -2.75
N GLY A 113 3.19 -16.69 -3.80
CA GLY A 113 3.63 -15.85 -4.89
C GLY A 113 5.10 -16.06 -5.21
N ASN A 114 5.80 -14.99 -5.57
CA ASN A 114 7.24 -15.02 -5.81
C ASN A 114 7.91 -14.29 -4.65
N PHE A 115 8.26 -15.03 -3.61
CA PHE A 115 8.88 -14.45 -2.43
C PHE A 115 10.39 -14.49 -2.48
N GLY A 116 10.98 -14.66 -3.65
CA GLY A 116 12.41 -14.56 -3.84
C GLY A 116 13.04 -15.91 -4.15
N SER A 117 14.35 -15.87 -4.31
CA SER A 117 15.18 -17.04 -4.54
C SER A 117 16.45 -16.88 -3.72
N PRO A 118 17.15 -17.97 -3.42
CA PRO A 118 18.43 -17.83 -2.71
C PRO A 118 19.47 -17.02 -3.46
N GLY A 119 19.35 -16.90 -4.78
CA GLY A 119 20.30 -16.17 -5.58
C GLY A 119 20.02 -14.69 -5.71
N ASN A 120 19.97 -14.20 -6.95
CA ASN A 120 19.84 -12.78 -7.23
C ASN A 120 18.43 -12.37 -7.65
N ASP A 121 17.50 -13.31 -7.74
CA ASP A 121 16.14 -12.97 -8.12
C ASP A 121 15.48 -12.14 -7.03
N PRO A 122 14.78 -11.06 -7.36
CA PRO A 122 14.11 -10.26 -6.34
C PRO A 122 12.68 -10.75 -6.10
N PRO A 123 12.11 -10.42 -4.94
CA PRO A 123 10.72 -10.80 -4.70
C PRO A 123 9.77 -10.01 -5.59
N ALA A 124 8.62 -10.63 -5.89
CA ALA A 124 7.59 -9.97 -6.66
C ALA A 124 7.07 -8.74 -5.90
N ALA A 125 6.28 -7.93 -6.61
CA ALA A 125 5.81 -6.68 -6.04
C ALA A 125 4.75 -6.95 -4.97
N MET A 126 4.45 -5.91 -4.18
CA MET A 126 3.46 -6.01 -3.11
C MET A 126 2.11 -6.46 -3.63
N ARG A 127 1.79 -6.12 -4.87
CA ARG A 127 0.48 -6.44 -5.45
C ARG A 127 0.41 -7.85 -6.02
N TYR A 128 1.50 -8.63 -5.94
CA TYR A 128 1.50 -9.98 -6.47
C TYR A 128 1.60 -11.06 -5.40
N THR A 129 2.11 -10.74 -4.21
CA THR A 129 2.34 -11.72 -3.17
C THR A 129 1.32 -11.54 -2.05
N GLU A 130 0.85 -12.66 -1.51
CA GLU A 130 -0.14 -12.66 -0.44
C GLU A 130 0.40 -13.45 0.75
N ALA A 131 0.28 -12.88 1.95
CA ALA A 131 0.89 -13.46 3.13
C ALA A 131 -0.14 -13.64 4.25
N ARG A 132 -0.09 -14.79 4.91
CA ARG A 132 -0.81 -15.00 6.16
C ARG A 132 0.18 -15.45 7.22
N LEU A 133 -0.29 -15.72 8.44
CA LEU A 133 0.59 -16.18 9.50
C LEU A 133 0.74 -17.69 9.45
N THR A 134 1.68 -18.19 10.25
CA THR A 134 1.96 -19.61 10.40
C THR A 134 1.61 -20.03 11.82
N PRO A 135 1.44 -21.33 12.07
CA PRO A 135 1.23 -21.79 13.45
C PRO A 135 2.34 -21.34 14.39
N LEU A 136 3.59 -21.31 13.90
CA LEU A 136 4.68 -20.75 14.68
C LEU A 136 4.39 -19.30 15.06
N ALA A 137 3.81 -18.53 14.13
CA ALA A 137 3.46 -17.15 14.44
C ALA A 137 2.28 -17.08 15.40
N MET A 138 1.46 -18.14 15.45
CA MET A 138 0.38 -18.17 16.42
C MET A 138 0.91 -18.44 17.82
N GLU A 139 1.93 -19.30 17.95
CA GLU A 139 2.61 -19.41 19.23
C GLU A 139 3.40 -18.14 19.55
N MET A 140 3.85 -17.41 18.52
CA MET A 140 4.48 -16.12 18.73
C MET A 140 3.51 -15.15 19.40
N LEU A 141 2.25 -15.16 18.96
CA LEU A 141 1.22 -14.24 19.43
C LEU A 141 0.13 -14.96 20.21
N ARG A 142 0.53 -15.90 21.06
CA ARG A 142 -0.43 -16.67 21.85
C ARG A 142 -0.86 -15.86 23.06
N GLU A 143 -2.17 -15.63 23.19
CA GLU A 143 -2.76 -14.99 24.37
C GLU A 143 -2.18 -13.60 24.60
N ILE A 144 -1.95 -12.86 23.51
CA ILE A 144 -1.45 -11.50 23.62
C ILE A 144 -2.53 -10.58 24.18
N ASP A 145 -3.79 -10.84 23.86
CA ASP A 145 -4.90 -10.00 24.28
C ASP A 145 -5.26 -10.17 25.75
N GLU A 146 -4.63 -11.12 26.44
CA GLU A 146 -4.91 -11.39 27.85
C GLU A 146 -4.03 -10.59 28.80
N GLU A 147 -3.61 -9.39 28.41
CA GLU A 147 -2.75 -8.52 29.21
C GLU A 147 -1.42 -9.18 29.54
N THR A 148 -0.98 -10.13 28.73
CA THR A 148 0.31 -10.77 28.95
C THR A 148 1.46 -9.79 28.78
N VAL A 149 1.39 -8.96 27.74
CA VAL A 149 2.48 -8.07 27.37
C VAL A 149 2.03 -6.63 27.48
N ASP A 150 3.00 -5.74 27.68
CA ASP A 150 2.71 -4.31 27.77
C ASP A 150 2.31 -3.77 26.40
N PHE A 151 1.46 -2.75 26.41
CA PHE A 151 0.99 -2.08 25.20
C PHE A 151 1.28 -0.60 25.30
N ILE A 152 1.64 0.01 24.17
CA ILE A 152 1.97 1.43 24.13
C ILE A 152 1.29 2.06 22.93
N PRO A 153 0.97 3.35 23.02
CA PRO A 153 0.43 4.05 21.85
C PRO A 153 1.47 4.18 20.75
N ASN A 154 0.98 4.20 19.51
CA ASN A 154 1.87 4.32 18.36
C ASN A 154 2.29 5.78 18.19
N TYR A 155 2.88 6.11 17.04
CA TYR A 155 3.45 7.44 16.85
C TYR A 155 2.39 8.52 16.91
N ASP A 156 1.23 8.30 16.29
CA ASP A 156 0.14 9.27 16.34
C ASP A 156 -0.80 9.05 17.53
N GLY A 157 -0.60 7.98 18.29
CA GLY A 157 -1.40 7.74 19.48
C GLY A 157 -2.79 7.22 19.22
N ARG A 158 -3.13 6.91 17.97
CA ARG A 158 -4.48 6.47 17.65
C ARG A 158 -4.75 5.04 18.09
N VAL A 159 -3.78 4.14 17.94
CA VAL A 159 -3.95 2.73 18.22
C VAL A 159 -2.85 2.29 19.19
N GLN A 160 -2.99 1.06 19.70
CA GLN A 160 -2.06 0.49 20.66
C GLN A 160 -1.31 -0.68 20.01
N GLU A 161 -0.03 -0.79 20.34
CA GLU A 161 0.82 -1.86 19.83
C GLU A 161 1.64 -2.45 20.97
N PRO A 162 1.94 -3.75 20.90
CA PRO A 162 2.69 -4.38 22.00
C PRO A 162 4.17 -4.05 21.93
N THR A 163 4.75 -3.79 23.11
CA THR A 163 6.19 -3.59 23.19
C THR A 163 6.94 -4.87 22.88
N VAL A 164 6.38 -6.02 23.27
CA VAL A 164 6.99 -7.32 23.04
C VAL A 164 5.88 -8.33 22.77
N LEU A 165 6.19 -9.36 22.00
CA LEU A 165 5.24 -10.43 21.78
C LEU A 165 5.33 -11.45 22.91
N PRO A 166 4.25 -12.21 23.15
CA PRO A 166 4.31 -13.21 24.23
C PRO A 166 5.44 -14.22 24.06
N SER A 167 5.73 -14.63 22.83
CA SER A 167 6.92 -15.43 22.51
C SER A 167 6.96 -16.72 23.33
N ARG A 168 5.98 -17.58 23.05
CA ARG A 168 5.90 -18.85 23.73
C ARG A 168 6.97 -19.85 23.29
N PHE A 169 7.74 -19.53 22.26
CA PHE A 169 8.85 -20.35 21.81
C PHE A 169 10.07 -19.46 21.60
N PRO A 170 11.28 -20.00 21.81
CA PRO A 170 12.50 -19.15 21.79
C PRO A 170 12.96 -18.74 20.39
N ASN A 171 12.36 -17.65 19.91
CA ASN A 171 12.59 -17.21 18.53
C ASN A 171 14.03 -16.72 18.32
N LEU A 172 14.60 -16.03 19.30
CA LEU A 172 15.92 -15.43 19.11
C LEU A 172 16.98 -16.48 18.82
N LEU A 173 16.89 -17.64 19.46
CA LEU A 173 17.87 -18.69 19.24
C LEU A 173 17.43 -19.68 18.18
N ALA A 174 16.12 -19.87 17.99
CA ALA A 174 15.66 -20.80 16.97
C ALA A 174 15.87 -20.24 15.57
N ASN A 175 15.75 -18.93 15.39
CA ASN A 175 15.89 -18.32 14.08
C ASN A 175 17.07 -17.38 13.95
N GLY A 176 17.61 -16.87 15.06
CA GLY A 176 18.72 -15.96 15.00
C GLY A 176 18.31 -14.61 14.44
N SER A 177 19.23 -13.67 14.53
CA SER A 177 18.98 -12.32 14.03
C SER A 177 20.30 -11.63 13.74
N GLY A 178 20.55 -11.35 12.46
CA GLY A 178 21.69 -10.57 12.03
C GLY A 178 21.25 -9.18 11.60
N GLY A 179 21.88 -8.17 12.19
CA GLY A 179 21.50 -6.80 11.92
C GLY A 179 22.67 -5.85 12.08
N ILE A 180 22.72 -4.85 11.21
CA ILE A 180 23.76 -3.83 11.22
C ILE A 180 23.20 -2.57 11.84
N ALA A 181 23.87 -2.04 12.85
CA ALA A 181 23.45 -0.83 13.53
C ALA A 181 24.58 0.19 13.53
N VAL A 182 24.42 1.27 14.29
CA VAL A 182 25.43 2.31 14.37
C VAL A 182 26.39 1.94 15.50
N GLY A 183 27.65 1.70 15.15
CA GLY A 183 28.68 1.36 16.10
C GLY A 183 28.77 -0.12 16.44
N MET A 184 27.77 -0.91 16.09
CA MET A 184 27.78 -2.32 16.45
C MET A 184 26.94 -3.10 15.46
N ALA A 185 27.28 -4.38 15.30
CA ALA A 185 26.51 -5.29 14.48
C ALA A 185 26.32 -6.59 15.24
N THR A 186 25.17 -7.22 15.03
CA THR A 186 24.85 -8.48 15.70
C THR A 186 24.64 -9.56 14.65
N ASN A 187 24.98 -10.80 15.02
CA ASN A 187 24.80 -11.94 14.14
C ASN A 187 24.62 -13.17 15.02
N ILE A 188 23.38 -13.57 15.24
CA ILE A 188 23.05 -14.76 16.02
C ILE A 188 22.67 -15.86 15.04
N PRO A 189 23.25 -17.05 15.14
CA PRO A 189 22.93 -18.11 14.19
C PRO A 189 21.69 -18.88 14.62
N PRO A 190 20.93 -19.42 13.69
CA PRO A 190 19.77 -20.24 14.05
C PRO A 190 20.18 -21.55 14.69
N HIS A 191 19.26 -22.10 15.49
CA HIS A 191 19.49 -23.36 16.20
C HIS A 191 18.32 -24.31 15.93
N ASN A 192 18.42 -25.50 16.51
CA ASN A 192 17.35 -26.49 16.47
C ASN A 192 16.40 -26.25 17.63
N LEU A 193 15.10 -26.47 17.38
CA LEU A 193 14.10 -26.19 18.41
C LEU A 193 14.17 -27.20 19.54
N ARG A 194 14.49 -28.45 19.24
CA ARG A 194 14.53 -29.48 20.27
C ARG A 194 15.68 -29.26 21.25
N GLU A 195 16.85 -28.85 20.74
CA GLU A 195 17.96 -28.52 21.64
C GLU A 195 17.63 -27.34 22.53
N LEU A 196 16.97 -26.32 21.96
CA LEU A 196 16.53 -25.18 22.75
C LEU A 196 15.54 -25.62 23.83
N ALA A 197 14.63 -26.53 23.47
CA ALA A 197 13.68 -27.05 24.45
C ALA A 197 14.39 -27.76 25.58
N ASP A 198 15.38 -28.60 25.26
CA ASP A 198 16.13 -29.29 26.30
C ASP A 198 16.83 -28.30 27.21
N ALA A 199 17.45 -27.27 26.63
CA ALA A 199 18.17 -26.29 27.45
C ALA A 199 17.22 -25.53 28.37
N VAL A 200 16.06 -25.11 27.85
CA VAL A 200 15.14 -24.33 28.68
C VAL A 200 14.49 -25.23 29.73
N PHE A 201 14.28 -26.51 29.41
CA PHE A 201 13.79 -27.44 30.43
C PHE A 201 14.79 -27.57 31.56
N TRP A 202 16.07 -27.72 31.22
CA TRP A 202 17.09 -27.77 32.27
C TRP A 202 17.08 -26.50 33.10
N ALA A 203 16.95 -25.34 32.45
CA ALA A 203 16.94 -24.08 33.17
C ALA A 203 15.74 -23.98 34.10
N LEU A 204 14.59 -24.51 33.66
CA LEU A 204 13.38 -24.44 34.49
C LEU A 204 13.49 -25.34 35.72
N GLU A 205 13.87 -26.60 35.52
CA GLU A 205 14.02 -27.51 36.65
C GLU A 205 15.16 -27.06 37.57
N ASN A 206 16.29 -26.69 37.01
CA ASN A 206 17.43 -26.21 37.81
C ASN A 206 17.42 -24.69 37.90
N HIS A 207 16.33 -24.15 38.43
CA HIS A 207 16.14 -22.71 38.47
C HIS A 207 17.07 -22.03 39.47
N ASP A 208 17.71 -22.78 40.36
CA ASP A 208 18.63 -22.21 41.34
C ASP A 208 20.09 -22.36 40.94
N ALA A 209 20.36 -22.86 39.74
CA ALA A 209 21.74 -23.08 39.31
C ALA A 209 22.44 -21.74 39.08
N ASP A 210 23.75 -21.74 39.29
CA ASP A 210 24.57 -20.57 39.06
C ASP A 210 24.91 -20.46 37.57
N GLU A 211 25.62 -19.39 37.21
CA GLU A 211 25.90 -19.11 35.81
C GLU A 211 26.77 -20.20 35.18
N GLU A 212 27.80 -20.65 35.89
CA GLU A 212 28.72 -21.62 35.32
C GLU A 212 28.05 -22.97 35.10
N GLU A 213 27.27 -23.43 36.10
CA GLU A 213 26.60 -24.72 35.98
C GLU A 213 25.61 -24.72 34.83
N THR A 214 24.79 -23.66 34.74
CA THR A 214 23.80 -23.61 33.66
C THR A 214 24.48 -23.44 32.30
N LEU A 215 25.59 -22.71 32.25
CA LEU A 215 26.31 -22.57 30.99
C LEU A 215 26.83 -23.92 30.52
N ALA A 216 27.46 -24.68 31.42
CA ALA A 216 27.95 -26.00 31.06
C ALA A 216 26.81 -26.91 30.63
N ALA A 217 25.68 -26.86 31.35
CA ALA A 217 24.55 -27.72 31.02
C ALA A 217 23.98 -27.40 29.65
N VAL A 218 23.78 -26.11 29.35
CA VAL A 218 23.15 -25.73 28.09
C VAL A 218 24.13 -25.92 26.93
N MET A 219 25.44 -25.79 27.20
CA MET A 219 26.42 -26.09 26.16
C MET A 219 26.45 -27.59 25.88
N GLY A 220 26.22 -28.42 26.89
CA GLY A 220 26.04 -29.83 26.65
C GLY A 220 24.76 -30.14 25.89
N ARG A 221 23.70 -29.38 26.16
CA ARG A 221 22.40 -29.68 25.57
C ARG A 221 22.36 -29.35 24.08
N VAL A 222 22.93 -28.22 23.68
CA VAL A 222 22.93 -27.79 22.28
C VAL A 222 24.28 -28.15 21.68
N LYS A 223 24.25 -28.72 20.47
CA LYS A 223 25.50 -29.07 19.81
C LYS A 223 26.13 -27.85 19.15
N GLY A 224 25.31 -27.00 18.53
CA GLY A 224 25.81 -25.82 17.87
C GLY A 224 24.74 -25.19 16.99
N PRO A 225 25.11 -24.17 16.23
CA PRO A 225 24.15 -23.52 15.34
C PRO A 225 23.59 -24.49 14.30
N ASP A 226 22.31 -24.32 13.99
CA ASP A 226 21.63 -25.12 12.99
C ASP A 226 21.05 -24.17 11.94
N PHE A 227 21.57 -24.25 10.73
CA PHE A 227 21.24 -23.31 9.68
C PHE A 227 20.17 -23.90 8.75
N PRO A 228 19.26 -23.06 8.24
CA PRO A 228 18.25 -23.58 7.29
C PRO A 228 18.86 -24.11 6.01
N THR A 229 20.04 -23.62 5.63
CA THR A 229 20.71 -24.07 4.42
C THR A 229 21.34 -25.44 4.56
N ALA A 230 21.33 -26.01 5.77
CA ALA A 230 21.98 -27.29 6.07
C ALA A 230 23.48 -27.17 5.88
N GLY A 231 24.10 -28.19 5.28
CA GLY A 231 25.53 -28.16 5.05
C GLY A 231 26.33 -28.85 6.12
N LEU A 232 27.50 -28.29 6.45
CA LEU A 232 28.37 -28.89 7.44
C LEU A 232 29.00 -27.80 8.31
N ILE A 233 29.36 -28.18 9.52
CA ILE A 233 30.17 -27.36 10.41
C ILE A 233 31.39 -28.18 10.79
N VAL A 234 32.57 -27.60 10.63
CA VAL A 234 33.82 -28.27 10.95
C VAL A 234 34.44 -27.58 12.16
N GLY A 235 34.92 -28.38 13.10
CA GLY A 235 35.51 -27.86 14.32
C GLY A 235 34.46 -27.53 15.36
N SER A 236 34.96 -27.21 16.56
CA SER A 236 34.09 -26.80 17.66
C SER A 236 34.62 -25.60 18.44
N GLN A 237 35.83 -25.12 18.16
CA GLN A 237 36.37 -24.00 18.92
C GLN A 237 35.57 -22.73 18.70
N GLY A 238 35.14 -22.48 17.46
CA GLY A 238 34.35 -21.29 17.19
C GLY A 238 33.02 -21.30 17.89
N THR A 239 32.31 -22.44 17.83
CA THR A 239 31.02 -22.55 18.50
C THR A 239 31.17 -22.42 20.01
N ALA A 240 32.20 -23.06 20.59
CA ALA A 240 32.42 -22.96 22.03
C ALA A 240 32.74 -21.53 22.44
N ASP A 241 33.58 -20.84 21.65
CA ASP A 241 33.92 -19.46 21.97
C ASP A 241 32.68 -18.57 21.86
N ALA A 242 31.83 -18.81 20.86
CA ALA A 242 30.59 -18.05 20.74
C ALA A 242 29.67 -18.27 21.92
N TYR A 243 29.53 -19.53 22.36
CA TYR A 243 28.60 -19.81 23.46
C TYR A 243 29.17 -19.37 24.80
N LYS A 244 30.49 -19.24 24.93
CA LYS A 244 31.07 -18.85 26.20
C LYS A 244 31.38 -17.36 26.30
N THR A 245 31.45 -16.65 25.18
CA THR A 245 31.78 -15.22 25.23
C THR A 245 30.82 -14.39 24.40
N GLY A 246 30.21 -15.00 23.38
CA GLY A 246 29.35 -14.28 22.46
C GLY A 246 30.01 -13.93 21.14
N ARG A 247 31.34 -13.87 21.11
CA ARG A 247 32.10 -13.53 19.90
C ARG A 247 32.86 -14.77 19.45
N GLY A 248 32.43 -15.34 18.33
CA GLY A 248 33.08 -16.52 17.79
C GLY A 248 33.18 -16.52 16.29
N SER A 249 33.57 -17.65 15.70
CA SER A 249 33.69 -17.76 14.25
C SER A 249 33.40 -19.21 13.89
N ILE A 250 32.16 -19.48 13.48
CA ILE A 250 31.73 -20.84 13.14
C ILE A 250 32.09 -21.10 11.69
N ARG A 251 33.09 -21.92 11.45
CA ARG A 251 33.57 -22.16 10.10
C ARG A 251 32.66 -23.16 9.42
N MET A 252 31.86 -22.69 8.47
CA MET A 252 30.89 -23.52 7.76
C MET A 252 31.41 -23.86 6.37
N ARG A 253 30.90 -24.97 5.84
CA ARG A 253 31.34 -25.48 4.55
C ARG A 253 30.16 -26.16 3.86
N GLY A 254 30.17 -26.13 2.53
CA GLY A 254 29.12 -26.74 1.75
C GLY A 254 29.28 -28.26 1.67
N VAL A 255 28.52 -28.85 0.76
CA VAL A 255 28.52 -30.30 0.56
C VAL A 255 28.90 -30.59 -0.88
N VAL A 256 29.92 -31.43 -1.07
CA VAL A 256 30.42 -31.80 -2.38
C VAL A 256 30.43 -33.32 -2.49
N GLU A 257 30.30 -33.80 -3.71
CA GLU A 257 30.35 -35.24 -3.98
C GLU A 257 30.82 -35.46 -5.41
N VAL A 258 31.45 -36.60 -5.65
CA VAL A 258 32.08 -36.90 -6.94
C VAL A 258 31.21 -37.89 -7.69
N GLU A 259 30.95 -37.60 -8.96
CA GLU A 259 30.15 -38.46 -9.83
C GLU A 259 30.97 -38.89 -11.04
N GLU A 260 30.93 -40.20 -11.33
CA GLU A 260 31.68 -40.76 -12.45
C GLU A 260 30.82 -40.80 -13.71
N ASP A 261 31.45 -40.46 -14.84
CA ASP A 261 30.78 -40.45 -16.14
C ASP A 261 31.19 -41.66 -16.96
N SER A 262 30.51 -41.85 -18.08
CA SER A 262 30.77 -42.99 -18.95
C SER A 262 32.19 -42.95 -19.52
N ARG A 263 32.64 -41.76 -19.93
CA ARG A 263 33.96 -41.62 -20.53
C ARG A 263 35.09 -41.59 -19.51
N GLY A 264 34.77 -41.62 -18.22
CA GLY A 264 35.77 -41.55 -17.17
C GLY A 264 35.91 -40.20 -16.50
N ARG A 265 35.25 -39.17 -17.04
CA ARG A 265 35.30 -37.86 -16.43
C ARG A 265 34.57 -37.87 -15.08
N THR A 266 35.14 -37.18 -14.11
CA THR A 266 34.52 -37.02 -12.79
C THR A 266 34.13 -35.57 -12.60
N SER A 267 32.99 -35.35 -11.94
CA SER A 267 32.47 -34.01 -11.70
C SER A 267 32.13 -33.86 -10.23
N LEU A 268 32.47 -32.70 -9.67
CA LEU A 268 32.06 -32.36 -8.31
C LEU A 268 30.63 -31.84 -8.32
N VAL A 269 29.77 -32.44 -7.50
CA VAL A 269 28.37 -32.07 -7.43
C VAL A 269 28.15 -31.38 -6.09
N ILE A 270 28.15 -30.05 -6.11
CA ILE A 270 27.87 -29.26 -4.92
C ILE A 270 26.36 -29.20 -4.72
N THR A 271 25.87 -29.80 -3.64
CA THR A 271 24.45 -29.85 -3.34
C THR A 271 24.06 -28.95 -2.17
N GLU A 272 25.02 -28.43 -1.42
CA GLU A 272 24.73 -27.53 -0.32
C GLU A 272 25.82 -26.48 -0.25
N LEU A 273 25.44 -25.28 0.16
CA LEU A 273 26.33 -24.14 0.32
C LEU A 273 26.18 -23.59 1.73
N PRO A 274 27.21 -22.93 2.25
CA PRO A 274 27.13 -22.39 3.62
C PRO A 274 26.07 -21.29 3.72
N TYR A 275 25.84 -20.87 4.95
CA TYR A 275 24.76 -19.94 5.24
C TYR A 275 25.01 -18.58 4.62
N GLN A 276 23.94 -17.96 4.13
CA GLN A 276 23.94 -16.63 3.55
C GLN A 276 24.82 -16.51 2.31
N VAL A 277 25.18 -17.63 1.69
CA VAL A 277 25.95 -17.60 0.46
C VAL A 277 25.00 -17.35 -0.70
N ASN A 278 25.28 -16.31 -1.48
CA ASN A 278 24.39 -15.88 -2.55
C ASN A 278 24.57 -16.81 -3.75
N HIS A 279 23.53 -17.56 -4.08
CA HIS A 279 23.58 -18.41 -5.26
C HIS A 279 23.64 -17.56 -6.52
N ASP A 280 24.16 -18.14 -7.60
CA ASP A 280 24.30 -17.47 -8.88
C ASP A 280 25.33 -16.34 -8.81
N ASN A 281 25.87 -16.09 -7.63
CA ASN A 281 27.08 -15.31 -7.44
C ASN A 281 28.29 -16.20 -7.20
N PHE A 282 28.07 -17.32 -6.51
CA PHE A 282 29.09 -18.37 -6.40
C PHE A 282 29.52 -18.85 -7.78
N ILE A 283 28.54 -19.05 -8.67
CA ILE A 283 28.83 -19.57 -10.00
C ILE A 283 29.63 -18.57 -10.81
N THR A 284 29.25 -17.30 -10.78
CA THR A 284 30.02 -16.29 -11.48
C THR A 284 31.41 -16.14 -10.88
N SER A 285 31.53 -16.29 -9.55
CA SER A 285 32.85 -16.19 -8.92
C SER A 285 33.77 -17.31 -9.38
N ILE A 286 33.27 -18.56 -9.41
CA ILE A 286 34.12 -19.66 -9.86
C ILE A 286 34.42 -19.52 -11.34
N ALA A 287 33.47 -19.03 -12.14
CA ALA A 287 33.74 -18.80 -13.55
C ALA A 287 34.83 -17.76 -13.75
N GLU A 288 34.79 -16.67 -12.98
CA GLU A 288 35.81 -15.63 -13.07
C GLU A 288 37.17 -16.16 -12.64
N GLN A 289 37.20 -16.95 -11.56
CA GLN A 289 38.47 -17.51 -11.10
C GLN A 289 39.04 -18.50 -12.10
N VAL A 290 38.18 -19.23 -12.80
CA VAL A 290 38.66 -20.09 -13.89
C VAL A 290 39.21 -19.24 -15.02
N ARG A 291 38.50 -18.17 -15.39
CA ARG A 291 38.92 -17.34 -16.51
C ARG A 291 40.28 -16.69 -16.26
N ASP A 292 40.35 -15.82 -15.24
CA ASP A 292 41.60 -15.13 -14.98
C ASP A 292 42.69 -16.11 -14.54
N GLY A 293 42.30 -17.14 -13.79
CA GLY A 293 43.18 -18.22 -13.39
C GLY A 293 43.63 -18.10 -11.95
N LYS A 294 42.88 -18.75 -11.06
CA LYS A 294 43.29 -18.96 -9.68
C LYS A 294 42.91 -20.34 -9.18
N LEU A 295 42.06 -21.07 -9.90
CA LEU A 295 41.43 -22.31 -9.47
C LEU A 295 41.66 -23.41 -10.50
N ALA A 296 42.92 -23.55 -10.91
CA ALA A 296 43.28 -24.49 -11.97
C ALA A 296 42.83 -25.91 -11.63
N GLY A 297 42.27 -26.59 -12.64
CA GLY A 297 41.78 -27.94 -12.45
C GLY A 297 40.35 -28.11 -12.91
N ILE A 298 39.66 -26.99 -13.15
CA ILE A 298 38.24 -26.98 -13.50
C ILE A 298 38.09 -26.65 -14.97
N SER A 299 37.29 -27.44 -15.68
CA SER A 299 37.05 -27.24 -17.10
C SER A 299 35.70 -26.58 -17.38
N ASN A 300 34.61 -27.16 -16.86
CA ASN A 300 33.27 -26.68 -17.14
C ASN A 300 32.49 -26.51 -15.84
N ILE A 301 31.61 -25.50 -15.82
CA ILE A 301 30.75 -25.22 -14.69
C ILE A 301 29.31 -25.10 -15.19
N GLU A 302 28.38 -25.75 -14.50
CA GLU A 302 26.98 -25.66 -14.88
C GLU A 302 26.11 -25.73 -13.64
N ASP A 303 24.92 -25.12 -13.74
CA ASP A 303 23.94 -25.11 -12.65
C ASP A 303 22.75 -25.97 -13.09
N GLN A 304 22.69 -27.19 -12.56
CA GLN A 304 21.52 -28.02 -12.73
C GLN A 304 20.47 -27.77 -11.66
N SER A 305 20.69 -26.76 -10.82
CA SER A 305 19.74 -26.42 -9.76
C SER A 305 18.39 -26.08 -10.36
N SER A 306 17.32 -26.65 -9.77
CA SER A 306 15.97 -26.46 -10.26
C SER A 306 15.03 -26.39 -9.06
N ASP A 307 13.73 -26.28 -9.37
CA ASP A 307 12.72 -26.26 -8.31
C ASP A 307 12.47 -27.66 -7.76
N ARG A 308 12.62 -28.69 -8.59
CA ARG A 308 12.28 -30.05 -8.21
C ARG A 308 13.45 -30.86 -7.68
N VAL A 309 14.69 -30.44 -7.95
CA VAL A 309 15.87 -31.18 -7.53
C VAL A 309 16.74 -30.39 -6.56
N GLY A 310 16.41 -29.13 -6.30
CA GLY A 310 17.20 -28.35 -5.37
C GLY A 310 18.52 -27.90 -5.95
N LEU A 311 19.34 -27.30 -5.09
CA LEU A 311 20.63 -26.77 -5.50
C LEU A 311 21.55 -27.90 -5.92
N ARG A 312 22.08 -27.82 -7.14
CA ARG A 312 22.98 -28.85 -7.67
C ARG A 312 23.88 -28.19 -8.70
N ILE A 313 25.10 -27.86 -8.29
CA ILE A 313 26.11 -27.28 -9.18
C ILE A 313 27.04 -28.40 -9.62
N VAL A 314 27.28 -28.52 -10.92
CA VAL A 314 28.17 -29.53 -11.46
C VAL A 314 29.43 -28.83 -11.96
N ILE A 315 30.58 -29.27 -11.44
CA ILE A 315 31.89 -28.77 -11.85
C ILE A 315 32.61 -29.94 -12.50
N GLU A 316 32.73 -29.90 -13.82
CA GLU A 316 33.46 -30.93 -14.56
C GLU A 316 34.92 -30.53 -14.63
N ILE A 317 35.79 -31.36 -14.07
CA ILE A 317 37.19 -31.03 -13.91
C ILE A 317 37.99 -31.69 -15.02
N LYS A 318 39.24 -31.27 -15.17
CA LYS A 318 40.12 -31.79 -16.21
C LYS A 318 40.64 -33.18 -15.84
N ARG A 319 41.15 -33.89 -16.84
CA ARG A 319 41.65 -35.25 -16.61
C ARG A 319 42.88 -35.23 -15.72
N ASP A 320 43.77 -34.25 -15.90
CA ASP A 320 44.96 -34.15 -15.07
C ASP A 320 44.63 -33.46 -13.75
N ALA A 321 43.60 -33.94 -13.06
CA ALA A 321 43.19 -33.35 -11.79
C ALA A 321 42.59 -34.44 -10.91
N VAL A 322 42.67 -34.22 -9.61
CA VAL A 322 42.12 -35.13 -8.62
C VAL A 322 41.00 -34.40 -7.89
N ALA A 323 40.02 -35.16 -7.41
CA ALA A 323 38.88 -34.56 -6.73
C ALA A 323 39.32 -33.81 -5.48
N LYS A 324 40.25 -34.39 -4.71
CA LYS A 324 40.65 -33.81 -3.44
C LYS A 324 41.30 -32.44 -3.63
N VAL A 325 42.17 -32.31 -4.64
CA VAL A 325 42.89 -31.04 -4.82
C VAL A 325 41.94 -29.94 -5.27
N VAL A 326 41.00 -30.27 -6.18
CA VAL A 326 40.02 -29.28 -6.61
C VAL A 326 39.13 -28.88 -5.44
N ILE A 327 38.73 -29.86 -4.62
CA ILE A 327 37.88 -29.57 -3.46
C ILE A 327 38.59 -28.65 -2.49
N ASN A 328 39.87 -28.92 -2.21
CA ASN A 328 40.62 -28.07 -1.29
C ASN A 328 40.80 -26.67 -1.87
N ASN A 329 41.05 -26.57 -3.17
CA ASN A 329 41.15 -25.25 -3.81
C ASN A 329 39.84 -24.48 -3.71
N LEU A 330 38.71 -25.16 -3.92
CA LEU A 330 37.42 -24.53 -3.74
C LEU A 330 37.24 -24.03 -2.31
N TYR A 331 37.62 -24.86 -1.34
CA TYR A 331 37.49 -24.45 0.06
C TYR A 331 38.33 -23.22 0.36
N LYS A 332 39.58 -23.18 -0.09
CA LYS A 332 40.47 -22.10 0.31
C LYS A 332 40.19 -20.81 -0.46
N HIS A 333 39.84 -20.90 -1.74
CA HIS A 333 39.73 -19.71 -2.58
C HIS A 333 38.32 -19.19 -2.75
N THR A 334 37.31 -20.05 -2.67
CA THR A 334 35.96 -19.67 -3.01
C THR A 334 35.09 -19.60 -1.75
N GLN A 335 33.80 -19.31 -1.94
CA GLN A 335 32.84 -19.22 -0.86
C GLN A 335 32.19 -20.56 -0.53
N LEU A 336 32.66 -21.65 -1.15
CA LEU A 336 32.18 -22.98 -0.78
C LEU A 336 32.46 -23.30 0.68
N GLN A 337 33.46 -22.64 1.27
CA GLN A 337 33.72 -22.70 2.69
C GLN A 337 33.96 -21.27 3.19
N THR A 338 33.26 -20.89 4.25
CA THR A 338 33.40 -19.54 4.79
C THR A 338 33.20 -19.61 6.30
N SER A 339 33.02 -18.45 6.92
CA SER A 339 32.87 -18.37 8.36
C SER A 339 31.65 -17.52 8.72
N PHE A 340 30.98 -17.91 9.79
CA PHE A 340 29.91 -17.14 10.40
C PHE A 340 30.52 -16.42 11.61
N GLY A 341 30.74 -15.11 11.47
CA GLY A 341 31.28 -14.33 12.56
C GLY A 341 30.23 -14.00 13.59
N ALA A 342 29.80 -15.00 14.35
CA ALA A 342 28.69 -14.82 15.27
C ALA A 342 29.04 -13.85 16.37
N ASN A 343 28.17 -12.86 16.57
CA ASN A 343 28.26 -11.92 17.67
C ASN A 343 26.88 -11.87 18.33
N MET A 344 26.81 -12.30 19.59
CA MET A 344 25.52 -12.41 20.29
C MET A 344 25.23 -11.09 21.00
N LEU A 345 24.85 -10.10 20.20
CA LEU A 345 24.40 -8.80 20.71
C LEU A 345 22.89 -8.76 20.65
N ALA A 346 22.26 -8.33 21.75
CA ALA A 346 20.81 -8.26 21.80
C ALA A 346 20.39 -7.15 22.75
N ILE A 347 19.14 -6.73 22.62
CA ILE A 347 18.58 -5.68 23.47
C ILE A 347 17.98 -6.32 24.70
N VAL A 348 18.50 -5.92 25.86
CA VAL A 348 17.93 -6.39 27.16
C VAL A 348 17.57 -5.10 27.92
N ASP A 349 16.37 -5.03 28.49
CA ASP A 349 15.92 -3.79 29.20
C ASP A 349 16.19 -2.54 28.34
N GLY A 350 16.29 -2.69 27.01
CA GLY A 350 16.46 -1.50 26.13
C GLY A 350 17.90 -1.19 25.77
N VAL A 351 18.87 -1.85 26.40
CA VAL A 351 20.28 -1.55 26.15
C VAL A 351 20.92 -2.72 25.41
N PRO A 352 21.96 -2.48 24.61
CA PRO A 352 22.61 -3.58 23.89
C PRO A 352 23.63 -4.28 24.78
N ARG A 353 23.59 -5.62 24.77
CA ARG A 353 24.53 -6.40 25.56
C ARG A 353 24.94 -7.64 24.77
N THR A 354 26.17 -8.07 25.01
CA THR A 354 26.68 -9.32 24.47
C THR A 354 26.40 -10.43 25.47
N LEU A 355 25.69 -11.46 25.02
CA LEU A 355 25.16 -12.49 25.91
C LEU A 355 25.61 -13.87 25.47
N ARG A 356 26.09 -14.65 26.43
CA ARG A 356 26.37 -16.05 26.17
C ARG A 356 25.06 -16.86 26.21
N LEU A 357 25.17 -18.15 25.90
CA LEU A 357 23.99 -18.98 25.72
C LEU A 357 23.17 -19.09 27.00
N ASP A 358 23.83 -19.23 28.15
CA ASP A 358 23.12 -19.35 29.41
C ASP A 358 22.30 -18.10 29.70
N GLN A 359 22.85 -16.93 29.40
CA GLN A 359 22.12 -15.69 29.59
C GLN A 359 20.87 -15.64 28.71
N LEU A 360 20.98 -16.09 27.47
CA LEU A 360 19.83 -16.11 26.57
C LEU A 360 18.74 -17.04 27.11
N ILE A 361 19.13 -18.24 27.55
CA ILE A 361 18.16 -19.18 28.08
C ILE A 361 17.49 -18.63 29.33
N ARG A 362 18.28 -18.02 30.23
CA ARG A 362 17.72 -17.47 31.46
C ARG A 362 16.77 -16.33 31.17
N TYR A 363 17.12 -15.45 30.23
CA TYR A 363 16.24 -14.33 29.89
C TYR A 363 14.93 -14.82 29.29
N TYR A 364 15.00 -15.83 28.41
CA TYR A 364 13.77 -16.38 27.85
C TYR A 364 12.90 -17.01 28.93
N VAL A 365 13.53 -17.74 29.87
CA VAL A 365 12.75 -18.38 30.94
C VAL A 365 12.10 -17.33 31.83
N ASP A 366 12.83 -16.26 32.15
CA ASP A 366 12.27 -15.19 32.96
C ASP A 366 11.08 -14.55 32.25
N HIS A 367 11.22 -14.30 30.94
CA HIS A 367 10.12 -13.72 30.18
C HIS A 367 8.90 -14.65 30.19
N GLN A 368 9.11 -15.95 30.03
CA GLN A 368 8.00 -16.90 30.04
C GLN A 368 7.30 -16.90 31.40
N LEU A 369 8.07 -16.86 32.48
CA LEU A 369 7.48 -16.83 33.81
C LEU A 369 6.64 -15.57 34.01
N ASP A 370 7.17 -14.42 33.60
CA ASP A 370 6.43 -13.17 33.74
C ASP A 370 5.15 -13.19 32.91
N VAL A 371 5.22 -13.72 31.69
CA VAL A 371 4.04 -13.78 30.83
C VAL A 371 2.97 -14.68 31.45
N ILE A 372 3.39 -15.84 31.98
CA ILE A 372 2.43 -16.76 32.60
C ILE A 372 1.77 -16.10 33.82
N VAL A 373 2.57 -15.40 34.63
CA VAL A 373 2.02 -14.76 35.83
C VAL A 373 1.00 -13.69 35.43
N ARG A 374 1.33 -12.87 34.43
CA ARG A 374 0.41 -11.81 34.01
C ARG A 374 -0.88 -12.40 33.42
N ARG A 375 -0.74 -13.46 32.62
CA ARG A 375 -1.93 -14.12 32.08
C ARG A 375 -2.81 -14.68 33.18
N THR A 376 -2.20 -15.31 34.19
CA THR A 376 -2.98 -15.86 35.28
C THR A 376 -3.68 -14.77 36.07
N THR A 377 -3.00 -13.64 36.29
CA THR A 377 -3.64 -12.53 36.99
C THR A 377 -4.84 -12.00 36.23
N TYR A 378 -4.70 -11.84 34.90
CA TYR A 378 -5.82 -11.36 34.10
C TYR A 378 -6.99 -12.35 34.12
N ARG A 379 -6.69 -13.64 33.98
CA ARG A 379 -7.74 -14.65 34.02
C ARG A 379 -8.44 -14.68 35.38
N LEU A 380 -7.67 -14.50 36.45
CA LEU A 380 -8.26 -14.47 37.78
C LEU A 380 -9.18 -13.27 37.95
N ARG A 381 -8.77 -12.10 37.45
CA ARG A 381 -9.65 -10.94 37.52
C ARG A 381 -10.94 -11.16 36.75
N LYS A 382 -10.83 -11.71 35.53
CA LYS A 382 -12.03 -11.97 34.74
C LYS A 382 -12.95 -12.98 35.43
N ALA A 383 -12.37 -14.03 36.00
CA ALA A 383 -13.17 -15.03 36.70
C ALA A 383 -13.83 -14.43 37.93
N ASN A 384 -13.13 -13.53 38.63
CA ASN A 384 -13.73 -12.87 39.80
C ASN A 384 -14.94 -12.05 39.39
N GLU A 385 -14.82 -11.28 38.30
CA GLU A 385 -15.96 -10.49 37.85
C GLU A 385 -17.13 -11.39 37.42
N ARG A 386 -16.83 -12.45 36.67
CA ARG A 386 -17.88 -13.37 36.23
C ARG A 386 -18.57 -14.03 37.44
N ALA A 387 -17.80 -14.45 38.43
CA ALA A 387 -18.36 -15.08 39.62
C ALA A 387 -19.21 -14.10 40.41
N HIS A 388 -18.77 -12.85 40.53
CA HIS A 388 -19.55 -11.85 41.26
C HIS A 388 -20.89 -11.62 40.56
N ILE A 389 -20.87 -11.48 39.23
CA ILE A 389 -22.12 -11.27 38.50
C ILE A 389 -23.03 -12.48 38.65
N LEU A 390 -22.47 -13.69 38.55
CA LEU A 390 -23.28 -14.89 38.68
C LEU A 390 -23.84 -15.04 40.08
N ARG A 391 -23.09 -14.63 41.10
CA ARG A 391 -23.56 -14.69 42.47
C ARG A 391 -24.75 -13.76 42.68
N GLY A 392 -24.63 -12.51 42.22
CA GLY A 392 -25.76 -11.60 42.30
C GLY A 392 -26.97 -12.13 41.54
N LEU A 393 -26.73 -12.70 40.35
CA LEU A 393 -27.82 -13.21 39.54
C LEU A 393 -28.52 -14.38 40.21
N VAL A 394 -27.76 -15.29 40.83
CA VAL A 394 -28.38 -16.43 41.51
C VAL A 394 -29.11 -15.98 42.77
N LYS A 395 -28.58 -14.97 43.46
CA LYS A 395 -29.28 -14.44 44.62
C LYS A 395 -30.60 -13.79 44.21
N ALA A 396 -30.64 -13.19 43.03
CA ALA A 396 -31.91 -12.74 42.49
C ALA A 396 -32.80 -13.92 42.10
N LEU A 397 -32.19 -14.98 41.58
CA LEU A 397 -32.96 -16.13 41.09
C LEU A 397 -33.70 -16.83 42.22
N ASP A 398 -33.09 -16.97 43.40
CA ASP A 398 -33.78 -17.68 44.47
C ASP A 398 -35.03 -16.94 44.94
N ALA A 399 -35.17 -15.67 44.58
CA ALA A 399 -36.35 -14.86 44.85
C ALA A 399 -37.03 -14.44 43.54
N LEU A 400 -37.21 -15.40 42.63
CA LEU A 400 -37.64 -15.08 41.27
C LEU A 400 -39.02 -14.45 41.24
N ASP A 401 -39.96 -14.97 42.03
CA ASP A 401 -41.32 -14.44 42.02
C ASP A 401 -41.36 -12.99 42.52
N GLU A 402 -40.65 -12.70 43.60
CA GLU A 402 -40.61 -11.34 44.12
C GLU A 402 -39.93 -10.40 43.14
N VAL A 403 -38.86 -10.87 42.50
CA VAL A 403 -38.15 -10.03 41.53
C VAL A 403 -39.05 -9.71 40.35
N ILE A 404 -39.79 -10.70 39.86
CA ILE A 404 -40.71 -10.47 38.73
C ILE A 404 -41.82 -9.52 39.14
N ALA A 405 -42.35 -9.68 40.35
CA ALA A 405 -43.38 -8.77 40.82
C ALA A 405 -42.86 -7.34 40.90
N LEU A 406 -41.63 -7.17 41.40
CA LEU A 406 -41.07 -5.83 41.53
C LEU A 406 -40.79 -5.21 40.16
N ILE A 407 -40.30 -6.01 39.21
CA ILE A 407 -40.05 -5.48 37.87
C ILE A 407 -41.36 -5.12 37.18
N ARG A 408 -42.43 -5.87 37.48
CA ARG A 408 -43.74 -5.54 36.93
C ARG A 408 -44.26 -4.22 37.51
N ALA A 409 -44.24 -4.10 38.83
CA ALA A 409 -44.83 -2.94 39.49
C ALA A 409 -44.00 -1.68 39.32
N SER A 410 -42.70 -1.81 39.03
CA SER A 410 -41.84 -0.63 38.91
C SER A 410 -42.25 0.20 37.71
N GLU A 411 -42.32 1.52 37.91
CA GLU A 411 -42.67 2.41 36.81
C GLU A 411 -41.60 2.39 35.73
N THR A 412 -40.35 2.62 36.11
CA THR A 412 -39.23 2.71 35.17
C THR A 412 -38.12 1.76 35.61
N VAL A 413 -37.01 1.81 34.86
CA VAL A 413 -35.90 0.91 35.11
C VAL A 413 -35.14 1.30 36.38
N ASP A 414 -34.94 2.59 36.61
CA ASP A 414 -34.14 3.03 37.76
C ASP A 414 -34.81 2.68 39.08
N ILE A 415 -36.13 2.83 39.15
CA ILE A 415 -36.86 2.43 40.36
C ILE A 415 -36.68 0.93 40.59
N ALA A 416 -36.69 0.15 39.51
CA ALA A 416 -36.45 -1.28 39.62
C ALA A 416 -35.05 -1.58 40.15
N ARG A 417 -34.05 -0.83 39.68
CA ARG A 417 -32.69 -1.01 40.19
C ARG A 417 -32.64 -0.74 41.69
N ALA A 418 -33.24 0.37 42.12
CA ALA A 418 -33.25 0.69 43.55
C ALA A 418 -33.97 -0.38 44.35
N GLY A 419 -35.11 -0.87 43.83
CA GLY A 419 -35.86 -1.90 44.53
C GLY A 419 -35.08 -3.19 44.66
N LEU A 420 -34.43 -3.63 43.59
CA LEU A 420 -33.63 -4.85 43.64
C LEU A 420 -32.45 -4.69 44.60
N ILE A 421 -31.78 -3.53 44.55
CA ILE A 421 -30.66 -3.28 45.45
C ILE A 421 -31.10 -3.37 46.90
N GLU A 422 -32.24 -2.75 47.22
CA GLU A 422 -32.76 -2.82 48.57
C GLU A 422 -33.17 -4.25 48.94
N LEU A 423 -33.78 -4.97 47.99
CA LEU A 423 -34.36 -6.28 48.30
C LEU A 423 -33.28 -7.31 48.58
N LEU A 424 -32.22 -7.35 47.77
CA LEU A 424 -31.27 -8.45 47.79
C LEU A 424 -29.84 -8.00 48.10
N ASP A 425 -29.68 -6.93 48.89
CA ASP A 425 -28.39 -6.36 49.26
C ASP A 425 -27.45 -6.27 48.06
N ILE A 426 -28.03 -6.05 46.89
CA ILE A 426 -27.34 -6.13 45.61
C ILE A 426 -26.64 -4.82 45.29
N ASP A 427 -25.43 -4.94 44.71
CA ASP A 427 -24.71 -3.80 44.18
C ASP A 427 -25.16 -3.53 42.74
N GLU A 428 -25.01 -2.27 42.32
CA GLU A 428 -25.64 -1.81 41.08
C GLU A 428 -25.22 -2.64 39.88
N ILE A 429 -24.01 -3.20 39.91
CA ILE A 429 -23.51 -3.95 38.75
C ILE A 429 -24.32 -5.23 38.56
N GLN A 430 -24.51 -6.00 39.62
CA GLN A 430 -25.26 -7.25 39.45
C GLN A 430 -26.76 -7.00 39.31
N ALA A 431 -27.27 -5.89 39.84
CA ALA A 431 -28.64 -5.50 39.54
C ALA A 431 -28.81 -5.17 38.06
N GLN A 432 -27.83 -4.47 37.49
CA GLN A 432 -27.84 -4.17 36.06
C GLN A 432 -27.83 -5.46 35.26
N ALA A 433 -27.02 -6.43 35.71
CA ALA A 433 -27.01 -7.75 35.07
C ALA A 433 -28.37 -8.43 35.20
N ILE A 434 -29.04 -8.26 36.35
CA ILE A 434 -30.34 -8.87 36.57
C ILE A 434 -31.38 -8.28 35.62
N LEU A 435 -31.27 -6.98 35.33
CA LEU A 435 -32.20 -6.38 34.39
C LEU A 435 -32.00 -6.93 32.98
N ASP A 436 -30.75 -7.09 32.55
CA ASP A 436 -30.45 -7.68 31.24
C ASP A 436 -30.71 -9.17 31.19
N MET A 437 -31.22 -9.76 32.26
CA MET A 437 -31.38 -11.20 32.34
C MET A 437 -32.50 -11.64 31.39
N GLN A 438 -32.18 -12.59 30.52
CA GLN A 438 -33.10 -13.00 29.46
C GLN A 438 -34.26 -13.83 30.02
N LEU A 439 -35.36 -13.87 29.28
CA LEU A 439 -36.50 -14.69 29.68
C LEU A 439 -36.20 -16.17 29.53
N ARG A 440 -35.49 -16.56 28.47
CA ARG A 440 -35.20 -17.97 28.24
C ARG A 440 -34.32 -18.56 29.33
N ARG A 441 -33.67 -17.71 30.12
CA ARG A 441 -32.90 -18.16 31.27
C ARG A 441 -33.77 -18.68 32.40
N LEU A 442 -35.09 -18.48 32.31
CA LEU A 442 -36.00 -18.94 33.36
C LEU A 442 -36.38 -20.41 33.23
N ALA A 443 -35.96 -21.08 32.16
CA ALA A 443 -36.17 -22.52 32.05
C ALA A 443 -35.33 -23.24 33.10
N ALA A 444 -35.86 -24.34 33.63
CA ALA A 444 -35.21 -25.03 34.74
C ALA A 444 -33.79 -25.46 34.39
N LEU A 445 -33.59 -25.95 33.17
CA LEU A 445 -32.25 -26.31 32.73
C LEU A 445 -31.32 -25.11 32.77
N GLU A 446 -31.83 -23.93 32.41
CA GLU A 446 -30.99 -22.73 32.43
C GLU A 446 -30.59 -22.33 33.84
N ARG A 447 -31.52 -22.40 34.79
CA ARG A 447 -31.17 -22.12 36.18
C ARG A 447 -30.16 -23.13 36.72
N GLN A 448 -30.35 -24.41 36.40
CA GLN A 448 -29.38 -25.42 36.85
C GLN A 448 -28.01 -25.16 36.24
N ARG A 449 -27.98 -24.79 34.95
CA ARG A 449 -26.72 -24.42 34.31
C ARG A 449 -26.11 -23.22 35.01
N ILE A 450 -26.94 -22.30 35.50
CA ILE A 450 -26.43 -21.12 36.20
C ILE A 450 -25.78 -21.52 37.52
N ILE A 451 -26.42 -22.39 38.29
CA ILE A 451 -25.81 -22.86 39.54
C ILE A 451 -24.49 -23.57 39.25
N ASP A 452 -24.50 -24.48 38.27
CA ASP A 452 -23.29 -25.25 37.99
C ASP A 452 -22.18 -24.37 37.43
N ASP A 453 -22.53 -23.34 36.65
CA ASP A 453 -21.55 -22.38 36.17
C ASP A 453 -20.94 -21.60 37.31
N LEU A 454 -21.75 -21.20 38.30
CA LEU A 454 -21.19 -20.54 39.47
C LEU A 454 -20.21 -21.46 40.19
N ALA A 455 -20.58 -22.73 40.35
CA ALA A 455 -19.68 -23.68 41.00
C ALA A 455 -18.37 -23.84 40.23
N LYS A 456 -18.46 -23.98 38.91
CA LYS A 456 -17.26 -24.14 38.10
C LYS A 456 -16.38 -22.89 38.15
N ILE A 457 -16.98 -21.71 38.13
CA ILE A 457 -16.19 -20.49 38.19
C ILE A 457 -15.49 -20.37 39.55
N GLU A 458 -16.17 -20.77 40.62
CA GLU A 458 -15.52 -20.77 41.93
C GLU A 458 -14.34 -21.75 41.97
N ALA A 459 -14.52 -22.93 41.36
CA ALA A 459 -13.42 -23.89 41.30
C ALA A 459 -12.25 -23.32 40.51
N GLU A 460 -12.53 -22.65 39.39
CA GLU A 460 -11.46 -22.06 38.60
C GLU A 460 -10.76 -20.93 39.35
N ILE A 461 -11.52 -20.15 40.13
CA ILE A 461 -10.90 -19.12 40.96
C ILE A 461 -9.94 -19.75 41.97
N ALA A 462 -10.37 -20.84 42.60
CA ALA A 462 -9.50 -21.52 43.56
C ALA A 462 -8.23 -22.04 42.88
N ASP A 463 -8.40 -22.64 41.70
CA ASP A 463 -7.24 -23.16 40.97
C ASP A 463 -6.28 -22.04 40.58
N LEU A 464 -6.81 -20.91 40.11
CA LEU A 464 -5.97 -19.79 39.71
C LEU A 464 -5.25 -19.19 40.90
N GLU A 465 -5.93 -19.10 42.05
CA GLU A 465 -5.26 -18.61 43.25
C GLU A 465 -4.14 -19.55 43.66
N ASP A 466 -4.37 -20.86 43.58
CA ASP A 466 -3.32 -21.82 43.88
C ASP A 466 -2.13 -21.65 42.94
N ILE A 467 -2.40 -21.44 41.65
CA ILE A 467 -1.32 -21.24 40.68
C ILE A 467 -0.53 -19.98 41.01
N LEU A 468 -1.23 -18.89 41.32
CA LEU A 468 -0.54 -17.65 41.67
C LEU A 468 0.29 -17.80 42.95
N ALA A 469 -0.15 -18.67 43.86
CA ALA A 469 0.56 -18.83 45.12
C ALA A 469 1.88 -19.60 44.93
N LYS A 470 1.91 -20.57 44.02
CA LYS A 470 3.04 -21.48 43.91
C LYS A 470 3.82 -21.20 42.63
N PRO A 471 5.12 -20.89 42.71
CA PRO A 471 5.89 -20.70 41.48
C PRO A 471 6.24 -22.00 40.78
N GLU A 472 6.32 -23.11 41.51
CA GLU A 472 6.53 -24.40 40.87
C GLU A 472 5.39 -24.74 39.93
N ARG A 473 4.18 -24.32 40.27
CA ARG A 473 3.04 -24.56 39.39
C ARG A 473 3.20 -23.84 38.06
N GLN A 474 3.58 -22.56 38.09
CA GLN A 474 3.72 -21.82 36.83
C GLN A 474 4.93 -22.30 36.04
N ARG A 475 5.99 -22.73 36.73
CA ARG A 475 7.10 -23.36 36.03
C ARG A 475 6.65 -24.63 35.32
N GLY A 476 5.78 -25.41 35.97
CA GLY A 476 5.23 -26.58 35.32
C GLY A 476 4.38 -26.24 34.11
N ILE A 477 3.59 -25.16 34.20
CA ILE A 477 2.79 -24.73 33.05
C ILE A 477 3.70 -24.34 31.89
N VAL A 478 4.77 -23.60 32.18
CA VAL A 478 5.71 -23.21 31.13
C VAL A 478 6.33 -24.44 30.48
N ARG A 479 6.77 -25.39 31.30
CA ARG A 479 7.36 -26.60 30.76
C ARG A 479 6.37 -27.37 29.88
N ASP A 480 5.13 -27.49 30.34
CA ASP A 480 4.14 -28.26 29.59
C ASP A 480 3.79 -27.58 28.27
N GLU A 481 3.60 -26.25 28.29
CA GLU A 481 3.25 -25.56 27.05
C GLU A 481 4.40 -25.60 26.06
N LEU A 482 5.64 -25.45 26.53
CA LEU A 482 6.76 -25.46 25.60
C LEU A 482 7.00 -26.86 25.05
N ALA A 483 6.79 -27.89 25.88
CA ALA A 483 6.87 -29.26 25.39
C ALA A 483 5.81 -29.53 24.34
N GLU A 484 4.59 -29.02 24.55
CA GLU A 484 3.53 -29.16 23.56
C GLU A 484 3.93 -28.48 22.25
N ILE A 485 4.47 -27.26 22.35
CA ILE A 485 4.88 -26.53 21.15
C ILE A 485 5.94 -27.31 20.39
N VAL A 486 6.99 -27.76 21.11
CA VAL A 486 8.11 -28.45 20.41
C VAL A 486 7.58 -29.71 19.72
N ASP A 487 6.87 -30.56 20.45
CA ASP A 487 6.40 -31.85 19.86
C ASP A 487 5.60 -31.59 18.59
N ARG A 488 4.85 -30.48 18.54
CA ARG A 488 3.96 -30.23 17.36
C ARG A 488 4.72 -29.48 16.26
N HIS A 489 5.76 -28.72 16.62
CA HIS A 489 6.56 -28.01 15.64
C HIS A 489 8.04 -28.32 15.80
N GLY A 490 8.38 -29.60 15.92
CA GLY A 490 9.76 -30.04 16.00
C GLY A 490 10.24 -30.62 14.68
N ASP A 491 11.53 -30.47 14.41
CA ASP A 491 12.13 -31.00 13.21
C ASP A 491 13.56 -31.42 13.50
N ASP A 492 14.08 -32.32 12.67
CA ASP A 492 15.42 -32.86 12.85
C ASP A 492 16.47 -31.84 12.42
N ARG A 493 17.68 -32.02 12.95
CA ARG A 493 18.77 -31.10 12.67
C ARG A 493 19.28 -31.26 11.25
N ARG A 494 19.61 -30.13 10.62
CA ARG A 494 20.10 -30.11 9.24
C ARG A 494 21.61 -30.16 9.15
N THR A 495 22.29 -29.17 9.71
CA THR A 495 23.75 -29.09 9.60
C THR A 495 24.41 -30.05 10.57
N ARG A 496 25.37 -30.83 10.05
CA ARG A 496 26.07 -31.83 10.84
C ARG A 496 27.40 -31.27 11.31
N ILE A 497 27.61 -31.23 12.61
CA ILE A 497 28.86 -30.74 13.19
C ILE A 497 29.90 -31.85 13.14
N ILE A 498 31.04 -31.56 12.52
CA ILE A 498 32.13 -32.52 12.37
C ILE A 498 33.42 -31.88 12.87
N ALA A 499 34.44 -32.72 13.03
CA ALA A 499 35.72 -32.26 13.53
C ALA A 499 36.61 -31.75 12.40
N ILE A 500 37.69 -31.08 12.78
CA ILE A 500 38.65 -30.55 11.82
C ILE A 500 39.30 -31.67 11.02
N GLY B 440 24.85 26.72 -16.19
CA GLY B 440 25.17 25.48 -15.50
C GLY B 440 24.61 25.42 -14.10
N LEU B 441 23.36 25.02 -13.98
CA LEU B 441 22.66 24.92 -12.71
C LEU B 441 22.00 23.56 -12.61
N PRO B 442 21.77 23.06 -11.39
CA PRO B 442 21.12 21.75 -11.23
C PRO B 442 19.74 21.75 -11.87
N GLY B 443 19.37 20.59 -12.43
CA GLY B 443 18.11 20.50 -13.16
C GLY B 443 16.89 20.68 -12.28
N LYS B 444 16.92 20.10 -11.08
CA LYS B 444 15.76 20.10 -10.20
C LYS B 444 15.70 21.33 -9.29
N LEU B 445 16.67 22.23 -9.39
CA LEU B 445 16.63 23.45 -8.58
C LEU B 445 15.52 24.37 -9.06
N ALA B 446 14.78 24.94 -8.11
CA ALA B 446 13.76 25.95 -8.38
C ALA B 446 14.27 27.25 -7.79
N ASP B 447 14.81 28.12 -8.64
CA ASP B 447 15.48 29.32 -8.18
C ASP B 447 14.47 30.42 -7.86
N CYS B 448 14.99 31.50 -7.28
CA CYS B 448 14.17 32.66 -6.93
C CYS B 448 14.21 33.70 -8.04
N ARG B 449 13.34 34.70 -7.92
CA ARG B 449 13.33 35.81 -8.85
C ARG B 449 14.24 36.95 -8.41
N SER B 450 14.82 36.88 -7.22
CA SER B 450 15.73 37.91 -6.76
C SER B 450 17.04 37.84 -7.53
N THR B 451 17.63 39.01 -7.81
CA THR B 451 18.87 39.08 -8.57
C THR B 451 20.09 38.97 -7.65
N ASP B 452 20.21 39.89 -6.69
CA ASP B 452 21.36 39.91 -5.81
C ASP B 452 21.32 38.74 -4.83
N PRO B 453 22.49 38.30 -4.35
CA PRO B 453 22.51 37.18 -3.40
C PRO B 453 22.24 37.63 -1.97
N ARG B 454 22.40 38.93 -1.70
CA ARG B 454 22.24 39.45 -0.35
C ARG B 454 20.85 39.19 0.22
N LYS B 455 19.84 39.08 -0.63
CA LYS B 455 18.46 38.85 -0.21
C LYS B 455 17.90 37.59 -0.85
N SER B 456 18.66 36.50 -0.84
CA SER B 456 18.21 35.24 -1.39
C SER B 456 18.36 34.13 -0.36
N GLU B 457 17.63 33.04 -0.60
CA GLU B 457 17.60 31.91 0.32
C GLU B 457 17.51 30.62 -0.47
N LEU B 458 18.29 29.61 -0.06
CA LEU B 458 18.26 28.29 -0.67
C LEU B 458 17.81 27.30 0.39
N TYR B 459 16.58 26.79 0.25
CA TYR B 459 16.05 25.78 1.15
C TYR B 459 16.37 24.40 0.60
N VAL B 460 17.17 23.64 1.33
CA VAL B 460 17.59 22.31 0.90
C VAL B 460 16.65 21.29 1.52
N VAL B 461 15.92 20.55 0.68
CA VAL B 461 15.03 19.51 1.12
C VAL B 461 15.54 18.18 0.57
N GLU B 462 15.08 17.09 1.18
CA GLU B 462 15.60 15.76 0.87
C GLU B 462 14.67 14.95 -0.02
N GLY B 463 13.75 15.59 -0.72
CA GLY B 463 12.86 14.85 -1.60
C GLY B 463 11.99 15.75 -2.44
N ASP B 464 11.49 15.19 -3.54
CA ASP B 464 10.56 15.92 -4.39
C ASP B 464 9.20 16.08 -3.72
N SER B 465 8.79 15.12 -2.90
CA SER B 465 7.51 15.24 -2.21
C SER B 465 7.53 16.42 -1.24
N ALA B 466 8.63 16.58 -0.49
CA ALA B 466 8.77 17.75 0.37
C ALA B 466 9.09 19.01 -0.44
N GLY B 467 9.81 18.86 -1.55
CA GLY B 467 10.14 20.02 -2.37
C GLY B 467 8.92 20.66 -2.98
N GLY B 468 7.95 19.86 -3.41
CA GLY B 468 6.72 20.41 -3.95
C GLY B 468 5.96 21.23 -2.93
N SER B 469 5.85 20.70 -1.70
CA SER B 469 5.19 21.46 -0.64
C SER B 469 5.96 22.73 -0.31
N ALA B 470 7.29 22.66 -0.30
CA ALA B 470 8.08 23.85 0.01
C ALA B 470 7.92 24.92 -1.06
N LYS B 471 7.95 24.51 -2.34
CA LYS B 471 7.90 25.49 -3.42
C LYS B 471 6.49 26.02 -3.63
N SER B 472 5.47 25.23 -3.32
CA SER B 472 4.09 25.72 -3.43
C SER B 472 3.83 26.84 -2.43
N GLY B 473 4.37 26.70 -1.22
CA GLY B 473 4.10 27.67 -0.17
C GLY B 473 5.29 28.55 0.19
N ARG B 474 6.01 29.01 -0.81
CA ARG B 474 7.20 29.83 -0.59
C ARG B 474 6.99 31.24 -1.15
N ASP B 475 7.91 32.13 -0.78
CA ASP B 475 8.01 33.47 -1.38
C ASP B 475 8.97 33.35 -2.56
N SER B 476 8.42 33.04 -3.73
CA SER B 476 9.23 32.71 -4.89
C SER B 476 10.14 33.85 -5.32
N MET B 477 9.85 35.09 -4.91
CA MET B 477 10.71 36.20 -5.26
C MET B 477 12.05 36.14 -4.54
N PHE B 478 12.09 35.50 -3.38
CA PHE B 478 13.30 35.48 -2.55
C PHE B 478 13.83 34.09 -2.23
N GLN B 479 13.01 33.05 -2.28
CA GLN B 479 13.36 31.74 -1.74
C GLN B 479 13.49 30.71 -2.84
N ALA B 480 14.56 29.92 -2.78
CA ALA B 480 14.83 28.85 -3.72
C ALA B 480 14.71 27.49 -3.03
N ILE B 481 14.28 26.50 -3.79
CA ILE B 481 14.06 25.15 -3.28
C ILE B 481 14.96 24.19 -4.05
N LEU B 482 15.82 23.47 -3.33
CA LEU B 482 16.73 22.49 -3.92
C LEU B 482 16.43 21.11 -3.34
N PRO B 483 15.75 20.23 -4.07
CA PRO B 483 15.48 18.89 -3.55
C PRO B 483 16.68 17.96 -3.71
N LEU B 484 16.72 16.96 -2.84
CA LEU B 484 17.80 15.97 -2.78
C LEU B 484 17.21 14.58 -3.03
N ARG B 485 18.04 13.56 -2.83
CA ARG B 485 17.64 12.16 -3.02
C ARG B 485 17.67 11.39 -1.70
N GLY B 486 17.58 12.08 -0.58
CA GLY B 486 17.57 11.42 0.72
C GLY B 486 18.97 11.30 1.30
N LYS B 487 19.41 10.07 1.52
CA LYS B 487 20.76 9.84 2.05
C LYS B 487 21.81 10.28 1.05
N ILE B 488 22.67 11.20 1.47
CA ILE B 488 23.74 11.70 0.63
C ILE B 488 25.03 10.99 1.03
N ILE B 489 26.00 10.97 0.11
CA ILE B 489 27.26 10.27 0.35
C ILE B 489 27.93 10.81 1.62
N ASN B 490 28.72 9.95 2.26
CA ASN B 490 29.51 10.32 3.42
C ASN B 490 30.86 10.83 2.92
N VAL B 491 31.11 12.12 3.11
CA VAL B 491 32.36 12.73 2.66
C VAL B 491 33.52 12.20 3.49
N GLU B 492 33.30 11.98 4.79
CA GLU B 492 34.37 11.55 5.69
C GLU B 492 34.72 10.07 5.55
N LYS B 493 33.87 9.27 4.91
CA LYS B 493 34.10 7.84 4.74
C LYS B 493 34.18 7.47 3.27
N ALA B 494 34.78 8.32 2.46
CA ALA B 494 34.95 8.02 1.04
C ALA B 494 36.08 8.88 0.48
N ARG B 495 36.60 8.45 -0.66
CA ARG B 495 37.66 9.18 -1.33
C ARG B 495 37.12 10.40 -2.06
N ILE B 496 38.01 11.34 -2.35
CA ILE B 496 37.59 12.61 -2.95
C ILE B 496 36.99 12.39 -4.33
N ASP B 497 37.51 11.44 -5.09
CA ASP B 497 36.99 11.20 -6.44
C ASP B 497 35.54 10.76 -6.41
N ARG B 498 35.18 9.86 -5.50
CA ARG B 498 33.82 9.37 -5.45
C ARG B 498 32.86 10.45 -4.96
N VAL B 499 33.26 11.22 -3.94
CA VAL B 499 32.39 12.26 -3.41
C VAL B 499 32.30 13.42 -4.39
N LEU B 500 33.24 13.52 -5.32
CA LEU B 500 33.12 14.46 -6.43
C LEU B 500 32.46 13.83 -7.66
N LYS B 501 32.14 12.54 -7.61
CA LYS B 501 31.37 11.90 -8.66
C LYS B 501 29.87 11.84 -8.35
N ASN B 502 29.51 11.79 -7.07
CA ASN B 502 28.11 11.62 -6.68
C ASN B 502 27.27 12.80 -7.14
N THR B 503 26.03 12.52 -7.53
CA THR B 503 25.21 13.51 -8.23
C THR B 503 24.70 14.60 -7.29
N GLU B 504 24.26 14.23 -6.08
CA GLU B 504 23.61 15.21 -5.21
C GLU B 504 24.60 16.27 -4.73
N VAL B 505 25.83 15.88 -4.42
CA VAL B 505 26.83 16.86 -4.00
C VAL B 505 27.21 17.77 -5.17
N GLN B 506 27.27 17.22 -6.38
CA GLN B 506 27.46 18.08 -7.55
C GLN B 506 26.35 19.09 -7.70
N ALA B 507 25.09 18.65 -7.51
CA ALA B 507 23.97 19.58 -7.58
C ALA B 507 24.09 20.66 -6.52
N ILE B 508 24.50 20.28 -5.30
CA ILE B 508 24.61 21.25 -4.21
C ILE B 508 25.69 22.28 -4.54
N ILE B 509 26.85 21.84 -5.02
CA ILE B 509 27.94 22.78 -5.27
C ILE B 509 27.63 23.64 -6.49
N THR B 510 26.91 23.10 -7.48
CA THR B 510 26.55 23.92 -8.64
C THR B 510 25.48 24.96 -8.27
N ALA B 511 24.49 24.58 -7.47
CA ALA B 511 23.50 25.55 -7.00
C ALA B 511 24.15 26.62 -6.15
N LEU B 512 25.08 26.21 -5.27
CA LEU B 512 25.87 27.20 -4.54
C LEU B 512 26.80 27.96 -5.46
N GLY B 513 27.37 27.27 -6.45
CA GLY B 513 28.21 27.89 -7.46
C GLY B 513 29.65 28.08 -7.07
N THR B 514 29.98 27.92 -5.79
CA THR B 514 31.32 28.24 -5.30
C THR B 514 32.27 27.09 -5.61
N GLY B 515 33.49 27.16 -5.08
CA GLY B 515 34.46 26.09 -5.22
C GLY B 515 34.47 25.18 -4.01
N ILE B 516 35.39 24.20 -4.06
CA ILE B 516 35.59 23.26 -2.97
C ILE B 516 37.05 23.33 -2.54
N HIS B 517 37.28 23.27 -1.23
CA HIS B 517 38.62 23.29 -0.66
C HIS B 517 39.33 24.61 -0.97
N ASP B 518 40.48 24.53 -1.65
CA ASP B 518 41.31 25.71 -1.86
C ASP B 518 40.64 26.70 -2.81
N GLU B 519 39.95 26.21 -3.84
CA GLU B 519 39.36 27.07 -4.85
C GLU B 519 38.02 27.65 -4.44
N PHE B 520 37.71 27.68 -3.15
CA PHE B 520 36.47 28.28 -2.69
C PHE B 520 36.55 29.79 -2.82
N ASP B 521 35.47 30.40 -3.32
CA ASP B 521 35.37 31.85 -3.47
C ASP B 521 34.03 32.31 -2.92
N ILE B 522 34.07 33.16 -1.89
CA ILE B 522 32.83 33.63 -1.27
C ILE B 522 32.06 34.55 -2.19
N GLY B 523 32.75 35.30 -3.05
CA GLY B 523 32.09 36.29 -3.90
C GLY B 523 31.16 35.70 -4.93
N LYS B 524 31.28 34.42 -5.24
CA LYS B 524 30.43 33.76 -6.23
C LYS B 524 29.11 33.29 -5.63
N LEU B 525 29.04 33.12 -4.31
CA LEU B 525 27.89 32.55 -3.62
C LEU B 525 26.57 33.08 -4.16
N ARG B 526 25.70 32.16 -4.59
CA ARG B 526 24.43 32.55 -5.19
C ARG B 526 23.42 32.97 -4.13
N TYR B 527 23.42 32.31 -2.97
CA TYR B 527 22.47 32.58 -1.91
C TYR B 527 23.22 32.86 -0.62
N HIS B 528 22.95 34.00 0.01
CA HIS B 528 23.57 34.35 1.28
C HIS B 528 22.90 33.68 2.47
N LYS B 529 22.07 32.67 2.23
CA LYS B 529 21.41 31.95 3.32
C LYS B 529 21.06 30.56 2.80
N ILE B 530 21.78 29.55 3.29
CA ILE B 530 21.51 28.15 2.95
C ILE B 530 20.83 27.53 4.15
N VAL B 531 19.55 27.22 4.02
CA VAL B 531 18.74 26.71 5.12
C VAL B 531 18.48 25.24 4.86
N LEU B 532 19.00 24.39 5.74
CA LEU B 532 18.73 22.96 5.70
C LEU B 532 17.43 22.69 6.44
N MET B 533 16.43 22.23 5.70
CA MET B 533 15.08 22.01 6.23
C MET B 533 14.72 20.54 6.02
N ALA B 534 14.98 19.74 7.05
CA ALA B 534 14.78 18.30 7.01
C ALA B 534 13.58 17.91 7.86
N ASP B 535 13.19 16.65 7.73
CA ASP B 535 12.05 16.15 8.48
C ASP B 535 12.38 16.01 9.96
N ALA B 536 11.33 15.85 10.77
CA ALA B 536 11.49 15.84 12.22
C ALA B 536 11.92 14.50 12.78
N ASP B 537 11.96 13.45 11.97
CA ASP B 537 12.35 12.14 12.47
C ASP B 537 13.87 12.05 12.62
N VAL B 538 14.35 10.90 13.07
CA VAL B 538 15.78 10.71 13.30
C VAL B 538 16.53 10.64 11.97
N ASP B 539 15.88 10.12 10.93
CA ASP B 539 16.52 10.06 9.61
C ASP B 539 16.78 11.45 9.06
N GLY B 540 15.87 12.39 9.33
CA GLY B 540 16.13 13.78 8.98
C GLY B 540 17.35 14.33 9.69
N GLN B 541 17.53 13.95 10.96
CA GLN B 541 18.72 14.36 11.69
C GLN B 541 19.97 13.73 11.09
N HIS B 542 19.89 12.48 10.65
CA HIS B 542 21.03 11.83 10.00
C HIS B 542 21.39 12.55 8.71
N ILE B 543 20.39 12.90 7.90
CA ILE B 543 20.66 13.61 6.66
C ILE B 543 21.24 14.99 6.93
N SER B 544 20.74 15.66 7.98
CA SER B 544 21.31 16.95 8.36
C SER B 544 22.76 16.80 8.78
N THR B 545 23.08 15.74 9.53
CA THR B 545 24.47 15.51 9.92
C THR B 545 25.36 15.25 8.71
N LEU B 546 24.86 14.47 7.75
CA LEU B 546 25.64 14.20 6.55
C LEU B 546 25.91 15.47 5.77
N LEU B 547 24.87 16.30 5.59
CA LEU B 547 25.04 17.55 4.86
C LEU B 547 25.96 18.51 5.59
N LEU B 548 25.85 18.58 6.92
CA LEU B 548 26.74 19.44 7.68
C LEU B 548 28.18 18.97 7.59
N THR B 549 28.40 17.64 7.60
CA THR B 549 29.74 17.11 7.41
C THR B 549 30.29 17.48 6.05
N LEU B 550 29.47 17.33 5.00
CA LEU B 550 29.91 17.69 3.66
C LEU B 550 30.29 19.17 3.59
N LEU B 551 29.42 20.04 4.11
CA LEU B 551 29.70 21.47 4.09
C LEU B 551 30.96 21.80 4.87
N PHE B 552 31.13 21.20 6.05
CA PHE B 552 32.31 21.49 6.86
C PHE B 552 33.59 21.05 6.17
N ARG B 553 33.58 19.87 5.55
CA ARG B 553 34.79 19.37 4.92
C ARG B 553 35.04 19.98 3.55
N PHE B 554 34.04 20.62 2.95
CA PHE B 554 34.17 21.16 1.60
C PHE B 554 33.99 22.67 1.52
N MET B 555 33.08 23.24 2.31
CA MET B 555 32.78 24.68 2.32
C MET B 555 32.94 25.27 3.71
N ARG B 556 34.09 25.00 4.34
CA ARG B 556 34.29 25.46 5.74
C ARG B 556 33.96 26.96 5.85
N PRO B 557 34.47 27.86 4.97
CA PRO B 557 34.11 29.27 5.01
C PRO B 557 32.60 29.46 5.20
N LEU B 558 31.79 28.88 4.31
CA LEU B 558 30.31 29.01 4.40
C LEU B 558 29.89 28.88 5.87
N ILE B 559 30.47 27.92 6.59
CA ILE B 559 30.07 27.70 7.98
C ILE B 559 30.63 28.79 8.89
N GLU B 560 31.91 29.14 8.71
CA GLU B 560 32.53 30.05 9.68
C GLU B 560 32.04 31.48 9.48
N ASN B 561 31.54 31.80 8.30
CA ASN B 561 30.96 33.12 8.04
C ASN B 561 29.51 33.22 8.50
N GLY B 562 28.96 32.15 9.08
CA GLY B 562 27.60 32.16 9.57
C GLY B 562 26.56 32.29 8.47
N HIS B 563 26.74 31.52 7.40
CA HIS B 563 25.82 31.54 6.27
C HIS B 563 24.96 30.29 6.19
N VAL B 564 24.99 29.43 7.19
CA VAL B 564 24.26 28.17 7.17
C VAL B 564 23.26 28.15 8.32
N PHE B 565 22.01 27.78 8.00
CA PHE B 565 20.92 27.76 8.96
C PHE B 565 20.25 26.39 8.92
N LEU B 566 19.58 26.06 10.00
CA LEU B 566 18.79 24.84 10.12
C LEU B 566 17.36 25.22 10.48
N ALA B 567 16.40 24.54 9.87
CA ALA B 567 15.00 24.87 10.06
C ALA B 567 14.31 23.84 10.94
N GLN B 568 13.31 24.31 11.69
CA GLN B 568 12.52 23.47 12.60
C GLN B 568 11.08 23.46 12.11
N PRO B 569 10.67 22.43 11.36
CA PRO B 569 9.29 22.29 10.86
C PRO B 569 8.27 22.17 11.98
N LYS B 614 5.06 13.09 10.13
CA LYS B 614 6.32 12.37 10.25
C LYS B 614 7.31 12.86 9.19
N GLY B 615 6.80 13.64 8.24
CA GLY B 615 7.63 14.17 7.17
C GLY B 615 7.08 15.49 6.70
N LEU B 616 7.78 16.09 5.74
CA LEU B 616 7.38 17.37 5.20
C LEU B 616 6.48 17.25 3.98
N GLY B 617 6.28 16.03 3.46
CA GLY B 617 5.31 15.82 2.40
C GLY B 617 3.89 15.75 2.87
N GLU B 618 3.68 15.63 4.19
CA GLU B 618 2.35 15.65 4.77
C GLU B 618 1.89 17.05 5.14
N MET B 619 2.76 18.05 4.98
CA MET B 619 2.42 19.44 5.27
C MET B 619 2.04 20.14 3.97
N ASP B 620 0.89 20.80 3.96
CA ASP B 620 0.45 21.53 2.78
C ASP B 620 1.01 22.95 2.83
N ALA B 621 0.62 23.78 1.86
CA ALA B 621 1.31 25.06 1.64
C ALA B 621 1.10 26.03 2.79
N LYS B 622 -0.12 26.09 3.33
CA LYS B 622 -0.47 27.19 4.25
C LYS B 622 0.36 27.12 5.54
N GLU B 623 0.21 26.04 6.30
CA GLU B 623 0.90 25.98 7.58
C GLU B 623 2.41 25.86 7.41
N LEU B 624 2.86 25.19 6.34
CA LEU B 624 4.30 25.11 6.06
C LEU B 624 4.87 26.50 5.83
N TRP B 625 4.16 27.34 5.06
CA TRP B 625 4.57 28.73 4.92
C TRP B 625 4.53 29.45 6.27
N GLU B 626 3.50 29.17 7.07
CA GLU B 626 3.31 29.91 8.31
C GLU B 626 4.43 29.65 9.31
N THR B 627 4.93 28.41 9.39
CA THR B 627 5.91 28.09 10.42
C THR B 627 7.33 28.45 10.00
N THR B 628 7.78 27.94 8.85
CA THR B 628 9.18 28.02 8.46
C THR B 628 9.47 28.91 7.27
N MET B 629 8.56 28.99 6.30
CA MET B 629 8.83 29.76 5.10
C MET B 629 8.44 31.24 5.21
N ASP B 630 7.76 31.63 6.27
CA ASP B 630 7.45 33.05 6.44
C ASP B 630 8.61 33.75 7.13
N PRO B 631 9.34 34.64 6.45
CA PRO B 631 10.52 35.25 7.07
C PRO B 631 10.23 36.04 8.33
N SER B 632 9.04 36.63 8.43
CA SER B 632 8.76 37.53 9.56
C SER B 632 8.62 36.78 10.87
N VAL B 633 8.12 35.54 10.85
CA VAL B 633 7.79 34.81 12.05
C VAL B 633 8.66 33.57 12.24
N ARG B 634 9.35 33.13 11.18
CA ARG B 634 10.12 31.89 11.25
C ARG B 634 11.28 32.03 12.22
N VAL B 635 11.71 30.91 12.77
CA VAL B 635 12.85 30.82 13.67
C VAL B 635 13.79 29.76 13.13
N LEU B 636 15.06 30.13 12.93
CA LEU B 636 16.05 29.25 12.37
C LEU B 636 17.28 29.21 13.26
N ARG B 637 17.93 28.06 13.33
CA ARG B 637 19.12 27.88 14.14
C ARG B 637 20.36 28.10 13.26
N GLN B 638 21.15 29.11 13.59
CA GLN B 638 22.30 29.49 12.78
C GLN B 638 23.52 28.71 13.24
N VAL B 639 24.10 27.92 12.33
CA VAL B 639 25.28 27.13 12.66
C VAL B 639 26.45 28.05 12.92
N THR B 640 27.15 27.85 14.04
CA THR B 640 28.27 28.68 14.42
C THR B 640 29.44 27.81 14.88
N LEU B 641 30.64 28.36 14.79
CA LEU B 641 31.86 27.67 15.19
C LEU B 641 32.42 28.34 16.45
N ASP B 642 32.64 27.53 17.48
CA ASP B 642 33.30 28.02 18.70
C ASP B 642 34.80 27.73 18.64
N ASP B 643 35.17 26.46 18.49
CA ASP B 643 36.55 26.05 18.29
C ASP B 643 36.60 25.12 17.08
N ALA B 644 37.47 25.44 16.12
CA ALA B 644 37.57 24.62 14.92
C ALA B 644 38.18 23.25 15.22
N ALA B 645 39.17 23.21 16.12
CA ALA B 645 39.89 21.97 16.39
C ALA B 645 38.97 20.90 16.95
N ALA B 646 38.22 21.23 18.00
CA ALA B 646 37.25 20.30 18.54
C ALA B 646 36.20 19.94 17.50
N ALA B 647 35.88 20.88 16.61
CA ALA B 647 34.91 20.60 15.55
C ALA B 647 35.38 19.47 14.65
N ASP B 648 36.60 19.57 14.11
CA ASP B 648 37.03 18.50 13.21
C ASP B 648 37.33 17.23 13.97
N GLU B 649 37.74 17.33 15.23
CA GLU B 649 37.96 16.12 16.03
C GLU B 649 36.65 15.35 16.20
N LEU B 650 35.58 16.06 16.57
CA LEU B 650 34.28 15.41 16.71
C LEU B 650 33.80 14.87 15.38
N PHE B 651 33.99 15.64 14.30
CA PHE B 651 33.57 15.19 12.98
C PHE B 651 34.29 13.91 12.58
N SER B 652 35.58 13.80 12.91
CA SER B 652 36.35 12.61 12.58
C SER B 652 35.90 11.41 13.39
N ILE B 653 35.77 11.58 14.71
CA ILE B 653 35.42 10.42 15.54
C ILE B 653 33.95 10.04 15.38
N LEU B 654 33.15 10.90 14.75
CA LEU B 654 31.74 10.57 14.53
C LEU B 654 31.45 10.10 13.11
N MET B 655 32.21 10.55 12.13
CA MET B 655 32.00 10.18 10.74
C MET B 655 33.14 9.40 10.11
N GLY B 656 34.26 9.25 10.81
CA GLY B 656 35.40 8.55 10.26
C GLY B 656 35.17 7.05 10.17
N GLU B 657 36.28 6.32 10.07
CA GLU B 657 36.24 4.86 9.99
C GLU B 657 36.60 4.19 11.31
N ASP B 658 36.93 4.97 12.34
CA ASP B 658 37.29 4.44 13.65
C ASP B 658 36.01 4.11 14.40
N VAL B 659 35.54 2.86 14.29
CA VAL B 659 34.23 2.50 14.92
C VAL B 659 34.36 2.63 16.44
N ASP B 660 35.32 1.93 17.05
CA ASP B 660 35.50 1.97 18.52
C ASP B 660 35.29 3.40 19.04
N ALA B 661 36.03 4.37 18.49
CA ALA B 661 35.93 5.77 18.95
C ALA B 661 34.46 6.15 19.14
N ARG B 662 33.63 5.91 18.12
CA ARG B 662 32.23 6.31 18.19
C ARG B 662 31.43 5.37 19.09
N ARG B 663 31.83 4.10 19.19
CA ARG B 663 31.22 3.22 20.17
C ARG B 663 31.35 3.79 21.57
N SER B 664 32.58 4.13 21.95
CA SER B 664 32.81 4.74 23.26
C SER B 664 32.02 6.03 23.41
N PHE B 665 32.05 6.88 22.38
CA PHE B 665 31.38 8.18 22.44
C PHE B 665 29.89 8.01 22.70
N ILE B 666 29.22 7.16 21.92
CA ILE B 666 27.78 7.00 22.05
C ILE B 666 27.45 6.28 23.36
N THR B 667 28.33 5.40 23.83
CA THR B 667 28.05 4.73 25.09
C THR B 667 28.08 5.71 26.26
N ARG B 668 29.04 6.64 26.28
CA ARG B 668 29.07 7.54 27.42
C ARG B 668 28.10 8.70 27.27
N ASN B 669 27.80 9.14 26.05
CA ASN B 669 27.04 10.36 25.83
C ASN B 669 25.63 10.11 25.33
N ALA B 670 25.03 8.96 25.65
CA ALA B 670 23.64 8.71 25.29
C ALA B 670 22.75 8.87 26.53
N ILE C 14 -0.95 -29.80 -28.57
CA ILE C 14 -0.76 -28.54 -29.27
C ILE C 14 -1.98 -28.27 -30.17
N GLU C 15 -2.37 -27.00 -30.25
CA GLU C 15 -3.50 -26.60 -31.11
C GLU C 15 -3.08 -25.41 -31.97
N PRO C 16 -3.29 -25.44 -33.30
CA PRO C 16 -2.96 -24.30 -34.16
C PRO C 16 -3.95 -23.15 -33.89
N VAL C 17 -3.44 -21.92 -33.81
CA VAL C 17 -4.33 -20.74 -33.55
C VAL C 17 -4.16 -19.77 -34.72
N ASP C 18 -5.27 -19.33 -35.33
CA ASP C 18 -5.13 -18.35 -36.40
C ASP C 18 -4.67 -17.02 -35.82
N ILE C 19 -3.77 -16.34 -36.54
CA ILE C 19 -3.21 -15.09 -36.03
C ILE C 19 -4.28 -14.01 -35.99
N GLU C 20 -5.06 -13.87 -37.06
CA GLU C 20 -6.04 -12.80 -37.15
C GLU C 20 -7.17 -13.00 -36.14
N GLN C 21 -7.63 -14.25 -35.99
CA GLN C 21 -8.72 -14.51 -35.04
C GLN C 21 -8.30 -14.19 -33.62
N GLU C 22 -7.11 -14.66 -33.22
CA GLU C 22 -6.63 -14.39 -31.86
C GLU C 22 -6.39 -12.90 -31.65
N MET C 23 -5.80 -12.23 -32.65
CA MET C 23 -5.56 -10.80 -32.53
C MET C 23 -6.87 -10.03 -32.37
N GLN C 24 -7.87 -10.35 -33.20
CA GLN C 24 -9.15 -9.68 -33.12
C GLN C 24 -9.83 -9.94 -31.79
N ARG C 25 -9.82 -11.19 -31.32
CA ARG C 25 -10.48 -11.53 -30.07
C ARG C 25 -9.83 -10.81 -28.90
N SER C 26 -8.49 -10.88 -28.81
CA SER C 26 -7.79 -10.24 -27.70
C SER C 26 -7.98 -8.73 -27.72
N TYR C 27 -7.88 -8.11 -28.90
CA TYR C 27 -8.01 -6.66 -28.97
C TYR C 27 -9.45 -6.22 -28.70
N ILE C 28 -10.43 -6.99 -29.17
CA ILE C 28 -11.81 -6.67 -28.88
C ILE C 28 -12.08 -6.75 -27.39
N ASP C 29 -11.55 -7.79 -26.73
CA ASP C 29 -11.73 -7.91 -25.29
C ASP C 29 -11.10 -6.74 -24.55
N TYR C 30 -9.86 -6.40 -24.90
CA TYR C 30 -9.18 -5.28 -24.24
C TYR C 30 -9.92 -3.98 -24.48
N ALA C 31 -10.36 -3.74 -25.73
CA ALA C 31 -11.06 -2.50 -26.05
C ALA C 31 -12.38 -2.40 -25.31
N MET C 32 -13.15 -3.47 -25.27
CA MET C 32 -14.42 -3.44 -24.56
C MET C 32 -14.20 -3.21 -23.08
N SER C 33 -13.18 -3.85 -22.49
CA SER C 33 -12.90 -3.62 -21.08
C SER C 33 -12.53 -2.16 -20.82
N VAL C 34 -11.68 -1.59 -21.68
CA VAL C 34 -11.24 -0.21 -21.47
C VAL C 34 -12.40 0.76 -21.65
N ILE C 35 -13.30 0.48 -22.59
CA ILE C 35 -14.44 1.37 -22.81
C ILE C 35 -15.42 1.27 -21.65
N VAL C 36 -15.92 0.06 -21.39
CA VAL C 36 -16.99 -0.10 -20.41
C VAL C 36 -16.51 0.20 -19.00
N GLY C 37 -15.33 -0.29 -18.63
CA GLY C 37 -14.95 -0.19 -17.23
C GLY C 37 -13.58 0.38 -16.91
N ARG C 38 -13.03 1.23 -17.78
CA ARG C 38 -11.78 1.90 -17.45
C ARG C 38 -11.88 3.42 -17.47
N ALA C 39 -12.45 4.00 -18.53
CA ALA C 39 -12.32 5.45 -18.72
C ALA C 39 -13.65 6.15 -18.95
N LEU C 40 -14.61 5.45 -19.55
CA LEU C 40 -15.90 6.08 -19.85
C LEU C 40 -16.76 6.15 -18.60
N PRO C 41 -17.28 7.32 -18.24
CA PRO C 41 -18.10 7.42 -17.03
C PRO C 41 -19.47 6.79 -17.22
N GLU C 42 -20.09 6.46 -16.09
CA GLU C 42 -21.45 5.95 -16.06
C GLU C 42 -22.42 7.13 -16.04
N VAL C 43 -23.51 7.01 -16.80
CA VAL C 43 -24.44 8.14 -16.92
C VAL C 43 -25.15 8.40 -15.59
N ARG C 44 -25.50 7.33 -14.87
CA ARG C 44 -26.23 7.50 -13.62
C ARG C 44 -25.32 8.00 -12.50
N ASP C 45 -24.11 7.45 -12.42
CA ASP C 45 -23.20 7.81 -11.34
C ASP C 45 -22.26 8.95 -11.71
N GLY C 46 -21.83 9.04 -12.96
CA GLY C 46 -20.89 10.07 -13.35
C GLY C 46 -19.47 9.78 -12.94
N LEU C 47 -19.16 8.55 -12.56
CA LEU C 47 -17.86 8.17 -12.06
C LEU C 47 -17.31 6.99 -12.84
N LYS C 48 -16.01 6.96 -13.01
CA LYS C 48 -15.33 5.80 -13.57
C LYS C 48 -15.18 4.72 -12.50
N PRO C 49 -15.03 3.46 -12.91
CA PRO C 49 -14.97 2.38 -11.91
C PRO C 49 -13.90 2.56 -10.84
N VAL C 50 -12.75 3.13 -11.20
CA VAL C 50 -11.70 3.35 -10.21
C VAL C 50 -12.16 4.36 -9.17
N HIS C 51 -12.79 5.46 -9.61
CA HIS C 51 -13.28 6.47 -8.68
C HIS C 51 -14.37 5.90 -7.78
N ARG C 52 -15.29 5.12 -8.36
CA ARG C 52 -16.34 4.48 -7.58
C ARG C 52 -15.76 3.57 -6.52
N ARG C 53 -14.77 2.75 -6.91
CA ARG C 53 -14.16 1.81 -5.97
C ARG C 53 -13.41 2.54 -4.87
N VAL C 54 -12.68 3.61 -5.20
CA VAL C 54 -11.99 4.37 -4.17
C VAL C 54 -12.98 5.00 -3.21
N LEU C 55 -14.07 5.56 -3.74
CA LEU C 55 -15.08 6.18 -2.89
C LEU C 55 -15.70 5.16 -1.94
N TYR C 56 -16.09 4.00 -2.47
CA TYR C 56 -16.70 2.98 -1.63
C TYR C 56 -15.71 2.40 -0.64
N ALA C 57 -14.42 2.33 -0.99
CA ALA C 57 -13.41 1.87 -0.04
C ALA C 57 -13.25 2.85 1.10
N MET C 58 -13.21 4.15 0.80
CA MET C 58 -13.16 5.15 1.86
C MET C 58 -14.41 5.12 2.72
N PHE C 59 -15.55 4.76 2.13
CA PHE C 59 -16.82 4.76 2.88
C PHE C 59 -16.92 3.53 3.78
N ASP C 60 -16.68 2.34 3.22
CA ASP C 60 -16.80 1.11 3.99
C ASP C 60 -15.75 1.06 5.11
N SER C 61 -14.53 1.50 4.84
CA SER C 61 -13.49 1.49 5.84
C SER C 61 -13.67 2.57 6.89
N GLY C 62 -14.61 3.50 6.69
CA GLY C 62 -14.93 4.49 7.69
C GLY C 62 -14.23 5.82 7.55
N PHE C 63 -13.57 6.09 6.42
CA PHE C 63 -12.91 7.37 6.22
C PHE C 63 -13.96 8.37 5.77
N ARG C 64 -14.60 9.01 6.74
CA ARG C 64 -15.73 9.90 6.54
C ARG C 64 -15.49 11.19 7.30
N PRO C 65 -16.15 12.28 6.89
CA PRO C 65 -15.84 13.59 7.50
C PRO C 65 -16.10 13.67 8.99
N ASP C 66 -16.88 12.75 9.56
CA ASP C 66 -17.14 12.79 11.00
C ASP C 66 -15.86 12.61 11.79
N ARG C 67 -14.98 11.70 11.37
CA ARG C 67 -13.73 11.46 12.05
C ARG C 67 -12.58 12.11 11.28
N SER C 68 -11.35 11.85 11.71
CA SER C 68 -10.16 12.46 11.12
C SER C 68 -9.76 11.71 9.83
N HIS C 69 -8.68 12.18 9.22
CA HIS C 69 -8.21 11.63 7.96
C HIS C 69 -7.50 10.30 8.18
N ALA C 70 -7.28 9.59 7.08
CA ALA C 70 -6.54 8.32 7.09
C ALA C 70 -5.55 8.30 5.94
N LYS C 71 -4.44 7.60 6.15
CA LYS C 71 -3.37 7.54 5.16
C LYS C 71 -3.88 7.02 3.82
N SER C 72 -3.49 7.69 2.74
CA SER C 72 -3.96 7.30 1.41
C SER C 72 -3.44 5.92 1.02
N ALA C 73 -2.29 5.52 1.56
CA ALA C 73 -1.76 4.19 1.26
C ALA C 73 -2.72 3.10 1.75
N ARG C 74 -3.30 3.29 2.92
CA ARG C 74 -4.26 2.33 3.46
C ARG C 74 -5.47 2.19 2.52
N SER C 75 -6.01 3.33 2.08
CA SER C 75 -7.19 3.29 1.21
C SER C 75 -6.87 2.67 -0.15
N VAL C 76 -5.72 3.00 -0.71
CA VAL C 76 -5.29 2.37 -1.96
C VAL C 76 -5.13 0.87 -1.76
N ALA C 77 -4.66 0.46 -0.59
CA ALA C 77 -4.49 -0.97 -0.32
C ALA C 77 -5.84 -1.68 -0.24
N GLU C 78 -6.83 -1.08 0.43
CA GLU C 78 -8.14 -1.72 0.47
C GLU C 78 -8.75 -1.80 -0.93
N THR C 79 -8.60 -0.73 -1.71
CA THR C 79 -9.12 -0.74 -3.07
C THR C 79 -8.45 -1.82 -3.91
N MET C 80 -7.13 -1.97 -3.78
CA MET C 80 -6.40 -2.92 -4.61
C MET C 80 -6.68 -4.36 -4.18
N GLY C 81 -6.64 -4.62 -2.87
CA GLY C 81 -6.88 -5.98 -2.39
C GLY C 81 -8.31 -6.44 -2.57
N ASN C 82 -9.27 -5.53 -2.38
CA ASN C 82 -10.67 -5.92 -2.38
C ASN C 82 -11.34 -5.73 -3.74
N TYR C 83 -11.22 -4.54 -4.33
CA TYR C 83 -12.03 -4.17 -5.48
C TYR C 83 -11.24 -3.99 -6.77
N HIS C 84 -10.17 -3.21 -6.76
CA HIS C 84 -9.50 -2.79 -7.99
C HIS C 84 -8.18 -3.53 -8.17
N PRO C 85 -8.11 -4.55 -9.01
CA PRO C 85 -6.88 -5.35 -9.14
C PRO C 85 -5.88 -4.76 -10.13
N HIS C 86 -5.45 -3.53 -9.86
CA HIS C 86 -4.55 -2.82 -10.76
C HIS C 86 -3.48 -2.13 -9.93
N GLY C 87 -2.55 -1.47 -10.63
CA GLY C 87 -1.40 -0.91 -9.96
C GLY C 87 -1.78 0.19 -8.99
N ASP C 88 -0.98 0.32 -7.93
CA ASP C 88 -1.25 1.32 -6.91
C ASP C 88 -1.05 2.73 -7.44
N ALA C 89 -0.18 2.91 -8.43
CA ALA C 89 0.06 4.25 -8.98
C ALA C 89 -1.19 4.80 -9.64
N SER C 90 -1.90 3.97 -10.41
CA SER C 90 -3.13 4.42 -11.07
C SER C 90 -4.18 4.81 -10.06
N ILE C 91 -4.38 3.98 -9.02
CA ILE C 91 -5.39 4.26 -8.01
C ILE C 91 -5.05 5.53 -7.25
N TYR C 92 -3.77 5.69 -6.88
CA TYR C 92 -3.37 6.90 -6.17
C TYR C 92 -3.53 8.14 -7.04
N ASP C 93 -3.21 8.03 -8.34
CA ASP C 93 -3.38 9.17 -9.23
C ASP C 93 -4.85 9.56 -9.34
N SER C 94 -5.73 8.57 -9.46
CA SER C 94 -7.16 8.86 -9.50
C SER C 94 -7.64 9.51 -8.22
N LEU C 95 -7.17 9.01 -7.07
CA LEU C 95 -7.55 9.59 -5.79
C LEU C 95 -7.11 11.04 -5.69
N VAL C 96 -5.87 11.33 -6.10
CA VAL C 96 -5.36 12.69 -6.05
C VAL C 96 -6.14 13.60 -6.98
N ARG C 97 -6.50 13.10 -8.17
CA ARG C 97 -7.30 13.91 -9.08
C ARG C 97 -8.68 14.20 -8.50
N MET C 98 -9.28 13.21 -7.83
CA MET C 98 -10.54 13.43 -7.13
C MET C 98 -10.40 14.42 -5.98
N ALA C 99 -9.20 14.57 -5.42
CA ALA C 99 -8.96 15.51 -4.34
C ALA C 99 -8.43 16.85 -4.83
N GLN C 100 -8.49 17.11 -6.14
CA GLN C 100 -7.87 18.29 -6.72
C GLN C 100 -8.93 19.34 -7.01
N PRO C 101 -8.81 20.56 -6.46
CA PRO C 101 -9.81 21.60 -6.73
C PRO C 101 -9.80 22.09 -8.17
N TRP C 102 -8.60 22.33 -8.72
CA TRP C 102 -8.50 22.84 -10.08
C TRP C 102 -8.91 21.82 -11.12
N SER C 103 -9.02 20.55 -10.74
CA SER C 103 -9.42 19.50 -11.67
C SER C 103 -10.89 19.11 -11.54
N LEU C 104 -11.49 19.32 -10.37
CA LEU C 104 -12.87 18.94 -10.12
C LEU C 104 -13.64 20.18 -9.64
N ARG C 105 -14.79 20.42 -10.26
CA ARG C 105 -15.61 21.56 -9.85
C ARG C 105 -16.09 21.40 -8.41
N TYR C 106 -16.52 20.20 -8.04
CA TYR C 106 -16.83 19.85 -6.66
C TYR C 106 -15.99 18.65 -6.26
N PRO C 107 -14.90 18.85 -5.52
CA PRO C 107 -14.04 17.71 -5.15
C PRO C 107 -14.78 16.69 -4.33
N LEU C 108 -14.48 15.41 -4.59
CA LEU C 108 -15.13 14.29 -3.91
C LEU C 108 -14.32 13.73 -2.75
N VAL C 109 -13.04 14.08 -2.63
CA VAL C 109 -12.17 13.59 -1.57
C VAL C 109 -11.51 14.78 -0.90
N ASP C 110 -11.52 14.78 0.43
CA ASP C 110 -10.83 15.80 1.22
C ASP C 110 -9.45 15.28 1.58
N GLY C 111 -8.42 15.83 0.95
CA GLY C 111 -7.06 15.36 1.13
C GLY C 111 -6.25 16.31 1.97
N GLN C 112 -5.20 15.78 2.59
CA GLN C 112 -4.24 16.55 3.36
C GLN C 112 -2.84 16.08 2.98
N GLY C 113 -1.95 17.04 2.77
CA GLY C 113 -0.61 16.75 2.29
C GLY C 113 -0.27 17.56 1.05
N ASN C 114 0.41 16.94 0.10
CA ASN C 114 0.77 17.57 -1.17
C ASN C 114 0.11 16.76 -2.28
N PHE C 115 -1.04 17.24 -2.76
CA PHE C 115 -1.76 16.60 -3.84
C PHE C 115 -1.46 17.26 -5.19
N GLY C 116 -0.41 18.05 -5.27
CA GLY C 116 0.06 18.60 -6.53
C GLY C 116 -0.25 20.08 -6.65
N SER C 117 0.04 20.60 -7.83
CA SER C 117 -0.22 21.98 -8.20
C SER C 117 -0.75 21.99 -9.63
N PRO C 118 -1.39 23.08 -10.05
CA PRO C 118 -1.82 23.16 -11.46
C PRO C 118 -0.66 23.06 -12.44
N GLY C 119 0.54 23.44 -12.03
CA GLY C 119 1.70 23.37 -12.90
C GLY C 119 2.30 21.98 -13.02
N ASN C 120 3.63 21.90 -13.04
CA ASN C 120 4.34 20.65 -13.24
C ASN C 120 4.73 19.95 -11.94
N ASP C 121 4.36 20.51 -10.79
CA ASP C 121 4.68 19.87 -9.53
C ASP C 121 3.91 18.55 -9.41
N PRO C 122 4.55 17.48 -8.94
CA PRO C 122 3.86 16.22 -8.77
C PRO C 122 3.33 16.07 -7.35
N PRO C 123 2.30 15.24 -7.15
CA PRO C 123 1.79 15.02 -5.80
C PRO C 123 2.79 14.24 -4.96
N ALA C 124 2.68 14.41 -3.64
CA ALA C 124 3.53 13.67 -2.72
C ALA C 124 3.23 12.18 -2.82
N ALA C 125 4.08 11.39 -2.17
CA ALA C 125 3.95 9.94 -2.24
C ALA C 125 2.78 9.46 -1.41
N MET C 126 2.39 8.20 -1.63
CA MET C 126 1.24 7.61 -0.95
C MET C 126 1.42 7.61 0.56
N ARG C 127 2.66 7.55 1.04
CA ARG C 127 2.94 7.51 2.47
C ARG C 127 2.97 8.88 3.11
N TYR C 128 2.71 9.96 2.35
CA TYR C 128 2.72 11.31 2.89
C TYR C 128 1.36 11.99 2.89
N THR C 129 0.44 11.59 2.02
CA THR C 129 -0.85 12.23 1.90
C THR C 129 -1.91 11.35 2.54
N GLU C 130 -2.77 11.96 3.37
CA GLU C 130 -3.86 11.23 4.00
C GLU C 130 -5.19 11.89 3.62
N ALA C 131 -6.17 11.07 3.24
CA ALA C 131 -7.39 11.57 2.64
C ALA C 131 -8.62 10.90 3.23
N ARG C 132 -9.69 11.69 3.37
CA ARG C 132 -11.00 11.18 3.78
C ARG C 132 -12.05 11.61 2.77
N LEU C 133 -13.32 11.37 3.06
CA LEU C 133 -14.39 11.78 2.16
C LEU C 133 -14.84 13.20 2.47
N THR C 134 -15.71 13.71 1.61
CA THR C 134 -16.32 15.03 1.73
C THR C 134 -17.83 14.88 1.88
N PRO C 135 -18.51 15.90 2.41
CA PRO C 135 -19.97 15.80 2.53
C PRO C 135 -20.66 15.52 1.20
N LEU C 136 -20.17 16.09 0.09
CA LEU C 136 -20.70 15.76 -1.21
C LEU C 136 -20.49 14.29 -1.54
N ALA C 137 -19.37 13.72 -1.12
CA ALA C 137 -19.15 12.29 -1.30
C ALA C 137 -20.14 11.48 -0.46
N MET C 138 -20.54 12.01 0.69
CA MET C 138 -21.55 11.33 1.49
C MET C 138 -22.92 11.38 0.83
N GLU C 139 -23.24 12.50 0.18
CA GLU C 139 -24.44 12.53 -0.66
C GLU C 139 -24.31 11.55 -1.83
N MET C 140 -23.09 11.35 -2.33
CA MET C 140 -22.88 10.36 -3.37
C MET C 140 -23.17 8.95 -2.86
N LEU C 141 -22.77 8.65 -1.63
CA LEU C 141 -22.92 7.33 -1.03
C LEU C 141 -24.02 7.32 0.02
N ARG C 142 -25.09 8.07 -0.21
CA ARG C 142 -26.18 8.17 0.76
C ARG C 142 -27.08 6.96 0.66
N GLU C 143 -27.25 6.26 1.79
CA GLU C 143 -28.19 5.13 1.89
C GLU C 143 -27.87 4.04 0.88
N ILE C 144 -26.56 3.79 0.68
CA ILE C 144 -26.14 2.72 -0.21
C ILE C 144 -26.43 1.35 0.40
N ASP C 145 -26.36 1.26 1.72
CA ASP C 145 -26.58 0.00 2.43
C ASP C 145 -28.05 -0.40 2.48
N GLU C 146 -28.96 0.48 2.07
CA GLU C 146 -30.40 0.21 2.10
C GLU C 146 -30.90 -0.42 0.81
N GLU C 147 -30.04 -1.17 0.11
CA GLU C 147 -30.39 -1.83 -1.15
C GLU C 147 -30.85 -0.84 -2.21
N THR C 148 -30.38 0.41 -2.12
CA THR C 148 -30.69 1.39 -3.15
C THR C 148 -30.07 1.01 -4.49
N VAL C 149 -28.84 0.49 -4.45
CA VAL C 149 -28.09 0.18 -5.66
C VAL C 149 -27.73 -1.29 -5.66
N ASP C 150 -27.44 -1.81 -6.85
CA ASP C 150 -27.08 -3.21 -7.00
C ASP C 150 -25.66 -3.46 -6.52
N PHE C 151 -25.38 -4.71 -6.17
CA PHE C 151 -24.08 -5.13 -5.69
C PHE C 151 -23.63 -6.37 -6.45
N ILE C 152 -22.32 -6.52 -6.60
CA ILE C 152 -21.73 -7.64 -7.34
C ILE C 152 -20.51 -8.14 -6.58
N PRO C 153 -20.17 -9.42 -6.74
CA PRO C 153 -18.93 -9.91 -6.14
C PRO C 153 -17.72 -9.29 -6.82
N ASN C 154 -16.65 -9.18 -6.05
CA ASN C 154 -15.41 -8.58 -6.55
C ASN C 154 -14.71 -9.54 -7.50
N TYR C 155 -13.48 -9.19 -7.91
CA TYR C 155 -12.81 -9.96 -8.95
C TYR C 155 -12.53 -11.38 -8.52
N ASP C 156 -12.12 -11.58 -7.27
CA ASP C 156 -11.91 -12.93 -6.75
C ASP C 156 -13.15 -13.51 -6.09
N GLY C 157 -14.26 -12.77 -6.08
CA GLY C 157 -15.51 -13.26 -5.51
C GLY C 157 -15.49 -13.47 -4.02
N ARG C 158 -14.91 -12.53 -3.27
CA ARG C 158 -14.84 -12.62 -1.82
C ARG C 158 -15.73 -11.61 -1.10
N VAL C 159 -15.82 -10.39 -1.62
CA VAL C 159 -16.60 -9.32 -1.00
C VAL C 159 -17.53 -8.74 -2.05
N GLN C 160 -18.45 -7.88 -1.60
CA GLN C 160 -19.45 -7.27 -2.47
C GLN C 160 -19.12 -5.79 -2.66
N GLU C 161 -19.26 -5.32 -3.90
CA GLU C 161 -19.04 -3.93 -4.26
C GLU C 161 -20.20 -3.42 -5.10
N PRO C 162 -20.52 -2.13 -5.00
CA PRO C 162 -21.67 -1.59 -5.73
C PRO C 162 -21.33 -1.34 -7.20
N THR C 163 -22.26 -1.71 -8.09
CA THR C 163 -22.09 -1.40 -9.50
C THR C 163 -22.17 0.10 -9.74
N VAL C 164 -23.08 0.78 -9.04
CA VAL C 164 -23.31 2.21 -9.20
C VAL C 164 -23.52 2.81 -7.82
N LEU C 165 -23.04 4.04 -7.61
CA LEU C 165 -23.30 4.75 -6.38
C LEU C 165 -24.70 5.34 -6.41
N PRO C 166 -25.29 5.61 -5.24
CA PRO C 166 -26.64 6.22 -5.23
C PRO C 166 -26.73 7.53 -5.99
N SER C 167 -25.70 8.37 -5.91
CA SER C 167 -25.58 9.58 -6.73
C SER C 167 -26.79 10.49 -6.55
N ARG C 168 -26.91 11.01 -5.33
CA ARG C 168 -28.05 11.85 -4.98
C ARG C 168 -27.98 13.25 -5.60
N PHE C 169 -26.88 13.59 -6.28
CA PHE C 169 -26.78 14.82 -7.04
C PHE C 169 -26.10 14.51 -8.36
N PRO C 170 -26.33 15.32 -9.42
CA PRO C 170 -25.81 14.97 -10.75
C PRO C 170 -24.30 15.20 -10.90
N ASN C 171 -23.54 14.19 -10.47
CA ASN C 171 -22.08 14.30 -10.44
C ASN C 171 -21.50 14.40 -11.84
N LEU C 172 -22.08 13.69 -12.81
CA LEU C 172 -21.53 13.66 -14.16
C LEU C 172 -21.48 15.07 -14.77
N LEU C 173 -22.58 15.81 -14.63
CA LEU C 173 -22.61 17.16 -15.19
C LEU C 173 -21.99 18.18 -14.25
N ALA C 174 -22.03 17.93 -12.94
CA ALA C 174 -21.46 18.89 -11.99
C ALA C 174 -19.94 18.91 -12.05
N ASN C 175 -19.31 17.78 -12.35
CA ASN C 175 -17.85 17.69 -12.36
C ASN C 175 -17.27 17.34 -13.72
N GLY C 176 -18.04 16.71 -14.61
CA GLY C 176 -17.52 16.34 -15.92
C GLY C 176 -16.55 15.19 -15.84
N SER C 177 -16.38 14.47 -16.96
CA SER C 177 -15.47 13.33 -16.99
C SER C 177 -14.94 13.19 -18.40
N GLY C 178 -13.68 13.57 -18.60
CA GLY C 178 -12.98 13.36 -19.86
C GLY C 178 -12.00 12.20 -19.74
N GLY C 179 -12.04 11.32 -20.73
CA GLY C 179 -11.20 10.14 -20.69
C GLY C 179 -10.96 9.57 -22.07
N ILE C 180 -9.78 8.97 -22.24
CA ILE C 180 -9.36 8.38 -23.51
C ILE C 180 -9.60 6.88 -23.44
N ALA C 181 -10.29 6.34 -24.46
CA ALA C 181 -10.51 4.91 -24.57
C ALA C 181 -10.05 4.44 -25.94
N VAL C 182 -10.37 3.20 -26.28
CA VAL C 182 -10.00 2.64 -27.58
C VAL C 182 -11.10 2.97 -28.57
N GLY C 183 -10.74 3.63 -29.66
CA GLY C 183 -11.68 4.02 -30.68
C GLY C 183 -12.46 5.29 -30.37
N MET C 184 -12.70 5.59 -29.10
CA MET C 184 -13.46 6.78 -28.74
C MET C 184 -12.78 7.48 -27.57
N ALA C 185 -13.03 8.77 -27.47
CA ALA C 185 -12.58 9.56 -26.33
C ALA C 185 -13.71 10.51 -25.96
N THR C 186 -13.98 10.61 -24.66
CA THR C 186 -15.07 11.46 -24.17
C THR C 186 -14.50 12.68 -23.47
N ASN C 187 -15.27 13.76 -23.51
CA ASN C 187 -14.93 14.99 -22.81
C ASN C 187 -16.22 15.69 -22.42
N ILE C 188 -16.44 15.85 -21.12
CA ILE C 188 -17.63 16.51 -20.59
C ILE C 188 -17.17 17.62 -19.65
N PRO C 189 -17.64 18.85 -19.83
CA PRO C 189 -17.19 19.95 -19.00
C PRO C 189 -18.00 20.03 -17.71
N PRO C 190 -17.40 20.55 -16.64
CA PRO C 190 -18.16 20.75 -15.40
C PRO C 190 -19.17 21.87 -15.52
N HIS C 191 -20.19 21.81 -14.67
CA HIS C 191 -21.28 22.78 -14.66
C HIS C 191 -21.46 23.33 -13.25
N ASN C 192 -22.53 24.09 -13.06
CA ASN C 192 -22.89 24.65 -11.76
C ASN C 192 -24.00 23.82 -11.14
N LEU C 193 -23.93 23.63 -9.83
CA LEU C 193 -24.90 22.77 -9.16
C LEU C 193 -26.28 23.38 -9.15
N ARG C 194 -26.38 24.70 -9.02
CA ARG C 194 -27.69 25.36 -8.99
C ARG C 194 -28.40 25.26 -10.33
N GLU C 195 -27.69 25.47 -11.43
CA GLU C 195 -28.30 25.35 -12.75
C GLU C 195 -28.75 23.93 -13.04
N LEU C 196 -27.93 22.95 -12.66
CA LEU C 196 -28.33 21.55 -12.81
C LEU C 196 -29.54 21.24 -11.95
N ALA C 197 -29.59 21.81 -10.74
CA ALA C 197 -30.75 21.63 -9.89
C ALA C 197 -32.01 22.16 -10.57
N ASP C 198 -31.92 23.35 -11.17
CA ASP C 198 -33.08 23.91 -11.86
C ASP C 198 -33.50 23.02 -13.03
N ALA C 199 -32.54 22.50 -13.79
CA ALA C 199 -32.87 21.63 -14.90
C ALA C 199 -33.56 20.36 -14.45
N VAL C 200 -33.05 19.74 -13.37
CA VAL C 200 -33.67 18.51 -12.87
C VAL C 200 -35.03 18.80 -12.26
N PHE C 201 -35.20 19.97 -11.64
CA PHE C 201 -36.50 20.34 -11.11
C PHE C 201 -37.52 20.47 -12.24
N TRP C 202 -37.13 21.13 -13.34
CA TRP C 202 -38.02 21.23 -14.48
C TRP C 202 -38.33 19.84 -15.03
N ALA C 203 -37.33 18.96 -15.09
CA ALA C 203 -37.56 17.60 -15.58
C ALA C 203 -38.54 16.84 -14.70
N LEU C 204 -38.44 17.01 -13.38
CA LEU C 204 -39.33 16.32 -12.46
C LEU C 204 -40.77 16.83 -12.58
N GLU C 205 -40.94 18.16 -12.56
CA GLU C 205 -42.28 18.72 -12.69
C GLU C 205 -42.89 18.39 -14.05
N ASN C 206 -42.13 18.58 -15.12
CA ASN C 206 -42.63 18.30 -16.47
C ASN C 206 -42.19 16.91 -16.93
N HIS C 207 -42.60 15.90 -16.16
CA HIS C 207 -42.17 14.53 -16.43
C HIS C 207 -42.78 13.96 -17.70
N ASP C 208 -43.81 14.60 -18.25
CA ASP C 208 -44.47 14.12 -19.46
C ASP C 208 -44.04 14.88 -20.71
N ALA C 209 -43.03 15.74 -20.60
CA ALA C 209 -42.61 16.55 -21.74
C ALA C 209 -41.89 15.69 -22.76
N ASP C 210 -41.92 16.16 -24.01
CA ASP C 210 -41.24 15.48 -25.11
C ASP C 210 -39.76 15.83 -25.12
N GLU C 211 -39.04 15.29 -26.10
CA GLU C 211 -37.60 15.51 -26.17
C GLU C 211 -37.27 16.96 -26.52
N GLU C 212 -38.01 17.56 -27.46
CA GLU C 212 -37.69 18.90 -27.92
C GLU C 212 -37.93 19.94 -26.83
N GLU C 213 -39.09 19.87 -26.16
CA GLU C 213 -39.38 20.84 -25.11
C GLU C 213 -38.45 20.68 -23.93
N THR C 214 -38.13 19.44 -23.57
CA THR C 214 -37.16 19.20 -22.50
C THR C 214 -35.81 19.80 -22.85
N LEU C 215 -35.35 19.59 -24.09
CA LEU C 215 -34.06 20.13 -24.51
C LEU C 215 -34.07 21.64 -24.48
N ALA C 216 -35.14 22.27 -24.98
CA ALA C 216 -35.22 23.72 -24.95
C ALA C 216 -35.20 24.25 -23.53
N ALA C 217 -35.98 23.63 -22.64
CA ALA C 217 -36.04 24.10 -21.26
C ALA C 217 -34.69 23.95 -20.56
N VAL C 218 -34.04 22.80 -20.72
CA VAL C 218 -32.77 22.58 -20.03
C VAL C 218 -31.69 23.49 -20.61
N MET C 219 -31.73 23.75 -21.92
CA MET C 219 -30.81 24.71 -22.51
C MET C 219 -31.03 26.09 -21.92
N GLY C 220 -32.29 26.47 -21.70
CA GLY C 220 -32.56 27.71 -21.01
C GLY C 220 -32.07 27.75 -19.59
N ARG C 221 -32.09 26.59 -18.91
CA ARG C 221 -31.75 26.57 -17.48
C ARG C 221 -30.25 26.75 -17.25
N VAL C 222 -29.40 26.10 -18.05
CA VAL C 222 -27.95 26.16 -17.88
C VAL C 222 -27.39 27.12 -18.93
N LYS C 223 -26.66 28.12 -18.45
CA LYS C 223 -26.02 29.06 -19.37
C LYS C 223 -24.91 28.38 -20.16
N GLY C 224 -24.12 27.55 -19.50
CA GLY C 224 -23.05 26.84 -20.14
C GLY C 224 -22.15 26.14 -19.13
N PRO C 225 -21.07 25.52 -19.61
CA PRO C 225 -20.16 24.83 -18.70
C PRO C 225 -19.53 25.78 -17.71
N ASP C 226 -19.27 25.27 -16.51
CA ASP C 226 -18.66 26.05 -15.43
C ASP C 226 -17.41 25.30 -14.97
N PHE C 227 -16.26 25.94 -15.14
CA PHE C 227 -14.99 25.30 -14.89
C PHE C 227 -14.42 25.72 -13.55
N PRO C 228 -13.74 24.82 -12.84
CA PRO C 228 -13.18 25.19 -11.53
C PRO C 228 -12.12 26.27 -11.60
N THR C 229 -11.49 26.45 -12.76
CA THR C 229 -10.48 27.49 -12.93
C THR C 229 -11.08 28.84 -13.28
N ALA C 230 -12.41 28.93 -13.38
CA ALA C 230 -13.13 30.13 -13.79
C ALA C 230 -12.75 30.52 -15.21
N GLY C 231 -12.49 31.80 -15.45
CA GLY C 231 -12.13 32.25 -16.77
C GLY C 231 -13.27 32.85 -17.55
N LEU C 232 -13.25 32.69 -18.87
CA LEU C 232 -14.26 33.24 -19.74
C LEU C 232 -14.63 32.22 -20.80
N ILE C 233 -15.86 32.30 -21.29
CA ILE C 233 -16.32 31.55 -22.45
C ILE C 233 -16.88 32.55 -23.43
N VAL C 234 -16.19 32.75 -24.56
CA VAL C 234 -16.61 33.70 -25.57
C VAL C 234 -17.46 32.95 -26.60
N GLY C 235 -18.55 33.57 -27.03
CA GLY C 235 -19.47 32.94 -27.94
C GLY C 235 -20.41 31.98 -27.26
N SER C 236 -21.40 31.53 -28.02
CA SER C 236 -22.37 30.55 -27.54
C SER C 236 -22.66 29.44 -28.53
N GLN C 237 -22.11 29.52 -29.75
CA GLN C 237 -22.40 28.48 -30.75
C GLN C 237 -21.81 27.15 -30.34
N GLY C 238 -20.60 27.14 -29.78
CA GLY C 238 -20.00 25.89 -29.36
C GLY C 238 -20.78 25.23 -28.24
N THR C 239 -21.14 26.00 -27.22
CA THR C 239 -21.92 25.45 -26.11
C THR C 239 -23.28 24.96 -26.57
N ALA C 240 -23.97 25.74 -27.40
CA ALA C 240 -25.27 25.32 -27.90
C ALA C 240 -25.16 24.05 -28.73
N ASP C 241 -24.19 23.99 -29.64
CA ASP C 241 -24.03 22.80 -30.47
C ASP C 241 -23.67 21.58 -29.62
N ALA C 242 -22.88 21.78 -28.57
CA ALA C 242 -22.59 20.70 -27.64
C ALA C 242 -23.85 20.20 -26.96
N TYR C 243 -24.72 21.12 -26.54
CA TYR C 243 -25.90 20.71 -25.80
C TYR C 243 -26.93 20.02 -26.71
N LYS C 244 -26.99 20.42 -27.99
CA LYS C 244 -27.95 19.74 -28.88
C LYS C 244 -27.39 18.52 -29.58
N THR C 245 -26.06 18.34 -29.61
CA THR C 245 -25.52 17.21 -30.36
C THR C 245 -24.53 16.39 -29.53
N GLY C 246 -23.89 17.02 -28.56
CA GLY C 246 -22.86 16.40 -27.77
C GLY C 246 -21.45 16.70 -28.22
N ARG C 247 -21.27 17.04 -29.50
CA ARG C 247 -19.97 17.36 -30.05
C ARG C 247 -19.93 18.86 -30.34
N GLY C 248 -19.14 19.59 -29.56
CA GLY C 248 -19.00 21.02 -29.74
C GLY C 248 -17.58 21.50 -29.56
N SER C 249 -17.39 22.80 -29.38
CA SER C 249 -16.06 23.37 -29.17
C SER C 249 -16.23 24.67 -28.38
N ILE C 250 -15.96 24.60 -27.07
CA ILE C 250 -16.18 25.73 -26.18
C ILE C 250 -14.87 26.50 -26.06
N ARG C 251 -14.82 27.69 -26.63
CA ARG C 251 -13.59 28.47 -26.64
C ARG C 251 -13.44 29.19 -25.30
N MET C 252 -12.48 28.76 -24.49
CA MET C 252 -12.20 29.47 -23.25
C MET C 252 -11.08 30.48 -23.47
N ARG C 253 -11.08 31.50 -22.64
CA ARG C 253 -10.04 32.52 -22.67
C ARG C 253 -9.72 32.93 -21.25
N GLY C 254 -8.43 33.04 -20.93
CA GLY C 254 -8.01 33.46 -19.61
C GLY C 254 -8.26 34.93 -19.39
N VAL C 255 -8.12 35.33 -18.13
CA VAL C 255 -8.36 36.71 -17.72
C VAL C 255 -7.03 37.46 -17.83
N VAL C 256 -7.04 38.56 -18.60
CA VAL C 256 -5.87 39.39 -18.81
C VAL C 256 -6.23 40.82 -18.42
N GLU C 257 -5.34 41.46 -17.67
CA GLU C 257 -5.53 42.83 -17.24
C GLU C 257 -4.28 43.64 -17.58
N VAL C 258 -4.46 44.94 -17.77
CA VAL C 258 -3.36 45.85 -18.09
C VAL C 258 -3.14 46.78 -16.90
N GLU C 259 -1.88 46.95 -16.52
CA GLU C 259 -1.50 47.79 -15.40
C GLU C 259 -0.33 48.68 -15.80
N GLU C 260 -0.23 49.83 -15.14
CA GLU C 260 0.82 50.79 -15.40
C GLU C 260 1.92 50.68 -14.36
N ASP C 261 3.08 51.26 -14.67
CA ASP C 261 4.22 51.27 -13.76
C ASP C 261 4.63 52.72 -13.52
N SER C 262 5.36 52.92 -12.42
CA SER C 262 5.80 54.28 -12.06
C SER C 262 6.70 54.88 -13.13
N ARG C 263 7.36 54.04 -13.92
CA ARG C 263 8.21 54.50 -15.01
C ARG C 263 7.47 54.62 -16.33
N GLY C 264 6.14 54.45 -16.32
CA GLY C 264 5.34 54.50 -17.52
C GLY C 264 5.19 53.17 -18.23
N ARG C 265 5.83 52.11 -17.73
CA ARG C 265 5.74 50.80 -18.36
C ARG C 265 4.37 50.18 -18.14
N THR C 266 4.05 49.19 -18.97
CA THR C 266 2.82 48.42 -18.83
C THR C 266 3.16 46.95 -18.77
N SER C 267 2.31 46.17 -18.09
CA SER C 267 2.50 44.74 -17.94
C SER C 267 1.14 44.05 -17.91
N LEU C 268 0.98 43.03 -18.73
CA LEU C 268 -0.24 42.23 -18.74
C LEU C 268 -0.18 41.18 -17.63
N VAL C 269 -1.21 41.12 -16.81
CA VAL C 269 -1.31 40.15 -15.73
C VAL C 269 -2.38 39.13 -16.09
N ILE C 270 -1.94 37.89 -16.31
CA ILE C 270 -2.85 36.76 -16.52
C ILE C 270 -3.09 36.13 -15.16
N THR C 271 -4.28 36.36 -14.60
CA THR C 271 -4.66 35.79 -13.32
C THR C 271 -5.53 34.54 -13.47
N GLU C 272 -6.05 34.28 -14.67
CA GLU C 272 -6.87 33.11 -14.93
C GLU C 272 -6.53 32.54 -16.29
N LEU C 273 -6.56 31.22 -16.40
CA LEU C 273 -6.23 30.48 -17.60
C LEU C 273 -7.34 29.49 -17.91
N PRO C 274 -7.44 29.05 -19.16
CA PRO C 274 -8.50 28.09 -19.52
C PRO C 274 -8.34 26.73 -18.85
N TYR C 275 -9.31 25.85 -19.09
CA TYR C 275 -9.36 24.56 -18.43
C TYR C 275 -8.28 23.63 -18.96
N GLN C 276 -7.76 22.78 -18.08
CA GLN C 276 -6.78 21.75 -18.39
C GLN C 276 -5.49 22.31 -18.96
N VAL C 277 -5.26 23.62 -18.84
CA VAL C 277 -4.03 24.22 -19.32
C VAL C 277 -2.96 24.08 -18.25
N ASN C 278 -1.83 23.50 -18.62
CA ASN C 278 -0.76 23.22 -17.68
C ASN C 278 0.00 24.50 -17.38
N HIS C 279 0.03 24.89 -16.11
CA HIS C 279 0.89 25.98 -15.69
C HIS C 279 2.34 25.53 -15.74
N ASP C 280 3.26 26.50 -15.73
CA ASP C 280 4.69 26.25 -15.76
C ASP C 280 5.12 25.58 -17.06
N ASN C 281 4.16 25.33 -17.95
CA ASN C 281 4.42 25.00 -19.34
C ASN C 281 3.93 26.08 -20.29
N PHE C 282 2.86 26.78 -19.91
CA PHE C 282 2.45 27.98 -20.61
C PHE C 282 3.53 29.06 -20.52
N ILE C 283 4.14 29.19 -19.33
CA ILE C 283 5.17 30.21 -19.12
C ILE C 283 6.40 29.91 -19.96
N THR C 284 6.85 28.65 -19.95
CA THR C 284 8.00 28.29 -20.79
C THR C 284 7.66 28.38 -22.26
N SER C 285 6.41 28.12 -22.64
CA SER C 285 6.00 28.31 -24.03
C SER C 285 6.12 29.77 -24.42
N ILE C 286 5.66 30.68 -23.56
CA ILE C 286 5.80 32.11 -23.83
C ILE C 286 7.27 32.48 -23.95
N ALA C 287 8.09 31.97 -23.04
CA ALA C 287 9.52 32.28 -23.08
C ALA C 287 10.16 31.81 -24.38
N GLU C 288 9.83 30.61 -24.82
CA GLU C 288 10.43 30.08 -26.04
C GLU C 288 9.92 30.82 -27.28
N GLN C 289 8.64 31.23 -27.27
CA GLN C 289 8.13 32.01 -28.39
C GLN C 289 8.79 33.37 -28.46
N VAL C 290 9.08 33.97 -27.29
CA VAL C 290 9.81 35.23 -27.27
C VAL C 290 11.25 35.03 -27.76
N ARG C 291 11.88 33.93 -27.34
CA ARG C 291 13.26 33.68 -27.73
C ARG C 291 13.39 33.50 -29.24
N ASP C 292 12.58 32.60 -29.82
CA ASP C 292 12.59 32.45 -31.27
C ASP C 292 12.03 33.70 -31.94
N GLY C 293 10.90 34.20 -31.43
CA GLY C 293 10.27 35.41 -31.90
C GLY C 293 9.03 35.11 -32.71
N LYS C 294 7.88 35.10 -32.03
CA LYS C 294 6.56 35.01 -32.65
C LYS C 294 5.61 36.06 -32.11
N LEU C 295 5.88 36.61 -30.92
CA LEU C 295 4.97 37.51 -30.23
C LEU C 295 5.67 38.81 -29.88
N ALA C 296 6.33 39.41 -30.87
CA ALA C 296 7.13 40.60 -30.65
C ALA C 296 6.32 41.67 -29.92
N GLY C 297 6.91 42.21 -28.87
CA GLY C 297 6.26 43.19 -28.03
C GLY C 297 6.48 42.92 -26.55
N ILE C 298 6.52 41.65 -26.18
CA ILE C 298 6.77 41.27 -24.79
C ILE C 298 8.26 41.38 -24.50
N SER C 299 8.59 42.05 -23.40
CA SER C 299 9.98 42.27 -23.01
C SER C 299 10.45 41.38 -21.88
N ASN C 300 9.59 41.09 -20.91
CA ASN C 300 10.00 40.20 -19.82
C ASN C 300 8.80 39.41 -19.32
N ILE C 301 9.10 38.26 -18.70
CA ILE C 301 8.10 37.35 -18.16
C ILE C 301 8.45 37.04 -16.72
N GLU C 302 7.45 37.07 -15.83
CA GLU C 302 7.65 36.70 -14.44
C GLU C 302 6.42 35.99 -13.92
N ASP C 303 6.62 35.13 -12.93
CA ASP C 303 5.54 34.37 -12.30
C ASP C 303 5.46 34.83 -10.84
N GLN C 304 4.66 35.87 -10.61
CA GLN C 304 4.40 36.35 -9.26
C GLN C 304 3.39 35.48 -8.52
N SER C 305 3.04 34.32 -9.10
CA SER C 305 2.07 33.43 -8.49
C SER C 305 2.57 32.93 -7.13
N SER C 306 1.63 32.79 -6.19
CA SER C 306 1.96 32.31 -4.85
C SER C 306 0.72 31.64 -4.26
N ASP C 307 0.92 31.04 -3.08
CA ASP C 307 -0.20 30.42 -2.39
C ASP C 307 -1.19 31.44 -1.84
N ARG C 308 -0.80 32.70 -1.75
CA ARG C 308 -1.62 33.74 -1.14
C ARG C 308 -2.23 34.69 -2.16
N VAL C 309 -1.86 34.60 -3.44
CA VAL C 309 -2.38 35.49 -4.46
C VAL C 309 -2.94 34.69 -5.63
N GLY C 310 -2.71 33.38 -5.62
CA GLY C 310 -3.17 32.55 -6.71
C GLY C 310 -2.33 32.74 -7.96
N LEU C 311 -2.91 32.30 -9.08
CA LEU C 311 -2.22 32.38 -10.36
C LEU C 311 -2.01 33.84 -10.76
N ARG C 312 -0.78 34.17 -11.16
CA ARG C 312 -0.45 35.54 -11.57
C ARG C 312 0.78 35.48 -12.46
N ILE C 313 0.58 35.60 -13.77
CA ILE C 313 1.67 35.63 -14.74
C ILE C 313 1.78 37.05 -15.27
N VAL C 314 2.88 37.74 -14.97
CA VAL C 314 3.04 39.14 -15.33
C VAL C 314 4.06 39.22 -16.46
N ILE C 315 3.60 39.67 -17.62
CA ILE C 315 4.47 39.83 -18.79
C ILE C 315 4.54 41.32 -19.09
N GLU C 316 5.74 41.89 -18.97
CA GLU C 316 5.94 43.31 -19.19
C GLU C 316 6.39 43.56 -20.61
N ILE C 317 5.93 44.67 -21.17
CA ILE C 317 5.94 44.91 -22.60
C ILE C 317 6.85 46.08 -22.91
N LYS C 318 7.50 46.04 -24.08
CA LYS C 318 8.35 47.15 -24.50
C LYS C 318 7.51 48.40 -24.76
N ARG C 319 8.20 49.55 -24.84
CA ARG C 319 7.52 50.83 -24.89
C ARG C 319 6.68 50.98 -26.16
N ASP C 320 7.23 50.57 -27.30
CA ASP C 320 6.57 50.79 -28.59
C ASP C 320 5.61 49.66 -28.95
N ALA C 321 4.65 49.38 -28.07
CA ALA C 321 3.65 48.36 -28.33
C ALA C 321 2.33 48.74 -27.67
N VAL C 322 1.24 48.21 -28.22
CA VAL C 322 -0.11 48.44 -27.72
C VAL C 322 -0.54 47.21 -26.96
N ALA C 323 -1.15 47.41 -25.79
CA ALA C 323 -1.58 46.28 -24.97
C ALA C 323 -2.56 45.39 -25.71
N LYS C 324 -3.46 45.98 -26.50
CA LYS C 324 -4.48 45.20 -27.18
C LYS C 324 -3.87 44.26 -28.22
N VAL C 325 -2.87 44.74 -28.97
CA VAL C 325 -2.27 43.90 -30.00
C VAL C 325 -1.49 42.76 -29.39
N VAL C 326 -0.81 43.01 -28.25
CA VAL C 326 -0.10 41.94 -27.57
C VAL C 326 -1.08 40.93 -26.97
N ILE C 327 -2.20 41.43 -26.45
CA ILE C 327 -3.23 40.55 -25.90
C ILE C 327 -3.80 39.65 -27.00
N ASN C 328 -4.06 40.22 -28.17
CA ASN C 328 -4.56 39.41 -29.28
C ASN C 328 -3.51 38.42 -29.76
N ASN C 329 -2.23 38.82 -29.74
CA ASN C 329 -1.16 37.89 -30.10
C ASN C 329 -1.10 36.71 -29.13
N LEU C 330 -1.22 36.99 -27.83
CA LEU C 330 -1.27 35.93 -26.83
C LEU C 330 -2.46 35.01 -27.06
N TYR C 331 -3.63 35.60 -27.35
CA TYR C 331 -4.81 34.79 -27.62
C TYR C 331 -4.60 33.89 -28.82
N LYS C 332 -3.97 34.40 -29.87
CA LYS C 332 -3.85 33.65 -31.12
C LYS C 332 -2.75 32.62 -31.09
N HIS C 333 -1.66 32.85 -30.35
CA HIS C 333 -0.49 31.98 -30.44
C HIS C 333 -0.19 31.18 -29.20
N THR C 334 -0.58 31.63 -28.01
CA THR C 334 -0.29 30.92 -26.79
C THR C 334 -1.53 30.18 -26.29
N GLN C 335 -1.40 29.54 -25.14
CA GLN C 335 -2.48 28.80 -24.51
C GLN C 335 -3.42 29.69 -23.71
N LEU C 336 -3.26 31.01 -23.81
CA LEU C 336 -4.15 31.94 -23.12
C LEU C 336 -5.59 31.79 -23.58
N GLN C 337 -5.81 31.33 -24.81
CA GLN C 337 -7.14 31.01 -25.32
C GLN C 337 -7.08 29.62 -25.92
N THR C 338 -8.02 28.77 -25.54
CA THR C 338 -8.01 27.38 -25.97
C THR C 338 -9.45 26.96 -26.28
N SER C 339 -9.63 25.70 -26.66
CA SER C 339 -10.95 25.17 -26.96
C SER C 339 -11.16 23.83 -26.25
N PHE C 340 -12.37 23.65 -25.74
CA PHE C 340 -12.81 22.38 -25.16
C PHE C 340 -13.54 21.61 -26.25
N GLY C 341 -12.95 20.50 -26.69
CA GLY C 341 -13.58 19.66 -27.68
C GLY C 341 -14.59 18.75 -27.03
N ALA C 342 -15.70 19.32 -26.57
CA ALA C 342 -16.68 18.55 -25.81
C ALA C 342 -17.22 17.40 -26.64
N ASN C 343 -17.24 16.21 -26.05
CA ASN C 343 -17.82 15.02 -26.67
C ASN C 343 -18.61 14.32 -25.56
N MET C 344 -19.92 14.56 -25.54
CA MET C 344 -20.79 14.05 -24.48
C MET C 344 -21.01 12.56 -24.70
N LEU C 345 -19.97 11.78 -24.45
CA LEU C 345 -20.01 10.33 -24.56
C LEU C 345 -19.98 9.73 -23.16
N ALA C 346 -20.89 8.79 -22.92
CA ALA C 346 -21.00 8.18 -21.60
C ALA C 346 -21.58 6.78 -21.73
N ILE C 347 -21.48 6.03 -20.64
CA ILE C 347 -21.94 4.64 -20.60
C ILE C 347 -23.36 4.62 -20.08
N VAL C 348 -24.28 4.13 -20.91
CA VAL C 348 -25.67 3.92 -20.51
C VAL C 348 -25.96 2.43 -20.63
N ASP C 349 -26.43 1.82 -19.53
CA ASP C 349 -26.65 0.37 -19.41
C ASP C 349 -25.52 -0.45 -20.03
N GLY C 350 -24.28 0.03 -19.86
CA GLY C 350 -23.12 -0.70 -20.33
C GLY C 350 -22.78 -0.50 -21.79
N VAL C 351 -23.28 0.56 -22.42
CA VAL C 351 -23.07 0.81 -23.84
C VAL C 351 -22.57 2.24 -24.01
N PRO C 352 -21.56 2.48 -24.85
CA PRO C 352 -21.08 3.86 -25.06
C PRO C 352 -21.97 4.62 -26.03
N ARG C 353 -22.54 5.74 -25.59
CA ARG C 353 -23.44 6.52 -26.42
C ARG C 353 -23.16 8.01 -26.23
N THR C 354 -23.43 8.77 -27.28
CA THR C 354 -23.37 10.22 -27.21
C THR C 354 -24.76 10.74 -26.82
N LEU C 355 -24.79 11.76 -25.97
CA LEU C 355 -26.02 12.23 -25.37
C LEU C 355 -26.09 13.75 -25.38
N ARG C 356 -27.24 14.29 -25.75
CA ARG C 356 -27.49 15.69 -25.54
C ARG C 356 -27.90 15.94 -24.08
N LEU C 357 -27.98 17.21 -23.71
CA LEU C 357 -28.16 17.57 -22.30
C LEU C 357 -29.46 17.03 -21.73
N ASP C 358 -30.54 17.08 -22.51
CA ASP C 358 -31.83 16.58 -22.03
C ASP C 358 -31.76 15.09 -21.73
N GLN C 359 -31.00 14.33 -22.52
CA GLN C 359 -30.83 12.92 -22.25
C GLN C 359 -30.12 12.70 -20.91
N LEU C 360 -29.08 13.49 -20.63
CA LEU C 360 -28.40 13.37 -19.36
C LEU C 360 -29.33 13.67 -18.19
N ILE C 361 -30.12 14.74 -18.31
CA ILE C 361 -31.04 15.10 -17.23
C ILE C 361 -32.06 14.00 -17.02
N ARG C 362 -32.63 13.46 -18.11
CA ARG C 362 -33.61 12.40 -17.98
C ARG C 362 -33.02 11.14 -17.36
N TYR C 363 -31.81 10.76 -17.76
CA TYR C 363 -31.18 9.57 -17.20
C TYR C 363 -30.94 9.72 -15.71
N TYR C 364 -30.46 10.90 -15.29
CA TYR C 364 -30.29 11.14 -13.87
C TYR C 364 -31.64 11.11 -13.14
N VAL C 365 -32.70 11.60 -13.79
CA VAL C 365 -34.02 11.61 -13.16
C VAL C 365 -34.51 10.18 -12.92
N ASP C 366 -34.39 9.31 -13.93
CA ASP C 366 -34.80 7.92 -13.72
C ASP C 366 -33.94 7.22 -12.69
N HIS C 367 -32.64 7.54 -12.65
CA HIS C 367 -31.79 6.95 -11.62
C HIS C 367 -32.27 7.33 -10.22
N GLN C 368 -32.57 8.61 -10.01
CA GLN C 368 -33.07 9.05 -8.71
C GLN C 368 -34.40 8.37 -8.38
N LEU C 369 -35.28 8.26 -9.37
CA LEU C 369 -36.59 7.66 -9.13
C LEU C 369 -36.47 6.21 -8.69
N ASP C 370 -35.67 5.42 -9.42
CA ASP C 370 -35.56 4.00 -9.06
C ASP C 370 -34.81 3.82 -7.75
N VAL C 371 -33.84 4.70 -7.46
CA VAL C 371 -33.16 4.63 -6.17
C VAL C 371 -34.15 4.86 -5.04
N ILE C 372 -35.01 5.87 -5.19
CA ILE C 372 -36.01 6.16 -4.16
C ILE C 372 -36.98 5.00 -4.00
N VAL C 373 -37.42 4.41 -5.12
CA VAL C 373 -38.36 3.30 -5.04
C VAL C 373 -37.74 2.11 -4.32
N ARG C 374 -36.49 1.78 -4.65
CA ARG C 374 -35.82 0.65 -3.99
C ARG C 374 -35.60 0.91 -2.51
N ARG C 375 -35.20 2.14 -2.17
CA ARG C 375 -35.02 2.48 -0.76
C ARG C 375 -36.33 2.34 0.01
N THR C 376 -37.43 2.81 -0.57
CA THR C 376 -38.70 2.76 0.16
C THR C 376 -39.20 1.32 0.27
N THR C 377 -38.96 0.50 -0.75
CA THR C 377 -39.31 -0.92 -0.66
C THR C 377 -38.53 -1.61 0.46
N TYR C 378 -37.23 -1.34 0.54
CA TYR C 378 -36.41 -1.93 1.60
C TYR C 378 -36.88 -1.47 2.98
N ARG C 379 -37.17 -0.18 3.12
CA ARG C 379 -37.66 0.34 4.39
C ARG C 379 -39.00 -0.27 4.77
N LEU C 380 -39.88 -0.46 3.78
CA LEU C 380 -41.17 -1.10 4.05
C LEU C 380 -40.98 -2.53 4.53
N ARG C 381 -40.09 -3.28 3.90
CA ARG C 381 -39.84 -4.65 4.33
C ARG C 381 -39.30 -4.69 5.77
N LYS C 382 -38.34 -3.82 6.07
CA LYS C 382 -37.78 -3.78 7.41
C LYS C 382 -38.84 -3.40 8.43
N ALA C 383 -39.68 -2.41 8.12
CA ALA C 383 -40.72 -1.99 9.03
C ALA C 383 -41.77 -3.08 9.22
N ASN C 384 -42.06 -3.84 8.18
CA ASN C 384 -43.02 -4.93 8.33
C ASN C 384 -42.46 -6.04 9.22
N GLU C 385 -41.17 -6.36 9.08
CA GLU C 385 -40.56 -7.34 9.98
C GLU C 385 -40.59 -6.85 11.42
N ARG C 386 -40.25 -5.57 11.64
CA ARG C 386 -40.28 -5.02 12.99
C ARG C 386 -41.71 -5.02 13.55
N ALA C 387 -42.69 -4.71 12.71
CA ALA C 387 -44.09 -4.74 13.13
C ALA C 387 -44.52 -6.15 13.50
N HIS C 388 -44.08 -7.15 12.74
CA HIS C 388 -44.41 -8.53 13.08
C HIS C 388 -43.83 -8.91 14.43
N ILE C 389 -42.56 -8.56 14.67
CA ILE C 389 -41.94 -8.85 15.96
C ILE C 389 -42.68 -8.13 17.08
N LEU C 390 -43.02 -6.86 16.88
CA LEU C 390 -43.67 -6.09 17.93
C LEU C 390 -45.10 -6.56 18.18
N ARG C 391 -45.81 -6.99 17.14
CA ARG C 391 -47.14 -7.56 17.33
C ARG C 391 -47.07 -8.85 18.12
N GLY C 392 -46.09 -9.71 17.81
CA GLY C 392 -45.90 -10.91 18.61
C GLY C 392 -45.59 -10.57 20.06
N LEU C 393 -44.72 -9.58 20.28
CA LEU C 393 -44.35 -9.23 21.64
C LEU C 393 -45.54 -8.66 22.41
N VAL C 394 -46.36 -7.84 21.77
CA VAL C 394 -47.53 -7.27 22.43
C VAL C 394 -48.55 -8.37 22.75
N LYS C 395 -48.81 -9.26 21.78
CA LYS C 395 -49.81 -10.30 22.00
C LYS C 395 -49.34 -11.33 23.02
N ALA C 396 -48.02 -11.48 23.18
CA ALA C 396 -47.51 -12.26 24.30
C ALA C 396 -47.50 -11.45 25.59
N LEU C 397 -47.56 -10.13 25.48
CA LEU C 397 -47.43 -9.27 26.66
C LEU C 397 -48.71 -9.24 27.48
N ASP C 398 -49.87 -9.38 26.82
CA ASP C 398 -51.13 -9.36 27.56
C ASP C 398 -51.36 -10.65 28.33
N ALA C 399 -50.67 -11.71 27.95
CA ALA C 399 -50.69 -12.99 28.67
C ALA C 399 -49.43 -13.16 29.51
N LEU C 400 -48.98 -12.07 30.13
CA LEU C 400 -47.66 -12.02 30.75
C LEU C 400 -47.49 -13.10 31.82
N ASP C 401 -48.44 -13.21 32.73
CA ASP C 401 -48.32 -14.19 33.79
C ASP C 401 -48.42 -15.61 33.25
N GLU C 402 -49.29 -15.83 32.25
CA GLU C 402 -49.34 -17.14 31.62
C GLU C 402 -48.01 -17.48 30.97
N VAL C 403 -47.40 -16.52 30.27
CA VAL C 403 -46.14 -16.76 29.59
C VAL C 403 -45.03 -17.06 30.60
N ILE C 404 -44.96 -16.29 31.68
CA ILE C 404 -43.91 -16.50 32.67
C ILE C 404 -44.08 -17.85 33.36
N ALA C 405 -45.32 -18.19 33.75
CA ALA C 405 -45.56 -19.48 34.38
C ALA C 405 -45.24 -20.63 33.43
N LEU C 406 -45.57 -20.47 32.15
CA LEU C 406 -45.28 -21.51 31.17
C LEU C 406 -43.79 -21.68 30.98
N ILE C 407 -43.04 -20.58 30.95
CA ILE C 407 -41.60 -20.67 30.76
C ILE C 407 -40.93 -21.26 31.98
N ARG C 408 -41.51 -21.02 33.17
CA ARG C 408 -40.93 -21.58 34.39
C ARG C 408 -41.03 -23.09 34.41
N ALA C 409 -42.22 -23.63 34.15
CA ALA C 409 -42.42 -25.07 34.19
C ALA C 409 -41.69 -25.78 33.06
N SER C 410 -41.20 -25.05 32.07
CA SER C 410 -40.51 -25.65 30.93
C SER C 410 -39.15 -26.17 31.38
N GLU C 411 -38.90 -27.45 31.14
CA GLU C 411 -37.59 -28.02 31.46
C GLU C 411 -36.50 -27.41 30.59
N THR C 412 -36.79 -27.21 29.30
CA THR C 412 -35.82 -26.72 28.34
C THR C 412 -36.44 -25.58 27.54
N VAL C 413 -35.57 -24.78 26.90
CA VAL C 413 -36.02 -23.62 26.14
C VAL C 413 -36.95 -24.03 25.00
N ASP C 414 -36.66 -25.19 24.38
CA ASP C 414 -37.51 -25.66 23.29
C ASP C 414 -38.91 -25.99 23.77
N ILE C 415 -39.02 -26.57 24.98
CA ILE C 415 -40.33 -26.85 25.55
C ILE C 415 -41.08 -25.56 25.80
N ALA C 416 -40.39 -24.53 26.30
CA ALA C 416 -41.02 -23.23 26.49
C ALA C 416 -41.49 -22.64 25.16
N ARG C 417 -40.68 -22.81 24.11
CA ARG C 417 -41.05 -22.31 22.79
C ARG C 417 -42.31 -22.99 22.27
N ALA C 418 -42.37 -24.32 22.40
CA ALA C 418 -43.57 -25.05 21.98
C ALA C 418 -44.78 -24.63 22.80
N GLY C 419 -44.60 -24.44 24.11
CA GLY C 419 -45.69 -24.00 24.94
C GLY C 419 -46.20 -22.63 24.56
N LEU C 420 -45.29 -21.71 24.23
CA LEU C 420 -45.70 -20.38 23.78
C LEU C 420 -46.43 -20.45 22.44
N ILE C 421 -45.96 -21.31 21.53
CA ILE C 421 -46.66 -21.54 20.27
C ILE C 421 -48.09 -21.98 20.55
N GLU C 422 -48.26 -22.92 21.47
CA GLU C 422 -49.61 -23.41 21.79
C GLU C 422 -50.46 -22.32 22.45
N LEU C 423 -49.86 -21.54 23.35
CA LEU C 423 -50.63 -20.63 24.18
C LEU C 423 -51.07 -19.39 23.41
N LEU C 424 -50.21 -18.86 22.54
CA LEU C 424 -50.48 -17.60 21.88
C LEU C 424 -50.62 -17.71 20.37
N ASP C 425 -50.48 -18.90 19.80
CA ASP C 425 -50.53 -19.09 18.35
C ASP C 425 -49.48 -18.24 17.65
N ILE C 426 -48.24 -18.40 18.08
CA ILE C 426 -47.10 -17.60 17.64
C ILE C 426 -46.29 -18.37 16.62
N ASP C 427 -45.72 -17.66 15.66
CA ASP C 427 -44.77 -18.27 14.73
C ASP C 427 -43.42 -18.45 15.40
N GLU C 428 -42.46 -18.97 14.64
CA GLU C 428 -41.15 -19.30 15.21
C GLU C 428 -40.37 -18.04 15.57
N ILE C 429 -40.29 -17.08 14.65
CA ILE C 429 -39.41 -15.93 14.83
C ILE C 429 -39.91 -15.04 15.96
N GLN C 430 -41.23 -14.80 16.03
CA GLN C 430 -41.75 -13.99 17.12
C GLN C 430 -41.64 -14.71 18.47
N ALA C 431 -41.73 -16.05 18.46
CA ALA C 431 -41.51 -16.81 19.68
C ALA C 431 -40.07 -16.65 20.16
N GLN C 432 -39.11 -16.72 19.24
CA GLN C 432 -37.73 -16.40 19.60
C GLN C 432 -37.63 -15.00 20.16
N ALA C 433 -38.32 -14.04 19.53
CA ALA C 433 -38.23 -12.65 19.97
C ALA C 433 -38.73 -12.48 21.41
N ILE C 434 -39.83 -13.13 21.76
CA ILE C 434 -40.32 -13.01 23.14
C ILE C 434 -39.47 -13.84 24.09
N LEU C 435 -38.82 -14.90 23.58
CA LEU C 435 -37.91 -15.67 24.42
C LEU C 435 -36.70 -14.84 24.83
N ASP C 436 -36.12 -14.10 23.88
CA ASP C 436 -34.98 -13.26 24.17
C ASP C 436 -35.36 -11.91 24.76
N MET C 437 -36.61 -11.71 25.15
CA MET C 437 -37.03 -10.42 25.66
C MET C 437 -36.41 -10.18 27.04
N GLN C 438 -35.87 -8.98 27.24
CA GLN C 438 -35.18 -8.64 28.47
C GLN C 438 -36.17 -8.46 29.61
N LEU C 439 -35.65 -8.57 30.85
CA LEU C 439 -36.49 -8.31 32.01
C LEU C 439 -36.87 -6.84 32.11
N ARG C 440 -36.05 -5.95 31.54
CA ARG C 440 -36.40 -4.53 31.53
C ARG C 440 -37.72 -4.28 30.83
N ARG C 441 -38.03 -5.07 29.79
CA ARG C 441 -39.30 -4.94 29.09
C ARG C 441 -40.49 -5.31 29.97
N LEU C 442 -40.26 -5.94 31.12
CA LEU C 442 -41.34 -6.28 32.02
C LEU C 442 -41.94 -5.07 32.72
N ALA C 443 -41.20 -3.96 32.79
CA ALA C 443 -41.70 -2.76 33.45
C ALA C 443 -42.86 -2.15 32.68
N ALA C 444 -43.75 -1.47 33.41
CA ALA C 444 -44.94 -0.92 32.79
C ALA C 444 -44.61 0.12 31.73
N LEU C 445 -43.65 1.00 32.01
CA LEU C 445 -43.28 2.03 31.05
C LEU C 445 -42.74 1.41 29.77
N GLU C 446 -41.94 0.35 29.89
CA GLU C 446 -41.37 -0.30 28.71
C GLU C 446 -42.45 -1.03 27.90
N ARG C 447 -43.44 -1.61 28.56
CA ARG C 447 -44.56 -2.19 27.82
C ARG C 447 -45.35 -1.11 27.09
N GLN C 448 -45.58 0.03 27.75
CA GLN C 448 -46.26 1.15 27.09
C GLN C 448 -45.46 1.63 25.89
N ARG C 449 -44.14 1.73 26.04
CA ARG C 449 -43.28 2.12 24.92
C ARG C 449 -43.34 1.09 23.80
N ILE C 450 -43.45 -0.19 24.15
CA ILE C 450 -43.59 -1.24 23.14
C ILE C 450 -44.85 -1.01 22.32
N ILE C 451 -45.97 -0.75 22.99
CA ILE C 451 -47.22 -0.50 22.27
C ILE C 451 -47.12 0.77 21.43
N ASP C 452 -46.52 1.81 21.98
CA ASP C 452 -46.39 3.07 21.26
C ASP C 452 -45.56 2.89 19.99
N ASP C 453 -44.40 2.23 20.11
CA ASP C 453 -43.57 2.00 18.93
C ASP C 453 -44.24 1.07 17.93
N LEU C 454 -45.07 0.14 18.40
CA LEU C 454 -45.85 -0.68 17.47
C LEU C 454 -46.80 0.20 16.67
N ALA C 455 -47.47 1.15 17.33
CA ALA C 455 -48.36 2.06 16.62
C ALA C 455 -47.59 2.93 15.63
N LYS C 456 -46.44 3.47 16.04
CA LYS C 456 -45.65 4.31 15.15
C LYS C 456 -45.15 3.51 13.94
N ILE C 457 -44.73 2.26 14.16
CA ILE C 457 -44.24 1.44 13.06
C ILE C 457 -45.37 1.11 12.10
N GLU C 458 -46.58 0.89 12.62
CA GLU C 458 -47.73 0.69 11.73
C GLU C 458 -48.01 1.94 10.90
N ALA C 459 -47.91 3.12 11.53
CA ALA C 459 -48.08 4.37 10.78
C ALA C 459 -47.01 4.53 9.70
N GLU C 460 -45.77 4.17 10.03
CA GLU C 460 -44.70 4.21 9.04
C GLU C 460 -44.95 3.24 7.90
N ILE C 461 -45.49 2.06 8.20
CA ILE C 461 -45.85 1.12 7.15
C ILE C 461 -46.89 1.72 6.22
N ALA C 462 -47.91 2.36 6.80
CA ALA C 462 -48.93 3.00 5.98
C ALA C 462 -48.33 4.09 5.10
N ASP C 463 -47.44 4.92 5.67
CA ASP C 463 -46.83 6.00 4.89
C ASP C 463 -45.96 5.46 3.77
N LEU C 464 -45.18 4.40 4.05
CA LEU C 464 -44.32 3.82 3.03
C LEU C 464 -45.13 3.17 1.91
N GLU C 465 -46.25 2.52 2.26
CA GLU C 465 -47.13 1.98 1.23
C GLU C 465 -47.74 3.10 0.41
N ASP C 466 -48.06 4.22 1.06
CA ASP C 466 -48.55 5.39 0.32
C ASP C 466 -47.50 5.88 -0.67
N ILE C 467 -46.24 5.94 -0.24
CA ILE C 467 -45.16 6.39 -1.12
C ILE C 467 -45.03 5.44 -2.30
N LEU C 468 -45.08 4.13 -2.06
CA LEU C 468 -45.08 3.16 -3.15
C LEU C 468 -46.28 3.36 -4.08
N ALA C 469 -47.41 3.80 -3.53
CA ALA C 469 -48.62 3.87 -4.33
C ALA C 469 -48.59 5.01 -5.35
N LYS C 470 -48.13 6.20 -4.92
CA LYS C 470 -48.25 7.38 -5.76
C LYS C 470 -46.89 7.79 -6.29
N PRO C 471 -46.64 7.69 -7.61
CA PRO C 471 -45.36 8.18 -8.15
C PRO C 471 -45.12 9.66 -7.93
N GLU C 472 -46.19 10.47 -7.84
CA GLU C 472 -46.03 11.89 -7.56
C GLU C 472 -45.37 12.10 -6.21
N ARG C 473 -45.67 11.25 -5.23
CA ARG C 473 -44.99 11.34 -3.93
C ARG C 473 -43.51 11.08 -4.09
N GLN C 474 -43.14 10.07 -4.88
CA GLN C 474 -41.73 9.78 -5.10
C GLN C 474 -41.01 10.94 -5.78
N ARG C 475 -41.65 11.54 -6.78
CA ARG C 475 -41.06 12.72 -7.44
C ARG C 475 -40.91 13.86 -6.44
N GLY C 476 -41.89 14.02 -5.55
CA GLY C 476 -41.76 15.03 -4.51
C GLY C 476 -40.56 14.80 -3.60
N ILE C 477 -40.38 13.55 -3.14
CA ILE C 477 -39.24 13.26 -2.28
C ILE C 477 -37.93 13.52 -3.01
N VAL C 478 -37.84 13.10 -4.27
CA VAL C 478 -36.63 13.36 -5.04
C VAL C 478 -36.35 14.86 -5.12
N ARG C 479 -37.40 15.65 -5.38
CA ARG C 479 -37.23 17.09 -5.48
C ARG C 479 -36.76 17.69 -4.16
N ASP C 480 -37.35 17.27 -3.04
CA ASP C 480 -36.95 17.84 -1.75
C ASP C 480 -35.52 17.46 -1.38
N GLU C 481 -35.13 16.20 -1.60
CA GLU C 481 -33.75 15.82 -1.31
C GLU C 481 -32.76 16.58 -2.18
N LEU C 482 -33.07 16.72 -3.48
CA LEU C 482 -32.18 17.48 -4.35
C LEU C 482 -32.08 18.93 -3.92
N ALA C 483 -33.21 19.55 -3.54
CA ALA C 483 -33.19 20.93 -3.10
C ALA C 483 -32.38 21.09 -1.82
N GLU C 484 -32.52 20.16 -0.88
CA GLU C 484 -31.75 20.23 0.35
C GLU C 484 -30.25 20.08 0.07
N ILE C 485 -29.89 19.16 -0.82
CA ILE C 485 -28.48 18.97 -1.17
C ILE C 485 -27.93 20.23 -1.81
N VAL C 486 -28.68 20.83 -2.74
CA VAL C 486 -28.18 21.99 -3.46
C VAL C 486 -28.07 23.20 -2.54
N ASP C 487 -29.02 23.35 -1.62
CA ASP C 487 -28.90 24.41 -0.62
C ASP C 487 -27.69 24.19 0.27
N ARG C 488 -27.44 22.94 0.66
CA ARG C 488 -26.28 22.64 1.51
C ARG C 488 -24.98 22.91 0.78
N HIS C 489 -24.89 22.54 -0.50
CA HIS C 489 -23.63 22.55 -1.24
C HIS C 489 -23.76 23.35 -2.53
N GLY C 490 -24.30 24.55 -2.44
CA GLY C 490 -24.40 25.44 -3.58
C GLY C 490 -23.26 26.44 -3.63
N ASP C 491 -23.05 27.00 -4.82
CA ASP C 491 -21.98 27.98 -5.01
C ASP C 491 -22.31 28.84 -6.22
N ASP C 492 -21.69 30.02 -6.26
CA ASP C 492 -21.86 30.95 -7.37
C ASP C 492 -21.07 30.49 -8.59
N ARG C 493 -21.52 30.92 -9.77
CA ARG C 493 -20.89 30.50 -11.01
C ARG C 493 -19.53 31.19 -11.17
N ARG C 494 -18.56 30.43 -11.67
CA ARG C 494 -17.18 30.92 -11.81
C ARG C 494 -16.92 31.54 -13.17
N THR C 495 -17.10 30.75 -14.24
CA THR C 495 -16.82 31.26 -15.58
C THR C 495 -17.95 32.15 -16.08
N ARG C 496 -17.57 33.27 -16.69
CA ARG C 496 -18.53 34.22 -17.23
C ARG C 496 -18.64 34.01 -18.74
N ILE C 497 -19.85 33.72 -19.21
CA ILE C 497 -20.09 33.57 -20.64
C ILE C 497 -20.29 34.95 -21.25
N ILE C 498 -19.50 35.27 -22.26
CA ILE C 498 -19.53 36.58 -22.91
C ILE C 498 -19.67 36.37 -24.41
N ALA C 499 -20.00 37.46 -25.11
CA ALA C 499 -20.14 37.43 -26.56
C ALA C 499 -18.77 37.50 -27.23
N ILE C 500 -18.77 37.37 -28.54
CA ILE C 500 -17.54 37.44 -29.33
C ILE C 500 -16.90 38.82 -29.19
N GLY D 440 26.56 -9.65 -26.36
CA GLY D 440 25.75 -9.63 -27.56
C GLY D 440 24.33 -10.10 -27.34
N LEU D 441 23.98 -10.31 -26.07
CA LEU D 441 22.66 -10.76 -25.66
C LEU D 441 22.13 -9.84 -24.58
N PRO D 442 20.81 -9.69 -24.48
CA PRO D 442 20.24 -8.76 -23.49
C PRO D 442 20.60 -9.15 -22.07
N GLY D 443 20.79 -8.14 -21.21
CA GLY D 443 21.15 -8.40 -19.83
C GLY D 443 20.04 -9.08 -19.06
N LYS D 444 18.79 -8.74 -19.36
CA LYS D 444 17.67 -9.32 -18.62
C LYS D 444 17.39 -10.76 -19.02
N LEU D 445 17.91 -11.21 -20.17
CA LEU D 445 17.66 -12.57 -20.63
C LEU D 445 18.30 -13.58 -19.69
N ALA D 446 17.53 -14.61 -19.34
CA ALA D 446 18.02 -15.74 -18.57
C ALA D 446 18.09 -16.93 -19.53
N ASP D 447 19.26 -17.12 -20.13
CA ASP D 447 19.41 -18.12 -21.17
C ASP D 447 19.43 -19.52 -20.59
N CYS D 448 19.28 -20.50 -21.47
CA CYS D 448 19.29 -21.90 -21.08
C CYS D 448 20.73 -22.43 -21.12
N ARG D 449 20.90 -23.74 -21.00
CA ARG D 449 22.20 -24.37 -21.12
C ARG D 449 22.35 -25.17 -22.40
N SER D 450 21.27 -25.39 -23.14
CA SER D 450 21.36 -26.10 -24.41
C SER D 450 22.04 -25.23 -25.46
N THR D 451 22.57 -25.88 -26.50
CA THR D 451 23.24 -25.19 -27.59
C THR D 451 22.47 -25.21 -28.90
N ASP D 452 21.93 -26.36 -29.29
CA ASP D 452 21.20 -26.45 -30.55
C ASP D 452 19.85 -25.76 -30.42
N PRO D 453 19.48 -24.92 -31.38
CA PRO D 453 18.16 -24.26 -31.31
C PRO D 453 17.00 -25.24 -31.39
N ARG D 454 17.21 -26.42 -31.96
CA ARG D 454 16.10 -27.35 -32.21
C ARG D 454 15.41 -27.77 -30.93
N LYS D 455 16.13 -27.82 -29.81
CA LYS D 455 15.57 -28.22 -28.53
C LYS D 455 15.52 -27.07 -27.53
N SER D 456 15.63 -25.83 -28.00
CA SER D 456 15.56 -24.66 -27.14
C SER D 456 14.25 -23.93 -27.35
N GLU D 457 13.85 -23.17 -26.34
CA GLU D 457 12.63 -22.39 -26.41
C GLU D 457 12.74 -21.18 -25.49
N LEU D 458 12.17 -20.06 -25.94
CA LEU D 458 12.28 -18.78 -25.25
C LEU D 458 10.89 -18.37 -24.75
N TYR D 459 10.75 -18.26 -23.44
CA TYR D 459 9.51 -17.82 -22.82
C TYR D 459 9.58 -16.31 -22.62
N VAL D 460 8.73 -15.57 -23.33
CA VAL D 460 8.70 -14.11 -23.23
C VAL D 460 7.62 -13.72 -22.25
N VAL D 461 8.02 -13.04 -21.17
CA VAL D 461 7.10 -12.57 -20.15
C VAL D 461 7.20 -11.05 -20.07
N GLU D 462 6.14 -10.43 -19.56
CA GLU D 462 6.01 -8.98 -19.59
C GLU D 462 6.45 -8.32 -18.28
N GLY D 463 7.08 -9.07 -17.38
CA GLY D 463 7.52 -8.48 -16.13
C GLY D 463 8.66 -9.25 -15.52
N ASP D 464 9.43 -8.55 -14.69
CA ASP D 464 10.54 -9.20 -13.99
C ASP D 464 10.06 -10.02 -12.81
N SER D 465 8.92 -9.66 -12.21
CA SER D 465 8.32 -10.51 -11.19
C SER D 465 7.85 -11.83 -11.79
N ALA D 466 7.09 -11.75 -12.89
CA ALA D 466 6.73 -12.95 -13.62
C ALA D 466 7.96 -13.65 -14.18
N GLY D 467 8.97 -12.87 -14.55
CA GLY D 467 10.21 -13.48 -15.03
C GLY D 467 10.90 -14.31 -13.98
N GLY D 468 11.00 -13.79 -12.76
CA GLY D 468 11.58 -14.57 -11.68
C GLY D 468 10.74 -15.78 -11.31
N SER D 469 9.42 -15.61 -11.28
CA SER D 469 8.54 -16.76 -10.99
C SER D 469 8.70 -17.84 -12.03
N ALA D 470 8.82 -17.47 -13.31
CA ALA D 470 8.97 -18.45 -14.37
C ALA D 470 10.35 -19.09 -14.35
N LYS D 471 11.39 -18.30 -14.10
CA LYS D 471 12.75 -18.82 -14.12
C LYS D 471 13.00 -19.76 -12.95
N SER D 472 12.38 -19.49 -11.79
CA SER D 472 12.52 -20.39 -10.66
C SER D 472 11.89 -21.75 -10.95
N GLY D 473 10.80 -21.77 -11.72
CA GLY D 473 10.09 -23.01 -11.99
C GLY D 473 10.28 -23.57 -13.37
N ARG D 474 11.35 -23.19 -14.05
CA ARG D 474 11.61 -23.62 -15.42
C ARG D 474 12.60 -24.79 -15.43
N ASP D 475 12.73 -25.39 -16.60
CA ASP D 475 13.78 -26.37 -16.88
C ASP D 475 14.93 -25.59 -17.50
N SER D 476 15.89 -25.20 -16.66
CA SER D 476 16.95 -24.29 -17.10
C SER D 476 17.83 -24.88 -18.19
N MET D 477 17.78 -26.19 -18.40
CA MET D 477 18.63 -26.80 -19.41
C MET D 477 18.09 -26.52 -20.82
N PHE D 478 16.77 -26.33 -20.94
CA PHE D 478 16.12 -26.16 -22.22
C PHE D 478 15.36 -24.85 -22.38
N GLN D 479 14.97 -24.18 -21.30
CA GLN D 479 14.06 -23.05 -21.35
C GLN D 479 14.80 -21.76 -21.01
N ALA D 480 14.54 -20.72 -21.80
CA ALA D 480 15.07 -19.39 -21.55
C ALA D 480 13.94 -18.43 -21.19
N ILE D 481 14.24 -17.47 -20.33
CA ILE D 481 13.26 -16.50 -19.86
C ILE D 481 13.72 -15.11 -20.26
N LEU D 482 12.84 -14.38 -20.95
CA LEU D 482 13.11 -13.00 -21.37
C LEU D 482 12.05 -12.07 -20.79
N PRO D 483 12.34 -11.33 -19.73
CA PRO D 483 11.35 -10.38 -19.20
C PRO D 483 11.27 -9.12 -20.05
N LEU D 484 10.17 -8.39 -19.85
CA LEU D 484 9.94 -7.14 -20.56
C LEU D 484 9.65 -6.02 -19.58
N ARG D 485 9.23 -4.85 -20.09
CA ARG D 485 8.91 -3.70 -19.25
C ARG D 485 7.45 -3.29 -19.39
N GLY D 486 6.56 -4.22 -19.66
CA GLY D 486 5.16 -3.91 -19.76
C GLY D 486 4.67 -3.77 -21.19
N LYS D 487 4.06 -2.64 -21.50
CA LYS D 487 3.54 -2.42 -22.85
C LYS D 487 4.69 -2.11 -23.81
N ILE D 488 4.82 -2.93 -24.83
CA ILE D 488 5.82 -2.74 -25.87
C ILE D 488 5.29 -1.71 -26.86
N ILE D 489 6.21 -1.00 -27.52
CA ILE D 489 5.81 0.06 -28.45
C ILE D 489 4.94 -0.52 -29.57
N ASN D 490 4.09 0.34 -30.13
CA ASN D 490 3.21 -0.05 -31.23
C ASN D 490 3.98 0.16 -32.54
N VAL D 491 4.28 -0.94 -33.22
CA VAL D 491 5.05 -0.87 -34.45
C VAL D 491 4.24 -0.22 -35.56
N GLU D 492 2.94 -0.51 -35.62
CA GLU D 492 2.09 0.01 -36.69
C GLU D 492 1.75 1.49 -36.54
N LYS D 493 2.06 2.09 -35.39
CA LYS D 493 1.72 3.49 -35.14
C LYS D 493 2.97 4.32 -34.83
N ALA D 494 4.11 3.95 -35.41
CA ALA D 494 5.34 4.68 -35.16
C ALA D 494 6.29 4.49 -36.34
N ARG D 495 7.23 5.41 -36.47
CA ARG D 495 8.24 5.33 -37.52
C ARG D 495 9.30 4.31 -37.16
N ILE D 496 10.02 3.85 -38.18
CA ILE D 496 10.95 2.73 -38.02
C ILE D 496 12.10 3.12 -37.08
N ASP D 497 12.63 4.34 -37.22
CA ASP D 497 13.75 4.75 -36.38
C ASP D 497 13.35 4.80 -34.91
N ARG D 498 12.17 5.35 -34.62
CA ARG D 498 11.69 5.39 -33.24
C ARG D 498 11.45 3.99 -32.70
N VAL D 499 10.92 3.10 -33.54
CA VAL D 499 10.66 1.73 -33.10
C VAL D 499 11.97 1.02 -32.75
N LEU D 500 12.95 1.08 -33.65
CA LEU D 500 14.23 0.41 -33.39
C LEU D 500 15.04 1.11 -32.31
N LYS D 501 14.72 2.35 -31.98
CA LYS D 501 15.38 3.01 -30.86
C LYS D 501 14.94 2.42 -29.52
N ASN D 502 13.71 1.94 -29.43
CA ASN D 502 13.17 1.45 -28.17
C ASN D 502 13.97 0.26 -27.65
N THR D 503 14.20 0.23 -26.33
CA THR D 503 15.10 -0.76 -25.74
C THR D 503 14.49 -2.16 -25.77
N GLU D 504 13.20 -2.29 -25.45
CA GLU D 504 12.61 -3.62 -25.28
C GLU D 504 12.56 -4.39 -26.60
N VAL D 505 12.16 -3.72 -27.68
CA VAL D 505 12.12 -4.38 -28.98
C VAL D 505 13.53 -4.76 -29.43
N GLN D 506 14.51 -3.91 -29.12
CA GLN D 506 15.89 -4.25 -29.41
C GLN D 506 16.31 -5.50 -28.64
N ALA D 507 15.91 -5.59 -27.38
CA ALA D 507 16.21 -6.79 -26.59
C ALA D 507 15.57 -8.02 -27.20
N ILE D 508 14.32 -7.91 -27.65
CA ILE D 508 13.65 -9.04 -28.28
C ILE D 508 14.41 -9.47 -29.54
N ILE D 509 14.82 -8.49 -30.36
CA ILE D 509 15.51 -8.81 -31.61
C ILE D 509 16.86 -9.47 -31.35
N THR D 510 17.64 -8.93 -30.41
CA THR D 510 18.96 -9.48 -30.13
C THR D 510 18.86 -10.85 -29.47
N ALA D 511 17.92 -11.03 -28.53
CA ALA D 511 17.74 -12.35 -27.93
C ALA D 511 17.29 -13.37 -28.98
N LEU D 512 16.41 -12.96 -29.89
CA LEU D 512 16.07 -13.81 -31.02
C LEU D 512 17.28 -14.03 -31.91
N GLY D 513 18.24 -13.10 -31.89
CA GLY D 513 19.48 -13.21 -32.61
C GLY D 513 19.42 -12.84 -34.07
N THR D 514 18.22 -12.71 -34.64
CA THR D 514 18.05 -12.56 -36.08
C THR D 514 17.84 -11.09 -36.43
N GLY D 515 17.83 -10.83 -37.73
CA GLY D 515 17.59 -9.49 -38.24
C GLY D 515 16.11 -9.21 -38.42
N ILE D 516 15.83 -8.10 -39.09
CA ILE D 516 14.47 -7.63 -39.31
C ILE D 516 14.28 -7.30 -40.78
N HIS D 517 13.07 -7.55 -41.29
CA HIS D 517 12.69 -7.25 -42.67
C HIS D 517 13.44 -8.13 -43.66
N ASP D 518 14.08 -7.50 -44.64
CA ASP D 518 14.69 -8.26 -45.74
C ASP D 518 15.88 -9.09 -45.26
N GLU D 519 16.68 -8.56 -44.33
CA GLU D 519 17.87 -9.27 -43.88
C GLU D 519 17.55 -10.40 -42.91
N PHE D 520 16.27 -10.68 -42.66
CA PHE D 520 15.89 -11.78 -41.79
C PHE D 520 16.30 -13.12 -42.39
N ASP D 521 16.99 -13.94 -41.60
CA ASP D 521 17.46 -15.26 -42.03
C ASP D 521 17.13 -16.28 -40.96
N ILE D 522 16.29 -17.26 -41.32
CA ILE D 522 15.80 -18.22 -40.33
C ILE D 522 16.92 -19.11 -39.80
N GLY D 523 18.08 -19.05 -40.45
CA GLY D 523 19.24 -19.85 -40.00
C GLY D 523 19.56 -19.58 -38.54
N LYS D 524 19.58 -18.30 -38.14
CA LYS D 524 19.93 -17.93 -36.74
C LYS D 524 18.91 -18.55 -35.78
N LEU D 525 17.73 -17.94 -35.66
CA LEU D 525 16.68 -18.43 -34.71
C LEU D 525 17.31 -19.13 -33.51
N ARG D 526 17.96 -18.37 -32.62
CA ARG D 526 18.52 -18.94 -31.41
C ARG D 526 17.61 -20.00 -30.78
N TYR D 527 16.30 -19.75 -30.80
CA TYR D 527 15.32 -20.67 -30.21
C TYR D 527 14.29 -21.02 -31.26
N HIS D 528 14.08 -22.31 -31.49
CA HIS D 528 13.09 -22.78 -32.44
C HIS D 528 11.68 -22.79 -31.87
N LYS D 529 11.46 -22.11 -30.74
CA LYS D 529 10.16 -22.06 -30.08
C LYS D 529 10.11 -20.77 -29.27
N ILE D 530 9.35 -19.79 -29.77
CA ILE D 530 9.17 -18.52 -29.11
C ILE D 530 7.77 -18.50 -28.53
N VAL D 531 7.66 -18.66 -27.21
CA VAL D 531 6.38 -18.75 -26.52
C VAL D 531 6.11 -17.39 -25.89
N LEU D 532 5.13 -16.68 -26.46
CA LEU D 532 4.68 -15.41 -25.89
C LEU D 532 3.77 -15.72 -24.71
N MET D 533 4.23 -15.37 -23.52
CA MET D 533 3.60 -15.81 -22.27
C MET D 533 3.14 -14.58 -21.50
N ALA D 534 1.84 -14.33 -21.50
CA ALA D 534 1.26 -13.14 -20.91
C ALA D 534 0.11 -13.53 -19.99
N ASP D 535 -0.26 -12.60 -19.12
CA ASP D 535 -1.31 -12.84 -18.14
C ASP D 535 -2.67 -12.98 -18.81
N ALA D 536 -3.63 -13.52 -18.07
CA ALA D 536 -4.96 -13.79 -18.58
C ALA D 536 -5.87 -12.55 -18.54
N ASP D 537 -5.42 -11.45 -17.96
CA ASP D 537 -6.25 -10.24 -17.91
C ASP D 537 -6.19 -9.51 -19.26
N VAL D 538 -6.96 -8.43 -19.36
CA VAL D 538 -7.09 -7.72 -20.63
C VAL D 538 -5.79 -7.05 -21.02
N ASP D 539 -5.05 -6.52 -20.03
CA ASP D 539 -3.76 -5.90 -20.33
C ASP D 539 -2.78 -6.92 -20.91
N GLY D 540 -2.82 -8.15 -20.40
CA GLY D 540 -2.00 -9.20 -20.99
C GLY D 540 -2.35 -9.47 -22.44
N GLN D 541 -3.65 -9.44 -22.76
CA GLN D 541 -4.05 -9.63 -24.15
C GLN D 541 -3.60 -8.46 -25.02
N HIS D 542 -3.65 -7.24 -24.49
CA HIS D 542 -3.14 -6.10 -25.25
C HIS D 542 -1.65 -6.23 -25.53
N ILE D 543 -0.88 -6.62 -24.52
CA ILE D 543 0.56 -6.79 -24.70
C ILE D 543 0.84 -7.93 -25.68
N SER D 544 0.06 -9.01 -25.62
CA SER D 544 0.23 -10.10 -26.57
C SER D 544 -0.05 -9.64 -28.00
N THR D 545 -1.10 -8.83 -28.18
CA THR D 545 -1.41 -8.31 -29.51
C THR D 545 -0.31 -7.38 -30.02
N LEU D 546 0.23 -6.54 -29.13
CA LEU D 546 1.31 -5.65 -29.53
C LEU D 546 2.55 -6.44 -29.96
N LEU D 547 2.91 -7.46 -29.18
CA LEU D 547 4.06 -8.29 -29.54
C LEU D 547 3.80 -9.06 -30.82
N LEU D 548 2.57 -9.55 -31.01
CA LEU D 548 2.24 -10.27 -32.24
C LEU D 548 2.34 -9.37 -33.46
N THR D 549 1.86 -8.13 -33.36
CA THR D 549 1.96 -7.22 -34.50
C THR D 549 3.41 -6.83 -34.76
N LEU D 550 4.21 -6.69 -33.69
CA LEU D 550 5.63 -6.39 -33.86
C LEU D 550 6.34 -7.53 -34.59
N LEU D 551 6.09 -8.77 -34.16
CA LEU D 551 6.68 -9.92 -34.83
C LEU D 551 6.19 -10.05 -36.26
N PHE D 552 4.90 -9.80 -36.51
CA PHE D 552 4.36 -9.92 -37.85
C PHE D 552 4.97 -8.89 -38.79
N ARG D 553 5.19 -7.67 -38.31
CA ARG D 553 5.77 -6.64 -39.15
C ARG D 553 7.25 -6.87 -39.38
N PHE D 554 7.98 -7.31 -38.34
CA PHE D 554 9.43 -7.38 -38.41
C PHE D 554 9.96 -8.78 -38.69
N MET D 555 9.24 -9.83 -38.31
CA MET D 555 9.71 -11.21 -38.42
C MET D 555 8.63 -12.10 -39.02
N ARG D 556 8.09 -11.69 -40.17
CA ARG D 556 7.04 -12.47 -40.83
C ARG D 556 7.39 -13.94 -41.04
N PRO D 557 8.58 -14.32 -41.51
CA PRO D 557 8.89 -15.75 -41.62
C PRO D 557 8.92 -16.47 -40.28
N LEU D 558 9.19 -15.77 -39.18
CA LEU D 558 9.10 -16.37 -37.86
C LEU D 558 7.69 -16.85 -37.57
N ILE D 559 6.71 -15.98 -37.78
CA ILE D 559 5.32 -16.35 -37.54
C ILE D 559 4.87 -17.38 -38.57
N GLU D 560 5.34 -17.26 -39.81
CA GLU D 560 4.92 -18.16 -40.88
C GLU D 560 5.41 -19.58 -40.63
N ASN D 561 6.64 -19.73 -40.14
CA ASN D 561 7.24 -21.04 -39.94
C ASN D 561 6.66 -21.77 -38.73
N GLY D 562 5.67 -21.21 -38.06
CA GLY D 562 5.08 -21.86 -36.90
C GLY D 562 6.02 -21.97 -35.72
N HIS D 563 6.85 -20.95 -35.51
CA HIS D 563 7.78 -20.92 -34.40
C HIS D 563 7.30 -20.03 -33.25
N VAL D 564 6.04 -19.60 -33.30
CA VAL D 564 5.46 -18.72 -32.28
C VAL D 564 4.32 -19.47 -31.60
N PHE D 565 4.30 -19.42 -30.28
CA PHE D 565 3.32 -20.16 -29.48
C PHE D 565 2.71 -19.22 -28.44
N LEU D 566 1.51 -19.59 -28.00
CA LEU D 566 0.77 -18.82 -27.00
C LEU D 566 0.51 -19.69 -25.78
N ALA D 567 0.69 -19.12 -24.59
CA ALA D 567 0.57 -19.87 -23.34
C ALA D 567 -0.77 -19.61 -22.66
N GLN D 568 -1.10 -20.49 -21.71
CA GLN D 568 -2.32 -20.39 -20.92
C GLN D 568 -1.97 -20.47 -19.43
N PRO D 569 -1.53 -19.35 -18.84
CA PRO D 569 -1.20 -19.34 -17.40
C PRO D 569 -2.39 -19.68 -16.50
N GLY D 615 -2.44 -11.66 -11.70
CA GLY D 615 -1.08 -11.50 -12.19
C GLY D 615 -0.25 -12.76 -12.08
N LEU D 616 0.80 -12.84 -12.89
CA LEU D 616 1.67 -14.02 -12.88
C LEU D 616 2.58 -14.04 -11.65
N GLY D 617 2.85 -12.88 -11.05
CA GLY D 617 3.66 -12.85 -9.85
C GLY D 617 3.02 -13.50 -8.64
N GLU D 618 1.75 -13.89 -8.75
CA GLU D 618 1.05 -14.61 -7.69
C GLU D 618 1.27 -16.12 -7.75
N MET D 619 1.99 -16.61 -8.75
CA MET D 619 2.29 -18.03 -8.90
C MET D 619 3.75 -18.26 -8.52
N ASP D 620 3.98 -19.27 -7.68
CA ASP D 620 5.34 -19.67 -7.35
C ASP D 620 5.85 -20.67 -8.39
N ALA D 621 6.97 -21.32 -8.10
CA ALA D 621 7.57 -22.23 -9.07
C ALA D 621 6.71 -23.47 -9.30
N LYS D 622 6.03 -23.97 -8.27
CA LYS D 622 5.43 -25.29 -8.33
C LYS D 622 4.30 -25.35 -9.35
N GLU D 623 3.25 -24.55 -9.16
CA GLU D 623 2.11 -24.60 -10.08
C GLU D 623 2.49 -24.05 -11.45
N LEU D 624 3.43 -23.10 -11.50
CA LEU D 624 3.91 -22.60 -12.78
C LEU D 624 4.53 -23.73 -13.60
N TRP D 625 5.36 -24.55 -12.97
CA TRP D 625 5.92 -25.70 -13.67
C TRP D 625 4.83 -26.71 -14.02
N GLU D 626 3.91 -26.95 -13.09
CA GLU D 626 2.93 -28.03 -13.28
C GLU D 626 1.94 -27.71 -14.40
N THR D 627 1.53 -26.45 -14.52
CA THR D 627 0.49 -26.11 -15.48
C THR D 627 1.03 -25.97 -16.90
N THR D 628 1.93 -25.01 -17.13
CA THR D 628 2.35 -24.65 -18.48
C THR D 628 3.83 -24.76 -18.75
N MET D 629 4.68 -24.90 -17.73
CA MET D 629 6.11 -24.98 -17.99
C MET D 629 6.66 -26.40 -18.05
N ASP D 630 5.86 -27.41 -17.73
CA ASP D 630 6.30 -28.78 -17.90
C ASP D 630 6.02 -29.21 -19.34
N PRO D 631 7.05 -29.49 -20.14
CA PRO D 631 6.80 -29.81 -21.56
C PRO D 631 5.90 -31.02 -21.77
N SER D 632 5.96 -32.02 -20.88
CA SER D 632 5.20 -33.25 -21.07
C SER D 632 3.71 -33.08 -20.81
N VAL D 633 3.30 -32.05 -20.07
CA VAL D 633 1.91 -31.87 -19.69
C VAL D 633 1.34 -30.57 -20.22
N ARG D 634 2.19 -29.60 -20.56
CA ARG D 634 1.70 -28.31 -21.02
C ARG D 634 1.02 -28.44 -22.38
N VAL D 635 0.13 -27.48 -22.66
CA VAL D 635 -0.48 -27.33 -23.98
C VAL D 635 -0.30 -25.88 -24.40
N LEU D 636 -0.04 -25.66 -25.69
CA LEU D 636 0.28 -24.35 -26.22
C LEU D 636 -0.48 -24.11 -27.51
N ARG D 637 -0.73 -22.83 -27.80
CA ARG D 637 -1.38 -22.42 -29.03
C ARG D 637 -0.31 -21.95 -30.01
N GLN D 638 -0.20 -22.64 -31.14
CA GLN D 638 0.78 -22.32 -32.17
C GLN D 638 0.14 -21.38 -33.18
N VAL D 639 0.73 -20.20 -33.35
CA VAL D 639 0.18 -19.21 -34.27
C VAL D 639 0.44 -19.64 -35.71
N THR D 640 -0.59 -19.52 -36.55
CA THR D 640 -0.51 -19.95 -37.95
C THR D 640 -1.20 -18.93 -38.83
N LEU D 641 -0.84 -18.94 -40.11
CA LEU D 641 -1.42 -18.06 -41.11
C LEU D 641 -2.23 -18.87 -42.11
N ASP D 642 -3.47 -18.47 -42.35
CA ASP D 642 -4.30 -19.05 -43.39
C ASP D 642 -4.34 -18.19 -44.65
N ASP D 643 -4.65 -16.91 -44.50
CA ASP D 643 -4.60 -15.95 -45.61
C ASP D 643 -3.81 -14.73 -45.14
N ALA D 644 -2.68 -14.47 -45.81
CA ALA D 644 -1.82 -13.37 -45.38
C ALA D 644 -2.48 -12.02 -45.60
N ALA D 645 -3.17 -11.85 -46.73
CA ALA D 645 -3.74 -10.55 -47.06
C ALA D 645 -4.79 -10.11 -46.04
N ALA D 646 -5.70 -11.01 -45.68
CA ALA D 646 -6.70 -10.68 -44.67
C ALA D 646 -6.04 -10.35 -43.34
N ALA D 647 -4.94 -11.03 -43.02
CA ALA D 647 -4.18 -10.71 -41.82
C ALA D 647 -3.64 -9.30 -41.88
N ASP D 648 -3.11 -8.88 -43.04
CA ASP D 648 -2.60 -7.52 -43.17
C ASP D 648 -3.73 -6.50 -43.00
N GLU D 649 -4.89 -6.74 -43.60
CA GLU D 649 -6.00 -5.81 -43.44
C GLU D 649 -6.41 -5.71 -41.97
N LEU D 650 -6.54 -6.86 -41.30
CA LEU D 650 -6.95 -6.86 -39.90
C LEU D 650 -5.94 -6.13 -39.03
N PHE D 651 -4.66 -6.38 -39.25
CA PHE D 651 -3.62 -5.71 -38.46
C PHE D 651 -3.64 -4.20 -38.71
N SER D 652 -3.85 -3.79 -39.96
CA SER D 652 -3.89 -2.36 -40.27
C SER D 652 -5.07 -1.68 -39.59
N ILE D 653 -6.26 -2.30 -39.63
CA ILE D 653 -7.42 -1.65 -39.01
C ILE D 653 -7.30 -1.66 -37.49
N LEU D 654 -6.65 -2.68 -36.91
CA LEU D 654 -6.60 -2.72 -35.45
C LEU D 654 -5.47 -1.85 -34.88
N MET D 655 -4.27 -1.92 -35.45
CA MET D 655 -3.12 -1.22 -34.91
C MET D 655 -2.72 0.01 -35.71
N GLY D 656 -3.37 0.28 -36.85
CA GLY D 656 -3.01 1.44 -37.64
C GLY D 656 -3.45 2.75 -37.01
N GLU D 657 -3.65 3.77 -37.84
CA GLU D 657 -4.08 5.08 -37.37
C GLU D 657 -5.48 5.45 -37.85
N ASP D 658 -6.26 4.48 -38.33
CA ASP D 658 -7.60 4.73 -38.84
C ASP D 658 -8.58 4.46 -37.71
N VAL D 659 -8.95 5.53 -36.99
CA VAL D 659 -9.72 5.37 -35.75
C VAL D 659 -11.15 4.93 -36.04
N ASP D 660 -11.78 5.50 -37.07
CA ASP D 660 -13.19 5.18 -37.32
C ASP D 660 -13.35 3.76 -37.85
N ALA D 661 -12.36 3.24 -38.58
CA ALA D 661 -12.42 1.86 -39.04
C ALA D 661 -12.43 0.89 -37.87
N ARG D 662 -11.56 1.13 -36.88
CA ARG D 662 -11.57 0.26 -35.70
C ARG D 662 -12.80 0.51 -34.84
N ARG D 663 -13.34 1.73 -34.85
CA ARG D 663 -14.62 1.97 -34.19
C ARG D 663 -15.69 1.06 -34.75
N SER D 664 -15.84 1.06 -36.08
CA SER D 664 -16.82 0.20 -36.72
C SER D 664 -16.54 -1.27 -36.44
N PHE D 665 -15.26 -1.65 -36.46
CA PHE D 665 -14.90 -3.05 -36.22
C PHE D 665 -15.28 -3.49 -34.82
N ILE D 666 -14.97 -2.69 -33.80
CA ILE D 666 -15.27 -3.08 -32.42
C ILE D 666 -16.77 -3.03 -32.16
N THR D 667 -17.49 -2.10 -32.79
CA THR D 667 -18.94 -2.08 -32.64
C THR D 667 -19.58 -3.31 -33.28
N ARG D 668 -19.08 -3.74 -34.44
CA ARG D 668 -19.65 -4.90 -35.10
C ARG D 668 -19.31 -6.19 -34.35
N ASN D 669 -18.07 -6.32 -33.89
CA ASN D 669 -17.58 -7.58 -33.34
C ASN D 669 -17.71 -7.67 -31.82
N ALA D 670 -18.38 -6.72 -31.19
CA ALA D 670 -18.59 -6.79 -29.74
C ALA D 670 -19.66 -7.82 -29.38
#